data_5SVI
# 
_entry.id   5SVI 
# 
_audit_conform.dict_name       mmcif_pdbx.dic 
_audit_conform.dict_version    5.387 
_audit_conform.dict_location   http://mmcif.pdb.org/dictionaries/ascii/mmcif_pdbx.dic 
# 
loop_
_database_2.database_id 
_database_2.database_code 
_database_2.pdbx_database_accession 
_database_2.pdbx_DOI 
PDB   5SVI         pdb_00005svi 10.2210/pdb5svi/pdb 
WWPDB D_1000223213 ?            ?                   
# 
loop_
_pdbx_audit_revision_history.ordinal 
_pdbx_audit_revision_history.data_content_type 
_pdbx_audit_revision_history.major_revision 
_pdbx_audit_revision_history.minor_revision 
_pdbx_audit_revision_history.revision_date 
1 'Structure model' 1 0 2016-12-14 
2 'Structure model' 1 1 2018-03-28 
3 'Structure model' 2 0 2020-02-19 
4 'Structure model' 2 1 2024-03-06 
# 
_pdbx_audit_revision_details.ordinal             1 
_pdbx_audit_revision_details.revision_ordinal    1 
_pdbx_audit_revision_details.data_content_type   'Structure model' 
_pdbx_audit_revision_details.provider            repository 
_pdbx_audit_revision_details.type                'Initial release' 
_pdbx_audit_revision_details.description         ? 
_pdbx_audit_revision_details.details             ? 
# 
loop_
_pdbx_audit_revision_group.ordinal 
_pdbx_audit_revision_group.revision_ordinal 
_pdbx_audit_revision_group.data_content_type 
_pdbx_audit_revision_group.group 
1  2 'Structure model' 'Data collection'         
2  3 'Structure model' Advisory                  
3  3 'Structure model' 'Atomic model'            
4  3 'Structure model' 'Data collection'         
5  3 'Structure model' 'Database references'     
6  3 'Structure model' 'Derived calculations'    
7  3 'Structure model' 'Non-polymer description' 
8  3 'Structure model' 'Polymer sequence'        
9  3 'Structure model' 'Source and taxonomy'     
10 3 'Structure model' 'Structure summary'       
11 4 'Structure model' 'Data collection'         
12 4 'Structure model' 'Database references'     
# 
loop_
_pdbx_audit_revision_category.ordinal 
_pdbx_audit_revision_category.revision_ordinal 
_pdbx_audit_revision_category.data_content_type 
_pdbx_audit_revision_category.category 
1  2 'Structure model' diffrn_detector                 
2  3 'Structure model' atom_site                       
3  3 'Structure model' chem_comp                       
4  3 'Structure model' entity                          
5  3 'Structure model' entity_poly                     
6  3 'Structure model' entity_poly_seq                 
7  3 'Structure model' entity_src_gen                  
8  3 'Structure model' pdbx_entity_nonpoly             
9  3 'Structure model' pdbx_entity_src_syn             
10 3 'Structure model' pdbx_nonpoly_scheme             
11 3 'Structure model' pdbx_poly_seq_scheme            
12 3 'Structure model' pdbx_struct_conn_angle          
13 3 'Structure model' pdbx_struct_sheet_hbond         
14 3 'Structure model' pdbx_unobs_or_zero_occ_atoms    
15 3 'Structure model' pdbx_unobs_or_zero_occ_residues 
16 3 'Structure model' struct_asym                     
17 3 'Structure model' struct_conf                     
18 3 'Structure model' struct_conn                     
19 3 'Structure model' struct_mon_prot_cis             
20 3 'Structure model' struct_ref                      
21 3 'Structure model' struct_ref_seq                  
22 3 'Structure model' struct_ref_seq_dif              
23 3 'Structure model' struct_sheet_range              
24 3 'Structure model' struct_site_gen                 
25 4 'Structure model' chem_comp_atom                  
26 4 'Structure model' chem_comp_bond                  
27 4 'Structure model' database_2                      
# 
loop_
_pdbx_audit_revision_item.ordinal 
_pdbx_audit_revision_item.revision_ordinal 
_pdbx_audit_revision_item.data_content_type 
_pdbx_audit_revision_item.item 
1  2 'Structure model' '_diffrn_detector.detector'                     
2  2 'Structure model' '_diffrn_detector.type'                         
3  3 'Structure model' '_atom_site.label_entity_id'                    
4  3 'Structure model' '_atom_site.label_seq_id'                       
5  3 'Structure model' '_chem_comp.formula'                            
6  3 'Structure model' '_chem_comp.formula_weight'                     
7  3 'Structure model' '_chem_comp.id'                                 
8  3 'Structure model' '_chem_comp.mon_nstd_flag'                      
9  3 'Structure model' '_chem_comp.name'                               
10 3 'Structure model' '_chem_comp.type'                               
11 3 'Structure model' '_pdbx_entity_nonpoly.entity_id'                
12 3 'Structure model' '_pdbx_entity_src_syn.entity_id'                
13 3 'Structure model' '_pdbx_nonpoly_scheme.entity_id'                
14 3 'Structure model' '_pdbx_struct_conn_angle.ptnr1_label_seq_id'    
15 3 'Structure model' '_pdbx_struct_conn_angle.ptnr3_label_seq_id'    
16 3 'Structure model' '_pdbx_struct_sheet_hbond.range_1_label_seq_id' 
17 3 'Structure model' '_pdbx_struct_sheet_hbond.range_2_label_seq_id' 
18 3 'Structure model' '_pdbx_unobs_or_zero_occ_atoms.label_seq_id'    
19 3 'Structure model' '_struct_asym.entity_id'                        
20 3 'Structure model' '_struct_conf.beg_label_seq_id'                 
21 3 'Structure model' '_struct_conf.end_label_seq_id'                 
22 3 'Structure model' '_struct_conn.ptnr1_label_seq_id'               
23 3 'Structure model' '_struct_mon_prot_cis.label_seq_id'             
24 3 'Structure model' '_struct_mon_prot_cis.pdbx_label_seq_id_2'      
25 3 'Structure model' '_struct_ref_seq.db_align_beg'                  
26 3 'Structure model' '_struct_ref_seq.db_align_end'                  
27 3 'Structure model' '_struct_ref_seq.pdbx_auth_seq_align_beg'       
28 3 'Structure model' '_struct_ref_seq.pdbx_auth_seq_align_end'       
29 3 'Structure model' '_struct_ref_seq.pdbx_db_accession'             
30 3 'Structure model' '_struct_ref_seq.ref_id'                        
31 3 'Structure model' '_struct_ref_seq.seq_align_beg'                 
32 3 'Structure model' '_struct_ref_seq.seq_align_end'                 
33 3 'Structure model' '_struct_sheet_range.beg_label_seq_id'          
34 3 'Structure model' '_struct_sheet_range.end_label_seq_id'          
35 3 'Structure model' '_struct_site_gen.label_seq_id'                 
36 4 'Structure model' '_database_2.pdbx_DOI'                          
37 4 'Structure model' '_database_2.pdbx_database_accession'           
# 
_pdbx_database_status.status_code                     REL 
_pdbx_database_status.status_code_sf                  REL 
_pdbx_database_status.status_code_mr                  ? 
_pdbx_database_status.entry_id                        5SVI 
_pdbx_database_status.recvd_initial_deposition_date   2016-08-06 
_pdbx_database_status.SG_entry                        N 
_pdbx_database_status.deposit_site                    RCSB 
_pdbx_database_status.process_site                    RCSB 
_pdbx_database_status.status_code_cs                  ? 
_pdbx_database_status.methods_development_category    ? 
_pdbx_database_status.pdb_format_compatible           Y 
_pdbx_database_status.status_code_nmr_data            ? 
# 
loop_
_pdbx_database_related.db_name 
_pdbx_database_related.details 
_pdbx_database_related.db_id 
_pdbx_database_related.content_type 
PDB . 5SVX unspecified 
PDB . 5SVY unspecified 
# 
loop_
_audit_author.name 
_audit_author.pdbx_ordinal 
'Tong, Q.'          1 
'Andrews, F.H.'     2 
'Kutateladze, T.G.' 3 
# 
_citation.abstract                  ? 
_citation.abstract_id_CAS           ? 
_citation.book_id_ISBN              ? 
_citation.book_publisher            ? 
_citation.book_publisher_city       ? 
_citation.book_title                ? 
_citation.coordinate_linkage        ? 
_citation.country                   US 
_citation.database_id_Medline       ? 
_citation.details                   ? 
_citation.id                        primary 
_citation.journal_abbrev            'Cell Rep' 
_citation.journal_id_ASTM           ? 
_citation.journal_id_CSD            ? 
_citation.journal_id_ISSN           2211-1247 
_citation.journal_full              ? 
_citation.journal_issue             ? 
_citation.journal_volume            16 
_citation.language                  ? 
_citation.page_first                3195 
_citation.page_last                 3207 
_citation.title                     'Multivalent Chromatin Engagement and Inter-domain Crosstalk Regulate MORC3 ATPase.' 
_citation.year                      2016 
_citation.database_id_CSD           ? 
_citation.pdbx_database_id_DOI      10.1016/j.celrep.2016.08.050 
_citation.pdbx_database_id_PubMed   27653685 
_citation.unpublished_flag          ? 
# 
loop_
_citation_author.citation_id 
_citation_author.name 
_citation_author.ordinal 
_citation_author.identifier_ORCID 
primary 'Andrews, F.H.'     1  ? 
primary 'Tong, Q.'          2  ? 
primary 'Sullivan, K.D.'    3  ? 
primary 'Cornett, E.M.'     4  ? 
primary 'Zhang, Y.'         5  ? 
primary 'Ali, M.'           6  ? 
primary 'Ahn, J.'           7  ? 
primary 'Pandey, A.'        8  ? 
primary 'Guo, A.H.'         9  ? 
primary 'Strahl, B.D.'      10 ? 
primary 'Costello, J.C.'    11 ? 
primary 'Espinosa, J.M.'    12 ? 
primary 'Rothbart, S.B.'    13 ? 
primary 'Kutateladze, T.G.' 14 ? 
# 
loop_
_entity.id 
_entity.type 
_entity.src_method 
_entity.pdbx_description 
_entity.formula_weight 
_entity.pdbx_number_of_molecules 
_entity.pdbx_ec 
_entity.pdbx_mutation 
_entity.pdbx_fragment 
_entity.details 
1 polymer     man 'MORC family CW-type zinc finger protein 3' 6171.794 2   ? ? ? ? 
2 polymer     syn ALA-ARG-THR-LYS-GLN-THR-ALA-ARG             934.075  2   ? ? ? ? 
3 non-polymer syn 'ZINC ION'                                  65.409   2   ? ? ? ? 
4 water       nat water                                       18.015   151 ? ? ? ? 
# 
_entity_name_com.entity_id   1 
_entity_name_com.name        'Nuclear matrix protein 2,Zinc finger CW-type coiled-coil domain protein 3' 
# 
loop_
_entity_poly.entity_id 
_entity_poly.type 
_entity_poly.nstd_linkage 
_entity_poly.nstd_monomer 
_entity_poly.pdbx_seq_one_letter_code 
_entity_poly.pdbx_seq_one_letter_code_can 
_entity_poly.pdbx_strand_id 
_entity_poly.pdbx_target_identifier 
1 'polypeptide(L)' no no GPLGSDQTWVQCDACLKWRKLPDGMDQLPEKWYCSNNPDPQFRNCEVPEEPED 
GPLGSDQTWVQCDACLKWRKLPDGMDQLPEKWYCSNNPDPQFRNCEVPEEPED A,B ? 
2 'polypeptide(L)' no no ARTKQTAR                                              ARTKQTAR C,D ? 
# 
loop_
_pdbx_entity_nonpoly.entity_id 
_pdbx_entity_nonpoly.name 
_pdbx_entity_nonpoly.comp_id 
3 'ZINC ION' ZN  
4 water      HOH 
# 
loop_
_entity_poly_seq.entity_id 
_entity_poly_seq.num 
_entity_poly_seq.mon_id 
_entity_poly_seq.hetero 
1 1  GLY n 
1 2  PRO n 
1 3  LEU n 
1 4  GLY n 
1 5  SER n 
1 6  ASP n 
1 7  GLN n 
1 8  THR n 
1 9  TRP n 
1 10 VAL n 
1 11 GLN n 
1 12 CYS n 
1 13 ASP n 
1 14 ALA n 
1 15 CYS n 
1 16 LEU n 
1 17 LYS n 
1 18 TRP n 
1 19 ARG n 
1 20 LYS n 
1 21 LEU n 
1 22 PRO n 
1 23 ASP n 
1 24 GLY n 
1 25 MET n 
1 26 ASP n 
1 27 GLN n 
1 28 LEU n 
1 29 PRO n 
1 30 GLU n 
1 31 LYS n 
1 32 TRP n 
1 33 TYR n 
1 34 CYS n 
1 35 SER n 
1 36 ASN n 
1 37 ASN n 
1 38 PRO n 
1 39 ASP n 
1 40 PRO n 
1 41 GLN n 
1 42 PHE n 
1 43 ARG n 
1 44 ASN n 
1 45 CYS n 
1 46 GLU n 
1 47 VAL n 
1 48 PRO n 
1 49 GLU n 
1 50 GLU n 
1 51 PRO n 
1 52 GLU n 
1 53 ASP n 
2 1  ALA n 
2 2  ARG n 
2 3  THR n 
2 4  LYS n 
2 5  GLN n 
2 6  THR n 
2 7  ALA n 
2 8  ARG n 
# 
_entity_src_gen.entity_id                          1 
_entity_src_gen.pdbx_src_id                        1 
_entity_src_gen.pdbx_alt_source_flag               sample 
_entity_src_gen.pdbx_seq_type                      'Biological sequence' 
_entity_src_gen.pdbx_beg_seq_num                   1 
_entity_src_gen.pdbx_end_seq_num                   53 
_entity_src_gen.gene_src_common_name               Human 
_entity_src_gen.gene_src_genus                     ? 
_entity_src_gen.pdbx_gene_src_gene                 'MORC3, KIAA0136, NXP2, ZCWCC3' 
_entity_src_gen.gene_src_species                   ? 
_entity_src_gen.gene_src_strain                    ? 
_entity_src_gen.gene_src_tissue                    ? 
_entity_src_gen.gene_src_tissue_fraction           ? 
_entity_src_gen.gene_src_details                   ? 
_entity_src_gen.pdbx_gene_src_fragment             ? 
_entity_src_gen.pdbx_gene_src_scientific_name      'Homo sapiens' 
_entity_src_gen.pdbx_gene_src_ncbi_taxonomy_id     9606 
_entity_src_gen.pdbx_gene_src_variant              ? 
_entity_src_gen.pdbx_gene_src_cell_line            ? 
_entity_src_gen.pdbx_gene_src_atcc                 ? 
_entity_src_gen.pdbx_gene_src_organ                ? 
_entity_src_gen.pdbx_gene_src_organelle            ? 
_entity_src_gen.pdbx_gene_src_cell                 ? 
_entity_src_gen.pdbx_gene_src_cellular_location    ? 
_entity_src_gen.host_org_common_name               ? 
_entity_src_gen.pdbx_host_org_scientific_name      'Escherichia coli' 
_entity_src_gen.pdbx_host_org_ncbi_taxonomy_id     562 
_entity_src_gen.host_org_genus                     ? 
_entity_src_gen.pdbx_host_org_gene                 ? 
_entity_src_gen.pdbx_host_org_organ                ? 
_entity_src_gen.host_org_species                   ? 
_entity_src_gen.pdbx_host_org_tissue               ? 
_entity_src_gen.pdbx_host_org_tissue_fraction      ? 
_entity_src_gen.pdbx_host_org_strain               ? 
_entity_src_gen.pdbx_host_org_variant              ? 
_entity_src_gen.pdbx_host_org_cell_line            ? 
_entity_src_gen.pdbx_host_org_atcc                 ? 
_entity_src_gen.pdbx_host_org_culture_collection   ? 
_entity_src_gen.pdbx_host_org_cell                 ? 
_entity_src_gen.pdbx_host_org_organelle            ? 
_entity_src_gen.pdbx_host_org_cellular_location    ? 
_entity_src_gen.pdbx_host_org_vector_type          ? 
_entity_src_gen.pdbx_host_org_vector               ? 
_entity_src_gen.host_org_details                   ? 
_entity_src_gen.expression_system_id               ? 
_entity_src_gen.plasmid_name                       ? 
_entity_src_gen.plasmid_details                    ? 
_entity_src_gen.pdbx_description                   ? 
# 
_pdbx_entity_src_syn.entity_id              2 
_pdbx_entity_src_syn.pdbx_src_id            1 
_pdbx_entity_src_syn.pdbx_alt_source_flag   sample 
_pdbx_entity_src_syn.pdbx_beg_seq_num       1 
_pdbx_entity_src_syn.pdbx_end_seq_num       8 
_pdbx_entity_src_syn.organism_scientific    'Homo sapiens' 
_pdbx_entity_src_syn.organism_common_name   ? 
_pdbx_entity_src_syn.ncbi_taxonomy_id       9606 
_pdbx_entity_src_syn.details                ? 
# 
loop_
_chem_comp.id 
_chem_comp.type 
_chem_comp.mon_nstd_flag 
_chem_comp.name 
_chem_comp.pdbx_synonyms 
_chem_comp.formula 
_chem_comp.formula_weight 
ALA 'L-peptide linking' y ALANINE         ? 'C3 H7 N O2'     89.093  
ARG 'L-peptide linking' y ARGININE        ? 'C6 H15 N4 O2 1' 175.209 
ASN 'L-peptide linking' y ASPARAGINE      ? 'C4 H8 N2 O3'    132.118 
ASP 'L-peptide linking' y 'ASPARTIC ACID' ? 'C4 H7 N O4'     133.103 
CYS 'L-peptide linking' y CYSTEINE        ? 'C3 H7 N O2 S'   121.158 
GLN 'L-peptide linking' y GLUTAMINE       ? 'C5 H10 N2 O3'   146.144 
GLU 'L-peptide linking' y 'GLUTAMIC ACID' ? 'C5 H9 N O4'     147.129 
GLY 'peptide linking'   y GLYCINE         ? 'C2 H5 N O2'     75.067  
HOH non-polymer         . WATER           ? 'H2 O'           18.015  
LEU 'L-peptide linking' y LEUCINE         ? 'C6 H13 N O2'    131.173 
LYS 'L-peptide linking' y LYSINE          ? 'C6 H15 N2 O2 1' 147.195 
MET 'L-peptide linking' y METHIONINE      ? 'C5 H11 N O2 S'  149.211 
PHE 'L-peptide linking' y PHENYLALANINE   ? 'C9 H11 N O2'    165.189 
PRO 'L-peptide linking' y PROLINE         ? 'C5 H9 N O2'     115.130 
SER 'L-peptide linking' y SERINE          ? 'C3 H7 N O3'     105.093 
THR 'L-peptide linking' y THREONINE       ? 'C4 H9 N O3'     119.119 
TRP 'L-peptide linking' y TRYPTOPHAN      ? 'C11 H12 N2 O2'  204.225 
TYR 'L-peptide linking' y TYROSINE        ? 'C9 H11 N O3'    181.189 
VAL 'L-peptide linking' y VALINE          ? 'C5 H11 N O2'    117.146 
ZN  non-polymer         . 'ZINC ION'      ? 'Zn 2'           65.409  
# 
loop_
_pdbx_poly_seq_scheme.asym_id 
_pdbx_poly_seq_scheme.entity_id 
_pdbx_poly_seq_scheme.seq_id 
_pdbx_poly_seq_scheme.mon_id 
_pdbx_poly_seq_scheme.ndb_seq_num 
_pdbx_poly_seq_scheme.pdb_seq_num 
_pdbx_poly_seq_scheme.auth_seq_num 
_pdbx_poly_seq_scheme.pdb_mon_id 
_pdbx_poly_seq_scheme.auth_mon_id 
_pdbx_poly_seq_scheme.pdb_strand_id 
_pdbx_poly_seq_scheme.pdb_ins_code 
_pdbx_poly_seq_scheme.hetero 
A 1 1  GLY 1  -4  ?   ?   ?   A . n 
A 1 2  PRO 2  -3  ?   ?   ?   A . n 
A 1 3  LEU 3  -2  ?   ?   ?   A . n 
A 1 4  GLY 4  -1  ?   ?   ?   A . n 
A 1 5  SER 5  0   0   SER GLY A . n 
A 1 6  ASP 6  407 407 ASP ASP A . n 
A 1 7  GLN 7  408 408 GLN GLN A . n 
A 1 8  THR 8  409 409 THR THR A . n 
A 1 9  TRP 9  410 410 TRP TRP A . n 
A 1 10 VAL 10 411 411 VAL VAL A . n 
A 1 11 GLN 11 412 412 GLN GLN A . n 
A 1 12 CYS 12 413 413 CYS CYS A . n 
A 1 13 ASP 13 414 414 ASP ASP A . n 
A 1 14 ALA 14 415 415 ALA ALA A . n 
A 1 15 CYS 15 416 416 CYS CYS A . n 
A 1 16 LEU 16 417 417 LEU LEU A . n 
A 1 17 LYS 17 418 418 LYS LYS A . n 
A 1 18 TRP 18 419 419 TRP TRP A . n 
A 1 19 ARG 19 420 420 ARG ARG A . n 
A 1 20 LYS 20 421 421 LYS LYS A . n 
A 1 21 LEU 21 422 422 LEU LEU A . n 
A 1 22 PRO 22 423 423 PRO PRO A . n 
A 1 23 ASP 23 424 424 ASP ASP A . n 
A 1 24 GLY 24 425 425 GLY GLY A . n 
A 1 25 MET 25 426 426 MET MET A . n 
A 1 26 ASP 26 427 ?   ?   ?   A . n 
A 1 27 GLN 27 428 ?   ?   ?   A . n 
A 1 28 LEU 28 429 429 LEU LEU A . n 
A 1 29 PRO 29 430 430 PRO PRO A . n 
A 1 30 GLU 30 431 431 GLU GLU A . n 
A 1 31 LYS 31 432 432 LYS LYS A . n 
A 1 32 TRP 32 433 433 TRP TRP A . n 
A 1 33 TYR 33 434 434 TYR TYR A . n 
A 1 34 CYS 34 435 435 CYS CYS A . n 
A 1 35 SER 35 436 436 SER SER A . n 
A 1 36 ASN 36 437 437 ASN ASN A . n 
A 1 37 ASN 37 438 438 ASN ASN A . n 
A 1 38 PRO 38 439 439 PRO PRO A . n 
A 1 39 ASP 39 440 440 ASP ASP A . n 
A 1 40 PRO 40 441 441 PRO PRO A . n 
A 1 41 GLN 41 442 442 GLN GLN A . n 
A 1 42 PHE 42 443 443 PHE PHE A . n 
A 1 43 ARG 43 444 444 ARG ARG A . n 
A 1 44 ASN 44 445 445 ASN ASN A . n 
A 1 45 CYS 45 446 446 CYS CYS A . n 
A 1 46 GLU 46 447 447 GLU GLU A . n 
A 1 47 VAL 47 448 448 VAL VAL A . n 
A 1 48 PRO 48 449 449 PRO PRO A . n 
A 1 49 GLU 49 450 450 GLU GLU A . n 
A 1 50 GLU 50 451 451 GLU GLU A . n 
A 1 51 PRO 51 452 452 PRO PRO A . n 
A 1 52 GLU 52 453 453 GLU GLU A . n 
A 1 53 ASP 53 454 ?   ?   ?   A . n 
B 1 1  GLY 1  -4  -4  GLY GLY B . n 
B 1 2  PRO 2  -3  -3  PRO PRO B . n 
B 1 3  LEU 3  -2  -2  LEU LEU B . n 
B 1 4  GLY 4  -1  -1  GLY GLY B . n 
B 1 5  SER 5  0   0   SER SER B . n 
B 1 6  ASP 6  1   1   ASP ASP B . n 
B 1 7  GLN 7  2   2   GLN GLN B . n 
B 1 8  THR 8  3   3   THR THR B . n 
B 1 9  TRP 9  4   4   TRP TRP B . n 
B 1 10 VAL 10 5   5   VAL VAL B . n 
B 1 11 GLN 11 6   6   GLN GLN B . n 
B 1 12 CYS 12 7   7   CYS CYS B . n 
B 1 13 ASP 13 8   8   ASP ASP B . n 
B 1 14 ALA 14 9   9   ALA ALA B . n 
B 1 15 CYS 15 10  10  CYS CYS B . n 
B 1 16 LEU 16 11  11  LEU LEU B . n 
B 1 17 LYS 17 12  12  LYS LYS B . n 
B 1 18 TRP 18 13  13  TRP TRP B . n 
B 1 19 ARG 19 14  14  ARG ARG B . n 
B 1 20 LYS 20 15  15  LYS LYS B . n 
B 1 21 LEU 21 16  16  LEU LEU B . n 
B 1 22 PRO 22 17  17  PRO PRO B . n 
B 1 23 ASP 23 18  18  ASP ASP B . n 
B 1 24 GLY 24 19  19  GLY GLY B . n 
B 1 25 MET 25 20  20  MET MET B . n 
B 1 26 ASP 26 21  21  ASP ASP B . n 
B 1 27 GLN 27 22  22  GLN GLN B . n 
B 1 28 LEU 28 23  23  LEU LEU B . n 
B 1 29 PRO 29 24  24  PRO PRO B . n 
B 1 30 GLU 30 25  25  GLU GLU B . n 
B 1 31 LYS 31 26  26  LYS LYS B . n 
B 1 32 TRP 32 27  27  TRP TRP B . n 
B 1 33 TYR 33 28  28  TYR TYR B . n 
B 1 34 CYS 34 29  29  CYS CYS B . n 
B 1 35 SER 35 30  30  SER SER B . n 
B 1 36 ASN 36 31  31  ASN ASN B . n 
B 1 37 ASN 37 32  32  ASN ASN B . n 
B 1 38 PRO 38 33  33  PRO PRO B . n 
B 1 39 ASP 39 34  34  ASP ASP B . n 
B 1 40 PRO 40 35  35  PRO PRO B . n 
B 1 41 GLN 41 36  36  GLN GLN B . n 
B 1 42 PHE 42 37  37  PHE PHE B . n 
B 1 43 ARG 43 38  38  ARG ARG B . n 
B 1 44 ASN 44 39  39  ASN ASN B . n 
B 1 45 CYS 45 40  40  CYS CYS B . n 
B 1 46 GLU 46 41  41  GLU GLU B . n 
B 1 47 VAL 47 42  42  VAL VAL B . n 
B 1 48 PRO 48 43  43  PRO PRO B . n 
B 1 49 GLU 49 44  44  GLU GLU B . n 
B 1 50 GLU 50 45  45  GLU GLU B . n 
B 1 51 PRO 51 46  46  PRO PRO B . n 
B 1 52 GLU 52 47  47  GLU GLU B . n 
B 1 53 ASP 53 48  48  ASP ASP B . n 
C 2 1  ALA 1  92  92  ALA ALA C . n 
C 2 2  ARG 2  93  93  ARG ARG C . n 
C 2 3  THR 3  94  94  THR THR C . n 
C 2 4  LYS 4  95  95  LYS LYS C . n 
C 2 5  GLN 5  96  96  GLN GLN C . n 
C 2 6  THR 6  97  97  THR THR C . n 
C 2 7  ALA 7  98  98  ALA ALA C . n 
C 2 8  ARG 8  99  99  ARG ARG C . n 
D 2 1  ALA 1  92  92  ALA ALA D . n 
D 2 2  ARG 2  93  93  ARG ARG D . n 
D 2 3  THR 3  94  94  THR THR D . n 
D 2 4  LYS 4  95  95  LYS LYS D . n 
D 2 5  GLN 5  96  96  GLN GLN D . n 
D 2 6  THR 6  97  97  THR THR D . n 
D 2 7  ALA 7  98  98  ALA ALA D . n 
D 2 8  ARG 8  99  99  ARG ARG D . n 
# 
loop_
_pdbx_nonpoly_scheme.asym_id 
_pdbx_nonpoly_scheme.entity_id 
_pdbx_nonpoly_scheme.mon_id 
_pdbx_nonpoly_scheme.ndb_seq_num 
_pdbx_nonpoly_scheme.pdb_seq_num 
_pdbx_nonpoly_scheme.auth_seq_num 
_pdbx_nonpoly_scheme.pdb_mon_id 
_pdbx_nonpoly_scheme.auth_mon_id 
_pdbx_nonpoly_scheme.pdb_strand_id 
_pdbx_nonpoly_scheme.pdb_ins_code 
E 3 ZN  1  501 100 ZN  ZN  A . 
F 3 ZN  1  100 100 ZN  ZN  B . 
G 4 HOH 1  601 146 HOH HOH A . 
G 4 HOH 2  602 51  HOH HOH A . 
G 4 HOH 3  603 132 HOH HOH A . 
G 4 HOH 4  604 78  HOH HOH A . 
G 4 HOH 5  605 40  HOH HOH A . 
G 4 HOH 6  606 119 HOH HOH A . 
G 4 HOH 7  607 97  HOH HOH A . 
G 4 HOH 8  608 12  HOH HOH A . 
G 4 HOH 9  609 3   HOH HOH A . 
G 4 HOH 10 610 20  HOH HOH A . 
G 4 HOH 11 611 24  HOH HOH A . 
G 4 HOH 12 612 21  HOH HOH A . 
G 4 HOH 13 613 11  HOH HOH A . 
G 4 HOH 14 614 16  HOH HOH A . 
G 4 HOH 15 615 62  HOH HOH A . 
G 4 HOH 16 616 50  HOH HOH A . 
G 4 HOH 17 617 39  HOH HOH A . 
G 4 HOH 18 618 43  HOH HOH A . 
G 4 HOH 19 619 2   HOH HOH A . 
G 4 HOH 20 620 4   HOH HOH A . 
G 4 HOH 21 621 75  HOH HOH A . 
G 4 HOH 22 622 47  HOH HOH A . 
G 4 HOH 23 623 115 HOH HOH A . 
G 4 HOH 24 624 61  HOH HOH A . 
G 4 HOH 25 625 44  HOH HOH A . 
G 4 HOH 26 626 147 HOH HOH A . 
G 4 HOH 27 627 134 HOH HOH A . 
G 4 HOH 28 628 133 HOH HOH A . 
G 4 HOH 29 629 29  HOH HOH A . 
G 4 HOH 30 630 25  HOH HOH A . 
G 4 HOH 31 631 35  HOH HOH A . 
G 4 HOH 32 632 10  HOH HOH A . 
G 4 HOH 33 633 56  HOH HOH A . 
G 4 HOH 34 634 100 HOH HOH A . 
G 4 HOH 35 635 59  HOH HOH A . 
G 4 HOH 36 636 23  HOH HOH A . 
G 4 HOH 37 637 36  HOH HOH A . 
G 4 HOH 38 638 84  HOH HOH A . 
G 4 HOH 39 639 66  HOH HOH A . 
G 4 HOH 40 640 72  HOH HOH A . 
G 4 HOH 41 641 83  HOH HOH A . 
G 4 HOH 42 642 37  HOH HOH A . 
G 4 HOH 43 643 126 HOH HOH A . 
G 4 HOH 44 644 89  HOH HOH A . 
G 4 HOH 45 645 110 HOH HOH A . 
G 4 HOH 46 646 102 HOH HOH A . 
G 4 HOH 47 647 120 HOH HOH A . 
G 4 HOH 48 648 117 HOH HOH A . 
G 4 HOH 49 649 70  HOH HOH A . 
G 4 HOH 50 650 92  HOH HOH A . 
G 4 HOH 51 651 122 HOH HOH A . 
G 4 HOH 52 652 114 HOH HOH A . 
G 4 HOH 53 653 135 HOH HOH A . 
G 4 HOH 54 654 45  HOH HOH A . 
G 4 HOH 55 655 148 HOH HOH A . 
G 4 HOH 56 656 112 HOH HOH A . 
G 4 HOH 57 657 94  HOH HOH A . 
H 4 HOH 1  201 131 HOH HOH B . 
H 4 HOH 2  202 68  HOH HOH B . 
H 4 HOH 3  203 105 HOH HOH B . 
H 4 HOH 4  204 42  HOH HOH B . 
H 4 HOH 5  205 121 HOH HOH B . 
H 4 HOH 6  206 145 HOH HOH B . 
H 4 HOH 7  207 7   HOH HOH B . 
H 4 HOH 8  208 87  HOH HOH B . 
H 4 HOH 9  209 142 HOH HOH B . 
H 4 HOH 10 210 90  HOH HOH B . 
H 4 HOH 11 211 17  HOH HOH B . 
H 4 HOH 12 212 141 HOH HOH B . 
H 4 HOH 13 213 8   HOH HOH B . 
H 4 HOH 14 214 88  HOH HOH B . 
H 4 HOH 15 215 140 HOH HOH B . 
H 4 HOH 16 216 74  HOH HOH B . 
H 4 HOH 17 217 129 HOH HOH B . 
H 4 HOH 18 218 22  HOH HOH B . 
H 4 HOH 19 219 38  HOH HOH B . 
H 4 HOH 20 220 33  HOH HOH B . 
H 4 HOH 21 221 5   HOH HOH B . 
H 4 HOH 22 222 34  HOH HOH B . 
H 4 HOH 23 223 60  HOH HOH B . 
H 4 HOH 24 224 18  HOH HOH B . 
H 4 HOH 25 225 14  HOH HOH B . 
H 4 HOH 26 226 82  HOH HOH B . 
H 4 HOH 27 227 64  HOH HOH B . 
H 4 HOH 28 228 52  HOH HOH B . 
H 4 HOH 29 229 6   HOH HOH B . 
H 4 HOH 30 230 9   HOH HOH B . 
H 4 HOH 31 231 19  HOH HOH B . 
H 4 HOH 32 232 48  HOH HOH B . 
H 4 HOH 33 233 1   HOH HOH B . 
H 4 HOH 34 234 15  HOH HOH B . 
H 4 HOH 35 235 106 HOH HOH B . 
H 4 HOH 36 236 30  HOH HOH B . 
H 4 HOH 37 237 150 HOH HOH B . 
H 4 HOH 38 238 65  HOH HOH B . 
H 4 HOH 39 239 99  HOH HOH B . 
H 4 HOH 40 240 103 HOH HOH B . 
H 4 HOH 41 241 32  HOH HOH B . 
H 4 HOH 42 242 130 HOH HOH B . 
H 4 HOH 43 243 26  HOH HOH B . 
H 4 HOH 44 244 58  HOH HOH B . 
H 4 HOH 45 245 95  HOH HOH B . 
H 4 HOH 46 246 69  HOH HOH B . 
H 4 HOH 47 247 63  HOH HOH B . 
H 4 HOH 48 248 125 HOH HOH B . 
H 4 HOH 49 249 81  HOH HOH B . 
H 4 HOH 50 250 151 HOH HOH B . 
H 4 HOH 51 251 53  HOH HOH B . 
H 4 HOH 52 252 46  HOH HOH B . 
H 4 HOH 53 253 31  HOH HOH B . 
H 4 HOH 54 254 98  HOH HOH B . 
H 4 HOH 55 255 96  HOH HOH B . 
H 4 HOH 56 256 55  HOH HOH B . 
H 4 HOH 57 257 77  HOH HOH B . 
H 4 HOH 58 258 116 HOH HOH B . 
H 4 HOH 59 259 118 HOH HOH B . 
H 4 HOH 60 260 107 HOH HOH B . 
H 4 HOH 61 261 28  HOH HOH B . 
H 4 HOH 62 262 143 HOH HOH B . 
H 4 HOH 63 263 80  HOH HOH B . 
H 4 HOH 64 264 137 HOH HOH B . 
H 4 HOH 65 265 41  HOH HOH B . 
H 4 HOH 66 266 113 HOH HOH B . 
H 4 HOH 67 267 138 HOH HOH B . 
I 4 HOH 1  101 101 HOH HOH C . 
I 4 HOH 2  102 85  HOH HOH C . 
I 4 HOH 3  103 27  HOH HOH C . 
I 4 HOH 4  104 73  HOH HOH C . 
I 4 HOH 5  105 109 HOH HOH C . 
I 4 HOH 6  106 54  HOH HOH C . 
I 4 HOH 7  107 76  HOH HOH C . 
I 4 HOH 8  108 128 HOH HOH C . 
I 4 HOH 9  109 79  HOH HOH C . 
I 4 HOH 10 110 93  HOH HOH C . 
I 4 HOH 11 111 124 HOH HOH C . 
I 4 HOH 12 112 108 HOH HOH C . 
I 4 HOH 13 113 57  HOH HOH C . 
I 4 HOH 14 114 111 HOH HOH C . 
I 4 HOH 15 115 136 HOH HOH C . 
J 4 HOH 1  101 91  HOH HOH D . 
J 4 HOH 2  102 149 HOH HOH D . 
J 4 HOH 3  103 67  HOH HOH D . 
J 4 HOH 4  104 86  HOH HOH D . 
J 4 HOH 5  105 127 HOH HOH D . 
J 4 HOH 6  106 13  HOH HOH D . 
J 4 HOH 7  107 123 HOH HOH D . 
J 4 HOH 8  108 71  HOH HOH D . 
J 4 HOH 9  109 139 HOH HOH D . 
J 4 HOH 10 110 104 HOH HOH D . 
J 4 HOH 11 111 49  HOH HOH D . 
J 4 HOH 12 112 144 HOH HOH D . 
# 
loop_
_pdbx_unobs_or_zero_occ_atoms.id 
_pdbx_unobs_or_zero_occ_atoms.PDB_model_num 
_pdbx_unobs_or_zero_occ_atoms.polymer_flag 
_pdbx_unobs_or_zero_occ_atoms.occupancy_flag 
_pdbx_unobs_or_zero_occ_atoms.auth_asym_id 
_pdbx_unobs_or_zero_occ_atoms.auth_comp_id 
_pdbx_unobs_or_zero_occ_atoms.auth_seq_id 
_pdbx_unobs_or_zero_occ_atoms.PDB_ins_code 
_pdbx_unobs_or_zero_occ_atoms.auth_atom_id 
_pdbx_unobs_or_zero_occ_atoms.label_alt_id 
_pdbx_unobs_or_zero_occ_atoms.label_asym_id 
_pdbx_unobs_or_zero_occ_atoms.label_comp_id 
_pdbx_unobs_or_zero_occ_atoms.label_seq_id 
_pdbx_unobs_or_zero_occ_atoms.label_atom_id 
1 1 Y 1 A SER 0  ? CB ? A SER 5 CB 
2 1 Y 1 A SER 0  ? OG ? A SER 5 OG 
3 1 Y 1 B GLY -4 ? N  ? B GLY 1 N  
# 
loop_
_software.citation_id 
_software.classification 
_software.compiler_name 
_software.compiler_version 
_software.contact_author 
_software.contact_author_email 
_software.date 
_software.description 
_software.dependencies 
_software.hardware 
_software.language 
_software.location 
_software.mods 
_software.name 
_software.os 
_software.os_version 
_software.type 
_software.version 
_software.pdbx_ordinal 
? refinement       ? ? ? ? ? ? ? ? ? ? ? PHENIX   ? ? ? 1.8_1069 1 
? 'data reduction' ? ? ? ? ? ? ? ? ? ? ? HKL-2000 ? ? ? .        2 
? 'data scaling'   ? ? ? ? ? ? ? ? ? ? ? HKL-2000 ? ? ? .        3 
? phasing          ? ? ? ? ? ? ? ? ? ? ? PHASER   ? ? ? .        4 
# 
_cell.entry_id           5SVI 
_cell.length_a           26.500 
_cell.length_b           31.060 
_cell.length_c           36.090 
_cell.angle_alpha        107.81 
_cell.angle_beta         93.44 
_cell.angle_gamma        90.21 
_cell.Z_PDB              2 
_cell.pdbx_unique_axis   ? 
# 
_symmetry.entry_id                         5SVI 
_symmetry.space_group_name_H-M             'P 1' 
_symmetry.pdbx_full_space_group_name_H-M   ? 
_symmetry.cell_setting                     ? 
_symmetry.Int_Tables_number                1 
# 
_exptl.absorpt_coefficient_mu     ? 
_exptl.absorpt_correction_T_max   ? 
_exptl.absorpt_correction_T_min   ? 
_exptl.absorpt_correction_type    ? 
_exptl.absorpt_process_details    ? 
_exptl.entry_id                   5SVI 
_exptl.crystals_number            1 
_exptl.details                    ? 
_exptl.method                     'X-RAY DIFFRACTION' 
_exptl.method_details             ? 
# 
_exptl_crystal.colour                      ? 
_exptl_crystal.density_diffrn              ? 
_exptl_crystal.density_Matthews            2.07 
_exptl_crystal.density_method              ? 
_exptl_crystal.density_percent_sol         40.63 
_exptl_crystal.description                 ? 
_exptl_crystal.F_000                       ? 
_exptl_crystal.id                          1 
_exptl_crystal.preparation                 ? 
_exptl_crystal.size_max                    ? 
_exptl_crystal.size_mid                    ? 
_exptl_crystal.size_min                    ? 
_exptl_crystal.size_rad                    ? 
_exptl_crystal.colour_lustre               ? 
_exptl_crystal.colour_modifier             ? 
_exptl_crystal.colour_primary              ? 
_exptl_crystal.density_meas                ? 
_exptl_crystal.density_meas_esd            ? 
_exptl_crystal.density_meas_gt             ? 
_exptl_crystal.density_meas_lt             ? 
_exptl_crystal.density_meas_temp           ? 
_exptl_crystal.density_meas_temp_esd       ? 
_exptl_crystal.density_meas_temp_gt        ? 
_exptl_crystal.density_meas_temp_lt        ? 
_exptl_crystal.pdbx_crystal_image_url      ? 
_exptl_crystal.pdbx_crystal_image_format   ? 
_exptl_crystal.pdbx_mosaicity              ? 
_exptl_crystal.pdbx_mosaicity_esd          ? 
# 
_exptl_crystal_grow.apparatus       ? 
_exptl_crystal_grow.atmosphere      ? 
_exptl_crystal_grow.crystal_id      1 
_exptl_crystal_grow.details         ? 
_exptl_crystal_grow.method          'VAPOR DIFFUSION, HANGING DROP' 
_exptl_crystal_grow.method_ref      ? 
_exptl_crystal_grow.pH              6.5 
_exptl_crystal_grow.pressure        ? 
_exptl_crystal_grow.pressure_esd    ? 
_exptl_crystal_grow.seeding         ? 
_exptl_crystal_grow.seeding_ref     ? 
_exptl_crystal_grow.temp            298 
_exptl_crystal_grow.temp_details    ? 
_exptl_crystal_grow.temp_esd        ? 
_exptl_crystal_grow.time            ? 
_exptl_crystal_grow.pdbx_details    '1.6 M sodium citrate' 
_exptl_crystal_grow.pdbx_pH_range   ? 
# 
_diffrn.ambient_environment    ? 
_diffrn.ambient_temp           100 
_diffrn.ambient_temp_details   ? 
_diffrn.ambient_temp_esd       ? 
_diffrn.crystal_id             1 
_diffrn.crystal_support        ? 
_diffrn.crystal_treatment      ? 
_diffrn.details                ? 
_diffrn.id                     1 
_diffrn.ambient_pressure       ? 
_diffrn.ambient_pressure_esd   ? 
_diffrn.ambient_pressure_gt    ? 
_diffrn.ambient_pressure_lt    ? 
_diffrn.ambient_temp_gt        ? 
_diffrn.ambient_temp_lt        ? 
# 
_diffrn_detector.details                      ? 
_diffrn_detector.detector                     PIXEL 
_diffrn_detector.diffrn_id                    1 
_diffrn_detector.type                         'DECTRIS PILATUS3 R 300K' 
_diffrn_detector.area_resol_mean              ? 
_diffrn_detector.dtime                        ? 
_diffrn_detector.pdbx_frames_total            ? 
_diffrn_detector.pdbx_collection_time_total   ? 
_diffrn_detector.pdbx_collection_date         2014-03-01 
# 
_diffrn_radiation.collimation                      ? 
_diffrn_radiation.diffrn_id                        1 
_diffrn_radiation.filter_edge                      ? 
_diffrn_radiation.inhomogeneity                    ? 
_diffrn_radiation.monochromator                    ? 
_diffrn_radiation.polarisn_norm                    ? 
_diffrn_radiation.polarisn_ratio                   ? 
_diffrn_radiation.probe                            ? 
_diffrn_radiation.type                             ? 
_diffrn_radiation.xray_symbol                      ? 
_diffrn_radiation.wavelength_id                    1 
_diffrn_radiation.pdbx_monochromatic_or_laue_m_l   M 
_diffrn_radiation.pdbx_wavelength_list             ? 
_diffrn_radiation.pdbx_wavelength                  ? 
_diffrn_radiation.pdbx_diffrn_protocol             'SINGLE WAVELENGTH' 
_diffrn_radiation.pdbx_analyzer                    ? 
_diffrn_radiation.pdbx_scattering_type             x-ray 
# 
_diffrn_radiation_wavelength.id           1 
_diffrn_radiation_wavelength.wavelength   1.0 
_diffrn_radiation_wavelength.wt           1.0 
# 
_diffrn_source.current                     ? 
_diffrn_source.details                     ? 
_diffrn_source.diffrn_id                   1 
_diffrn_source.power                       ? 
_diffrn_source.size                        ? 
_diffrn_source.source                      SYNCHROTRON 
_diffrn_source.target                      ? 
_diffrn_source.type                        'ALS BEAMLINE 4.2.2' 
_diffrn_source.voltage                     ? 
_diffrn_source.take-off_angle              ? 
_diffrn_source.pdbx_wavelength_list        1.0 
_diffrn_source.pdbx_wavelength             ? 
_diffrn_source.pdbx_synchrotron_beamline   4.2.2 
_diffrn_source.pdbx_synchrotron_site       ALS 
# 
_reflns.B_iso_Wilson_estimate            ? 
_reflns.entry_id                         5SVI 
_reflns.data_reduction_details           ? 
_reflns.data_reduction_method            ? 
_reflns.d_resolution_high                1.63 
_reflns.d_resolution_low                 34.29 
_reflns.details                          ? 
_reflns.limit_h_max                      ? 
_reflns.limit_h_min                      ? 
_reflns.limit_k_max                      ? 
_reflns.limit_k_min                      ? 
_reflns.limit_l_max                      ? 
_reflns.limit_l_min                      ? 
_reflns.number_all                       ? 
_reflns.number_obs                       12165 
_reflns.observed_criterion               ? 
_reflns.observed_criterion_F_max         ? 
_reflns.observed_criterion_F_min         ? 
_reflns.observed_criterion_I_max         ? 
_reflns.observed_criterion_I_min         ? 
_reflns.observed_criterion_sigma_F       ? 
_reflns.observed_criterion_sigma_I       ? 
_reflns.percent_possible_obs             86 
_reflns.R_free_details                   ? 
_reflns.Rmerge_F_all                     ? 
_reflns.Rmerge_F_obs                     ? 
_reflns.Friedel_coverage                 ? 
_reflns.number_gt                        ? 
_reflns.threshold_expression             ? 
_reflns.pdbx_redundancy                  2 
_reflns.pdbx_Rmerge_I_obs                ? 
_reflns.pdbx_Rmerge_I_all                ? 
_reflns.pdbx_Rsym_value                  ? 
_reflns.pdbx_netI_over_av_sigmaI         ? 
_reflns.pdbx_netI_over_sigmaI            9.2 
_reflns.pdbx_res_netI_over_av_sigmaI_2   ? 
_reflns.pdbx_res_netI_over_sigmaI_2      ? 
_reflns.pdbx_chi_squared                 ? 
_reflns.pdbx_scaling_rejects             ? 
_reflns.pdbx_d_res_high_opt              ? 
_reflns.pdbx_d_res_low_opt               ? 
_reflns.pdbx_d_res_opt_method            ? 
_reflns.phase_calculation_details        ? 
_reflns.pdbx_Rrim_I_all                  ? 
_reflns.pdbx_Rpim_I_all                  ? 
_reflns.pdbx_d_opt                       ? 
_reflns.pdbx_number_measured_all         ? 
_reflns.pdbx_diffrn_id                   1 
_reflns.pdbx_ordinal                     1 
_reflns.pdbx_CC_half                     ? 
_reflns.pdbx_R_split                     ? 
# 
_reflns_shell.d_res_high                  . 
_reflns_shell.d_res_low                   ? 
_reflns_shell.meanI_over_sigI_all         ? 
_reflns_shell.meanI_over_sigI_obs         ? 
_reflns_shell.number_measured_all         ? 
_reflns_shell.number_measured_obs         ? 
_reflns_shell.number_possible             ? 
_reflns_shell.number_unique_all           ? 
_reflns_shell.number_unique_obs           ? 
_reflns_shell.percent_possible_all        ? 
_reflns_shell.percent_possible_obs        ? 
_reflns_shell.Rmerge_F_all                ? 
_reflns_shell.Rmerge_F_obs                ? 
_reflns_shell.Rmerge_I_all                ? 
_reflns_shell.Rmerge_I_obs                ? 
_reflns_shell.meanI_over_sigI_gt          ? 
_reflns_shell.meanI_over_uI_all           ? 
_reflns_shell.meanI_over_uI_gt            ? 
_reflns_shell.number_measured_gt          ? 
_reflns_shell.number_unique_gt            ? 
_reflns_shell.percent_possible_gt         ? 
_reflns_shell.Rmerge_F_gt                 ? 
_reflns_shell.Rmerge_I_gt                 ? 
_reflns_shell.pdbx_redundancy             ? 
_reflns_shell.pdbx_Rsym_value             ? 
_reflns_shell.pdbx_chi_squared            ? 
_reflns_shell.pdbx_netI_over_sigmaI_all   ? 
_reflns_shell.pdbx_netI_over_sigmaI_obs   ? 
_reflns_shell.pdbx_Rrim_I_all             ? 
_reflns_shell.pdbx_Rpim_I_all             ? 
_reflns_shell.pdbx_rejects                ? 
_reflns_shell.pdbx_ordinal                1 
_reflns_shell.pdbx_diffrn_id              1 
_reflns_shell.pdbx_CC_half                ? 
_reflns_shell.pdbx_R_split                ? 
# 
_refine.pdbx_refine_id                           'X-RAY DIFFRACTION' 
_refine.entry_id                                 5SVI 
_refine.pdbx_diffrn_id                           1 
_refine.pdbx_TLS_residual_ADP_flag               ? 
_refine.ls_number_reflns_obs                     12165 
_refine.ls_number_reflns_all                     ? 
_refine.pdbx_ls_sigma_I                          ? 
_refine.pdbx_ls_sigma_F                          2.19 
_refine.pdbx_data_cutoff_high_absF               ? 
_refine.pdbx_data_cutoff_low_absF                ? 
_refine.pdbx_data_cutoff_high_rms_absF           ? 
_refine.ls_d_res_low                             34.290 
_refine.ls_d_res_high                            1.613 
_refine.ls_percent_reflns_obs                    86.29 
_refine.ls_R_factor_obs                          0.1865 
_refine.ls_R_factor_all                          ? 
_refine.ls_R_factor_R_work                       0.1828 
_refine.ls_R_factor_R_free                       0.2213 
_refine.ls_R_factor_R_free_error                 ? 
_refine.ls_R_factor_R_free_error_details         ? 
_refine.ls_percent_reflns_R_free                 9.96 
_refine.ls_number_reflns_R_free                  1212 
_refine.ls_number_parameters                     ? 
_refine.ls_number_restraints                     ? 
_refine.occupancy_min                            ? 
_refine.occupancy_max                            ? 
_refine.correlation_coeff_Fo_to_Fc               ? 
_refine.correlation_coeff_Fo_to_Fc_free          ? 
_refine.B_iso_mean                               ? 
_refine.aniso_B[1][1]                            ? 
_refine.aniso_B[2][2]                            ? 
_refine.aniso_B[3][3]                            ? 
_refine.aniso_B[1][2]                            ? 
_refine.aniso_B[1][3]                            ? 
_refine.aniso_B[2][3]                            ? 
_refine.solvent_model_details                    'FLAT BULK SOLVENT MODEL' 
_refine.solvent_model_param_ksol                 ? 
_refine.solvent_model_param_bsol                 ? 
_refine.pdbx_solvent_vdw_probe_radii             1.11 
_refine.pdbx_solvent_ion_probe_radii             ? 
_refine.pdbx_solvent_shrinkage_radii             0.90 
_refine.pdbx_ls_cross_valid_method               'FREE R-VALUE' 
_refine.details                                  ? 
_refine.pdbx_starting_model                      ? 
_refine.pdbx_method_to_determine_struct          ? 
_refine.pdbx_isotropic_thermal_model             ? 
_refine.pdbx_stereochemistry_target_values       ML 
_refine.pdbx_stereochem_target_val_spec_case     ? 
_refine.pdbx_R_Free_selection_details            ? 
_refine.pdbx_overall_ESU_R                       ? 
_refine.pdbx_overall_ESU_R_Free                  ? 
_refine.overall_SU_ML                            0.16 
_refine.pdbx_overall_phase_error                 24.20 
_refine.overall_SU_B                             ? 
_refine.overall_SU_R_Cruickshank_DPI             ? 
_refine.pdbx_overall_SU_R_free_Cruickshank_DPI   ? 
_refine.pdbx_overall_SU_R_Blow_DPI               ? 
_refine.pdbx_overall_SU_R_free_Blow_DPI          ? 
# 
_refine_hist.pdbx_refine_id                   'X-RAY DIFFRACTION' 
_refine_hist.cycle_id                         LAST 
_refine_hist.pdbx_number_atoms_protein        937 
_refine_hist.pdbx_number_atoms_nucleic_acid   0 
_refine_hist.pdbx_number_atoms_ligand         2 
_refine_hist.number_atoms_solvent             151 
_refine_hist.number_atoms_total               1090 
_refine_hist.d_res_high                       1.613 
_refine_hist.d_res_low                        34.290 
# 
loop_
_refine_ls_restr.type 
_refine_ls_restr.dev_ideal 
_refine_ls_restr.dev_ideal_target 
_refine_ls_restr.weight 
_refine_ls_restr.number 
_refine_ls_restr.pdbx_refine_id 
_refine_ls_restr.pdbx_restraint_function 
f_bond_d           0.007  ? ? 945  'X-RAY DIFFRACTION' ? 
f_angle_d          1.110  ? ? 1280 'X-RAY DIFFRACTION' ? 
f_dihedral_angle_d 15.999 ? ? 366  'X-RAY DIFFRACTION' ? 
f_chiral_restr     0.081  ? ? 125  'X-RAY DIFFRACTION' ? 
f_plane_restr      0.006  ? ? 172  'X-RAY DIFFRACTION' ? 
# 
loop_
_refine_ls_shell.pdbx_refine_id 
_refine_ls_shell.pdbx_total_number_of_bins_used 
_refine_ls_shell.d_res_high 
_refine_ls_shell.d_res_low 
_refine_ls_shell.number_reflns_R_work 
_refine_ls_shell.R_factor_R_work 
_refine_ls_shell.percent_reflns_obs 
_refine_ls_shell.R_factor_R_free 
_refine_ls_shell.R_factor_R_free_error 
_refine_ls_shell.percent_reflns_R_free 
_refine_ls_shell.number_reflns_R_free 
_refine_ls_shell.number_reflns_all 
_refine_ls_shell.R_factor_all 
_refine_ls_shell.R_factor_obs 
_refine_ls_shell.number_reflns_obs 
'X-RAY DIFFRACTION' . 1.6127 1.6773  396  0.2521 29.00 0.2756 . . 47  . . . . 
'X-RAY DIFFRACTION' . 1.6773 1.7537  1092 0.2116 76.00 0.2173 . . 114 . . . . 
'X-RAY DIFFRACTION' . 1.7537 1.8461  1322 0.1946 94.00 0.2267 . . 149 . . . . 
'X-RAY DIFFRACTION' . 1.8461 1.9618  1335 0.1851 95.00 0.2349 . . 140 . . . . 
'X-RAY DIFFRACTION' . 1.9618 2.1132  1355 0.1816 95.00 0.2389 . . 153 . . . . 
'X-RAY DIFFRACTION' . 2.1132 2.3258  1328 0.1889 96.00 0.2601 . . 152 . . . . 
'X-RAY DIFFRACTION' . 2.3258 2.6623  1361 0.1996 96.00 0.2298 . . 149 . . . . 
'X-RAY DIFFRACTION' . 2.6623 3.3537  1380 0.1829 97.00 0.2050 . . 150 . . . . 
'X-RAY DIFFRACTION' . 3.3537 34.2982 1384 0.1597 99.00 0.1970 . . 158 . . . . 
# 
_struct.entry_id                     5SVI 
_struct.title                        'MORC3 CW domain in complex with unmodified histone H3' 
_struct.pdbx_model_details           ? 
_struct.pdbx_formula_weight          ? 
_struct.pdbx_formula_weight_method   ? 
_struct.pdbx_model_type_details      ? 
_struct.pdbx_CASP_flag               N 
# 
_struct_keywords.entry_id        5SVI 
_struct_keywords.text            
'Histone reader, chromatin, posttranslational modifications, Zinc finger, CW domain, TRANSCRIPTION' 
_struct_keywords.pdbx_keywords   TRANSCRIPTION 
# 
loop_
_struct_asym.id 
_struct_asym.pdbx_blank_PDB_chainid_flag 
_struct_asym.pdbx_modified 
_struct_asym.entity_id 
_struct_asym.details 
A N N 1 ? 
B N N 1 ? 
C N N 2 ? 
D N N 2 ? 
E N N 3 ? 
F N N 3 ? 
G N N 4 ? 
H N N 4 ? 
I N N 4 ? 
J N N 4 ? 
# 
loop_
_struct_ref.id 
_struct_ref.db_name 
_struct_ref.db_code 
_struct_ref.pdbx_db_accession 
_struct_ref.pdbx_db_isoform 
_struct_ref.entity_id 
_struct_ref.pdbx_seq_one_letter_code 
_struct_ref.pdbx_align_begin 
1 UNP MORC3_HUMAN Q14149 ? 1 DQTWVQCDACLKWRKLPDGMDQLPEKWYCSNNPDPQFRNCEVPEEPED 407 
2 PDB 5SVI        5SVI   ? 2 ?                                                1   
# 
loop_
_struct_ref_seq.align_id 
_struct_ref_seq.ref_id 
_struct_ref_seq.pdbx_PDB_id_code 
_struct_ref_seq.pdbx_strand_id 
_struct_ref_seq.seq_align_beg 
_struct_ref_seq.pdbx_seq_align_beg_ins_code 
_struct_ref_seq.seq_align_end 
_struct_ref_seq.pdbx_seq_align_end_ins_code 
_struct_ref_seq.pdbx_db_accession 
_struct_ref_seq.db_align_beg 
_struct_ref_seq.pdbx_db_align_beg_ins_code 
_struct_ref_seq.db_align_end 
_struct_ref_seq.pdbx_db_align_end_ins_code 
_struct_ref_seq.pdbx_auth_seq_align_beg 
_struct_ref_seq.pdbx_auth_seq_align_end 
1 1 5SVI A 6 ? 53 ? Q14149 407 ? 454 ? 407 454 
2 1 5SVI B 6 ? 53 ? Q14149 407 ? 454 ? 1   48  
3 2 5SVI C 1 ? 8  ? 5SVI   92  ? 99  ? 92  99  
4 2 5SVI D 1 ? 8  ? 5SVI   92  ? 99  ? 92  99  
# 
loop_
_struct_ref_seq_dif.align_id 
_struct_ref_seq_dif.pdbx_pdb_id_code 
_struct_ref_seq_dif.mon_id 
_struct_ref_seq_dif.pdbx_pdb_strand_id 
_struct_ref_seq_dif.seq_num 
_struct_ref_seq_dif.pdbx_pdb_ins_code 
_struct_ref_seq_dif.pdbx_seq_db_name 
_struct_ref_seq_dif.pdbx_seq_db_accession_code 
_struct_ref_seq_dif.db_mon_id 
_struct_ref_seq_dif.pdbx_seq_db_seq_num 
_struct_ref_seq_dif.details 
_struct_ref_seq_dif.pdbx_auth_seq_num 
_struct_ref_seq_dif.pdbx_ordinal 
1 5SVI GLY A 1 ? UNP Q14149 ? ? 'expression tag' -4 1  
1 5SVI PRO A 2 ? UNP Q14149 ? ? 'expression tag' -3 2  
1 5SVI LEU A 3 ? UNP Q14149 ? ? 'expression tag' -2 3  
1 5SVI GLY A 4 ? UNP Q14149 ? ? 'expression tag' -1 4  
1 5SVI SER A 5 ? UNP Q14149 ? ? 'expression tag' 0  5  
2 5SVI GLY B 1 ? UNP Q14149 ? ? 'expression tag' -4 6  
2 5SVI PRO B 2 ? UNP Q14149 ? ? 'expression tag' -3 7  
2 5SVI LEU B 3 ? UNP Q14149 ? ? 'expression tag' -2 8  
2 5SVI GLY B 4 ? UNP Q14149 ? ? 'expression tag' -1 9  
2 5SVI SER B 5 ? UNP Q14149 ? ? 'expression tag' 0  10 
# 
loop_
_pdbx_struct_assembly.id 
_pdbx_struct_assembly.details 
_pdbx_struct_assembly.method_details 
_pdbx_struct_assembly.oligomeric_details 
_pdbx_struct_assembly.oligomeric_count 
1 author_and_software_defined_assembly PISA dimeric 2 
2 author_and_software_defined_assembly PISA dimeric 2 
# 
loop_
_pdbx_struct_assembly_prop.biol_id 
_pdbx_struct_assembly_prop.type 
_pdbx_struct_assembly_prop.value 
_pdbx_struct_assembly_prop.details 
1 'ABSA (A^2)' 1090 ? 
1 MORE         -3   ? 
1 'SSA (A^2)'  3890 ? 
2 'ABSA (A^2)' 1200 ? 
2 MORE         -4   ? 
2 'SSA (A^2)'  4480 ? 
# 
loop_
_pdbx_struct_assembly_gen.assembly_id 
_pdbx_struct_assembly_gen.oper_expression 
_pdbx_struct_assembly_gen.asym_id_list 
1 1 A,C,E,G,I 
2 1 B,D,F,H,J 
# 
_pdbx_struct_oper_list.id                   1 
_pdbx_struct_oper_list.type                 'identity operation' 
_pdbx_struct_oper_list.name                 1_555 
_pdbx_struct_oper_list.symmetry_operation   x,y,z 
_pdbx_struct_oper_list.matrix[1][1]         1.0000000000 
_pdbx_struct_oper_list.matrix[1][2]         0.0000000000 
_pdbx_struct_oper_list.matrix[1][3]         0.0000000000 
_pdbx_struct_oper_list.vector[1]            0.0000000000 
_pdbx_struct_oper_list.matrix[2][1]         0.0000000000 
_pdbx_struct_oper_list.matrix[2][2]         1.0000000000 
_pdbx_struct_oper_list.matrix[2][3]         0.0000000000 
_pdbx_struct_oper_list.vector[2]            0.0000000000 
_pdbx_struct_oper_list.matrix[3][1]         0.0000000000 
_pdbx_struct_oper_list.matrix[3][2]         0.0000000000 
_pdbx_struct_oper_list.matrix[3][3]         1.0000000000 
_pdbx_struct_oper_list.vector[3]            0.0000000000 
# 
loop_
_struct_conf.conf_type_id 
_struct_conf.id 
_struct_conf.pdbx_PDB_helix_id 
_struct_conf.beg_label_comp_id 
_struct_conf.beg_label_asym_id 
_struct_conf.beg_label_seq_id 
_struct_conf.pdbx_beg_PDB_ins_code 
_struct_conf.end_label_comp_id 
_struct_conf.end_label_asym_id 
_struct_conf.end_label_seq_id 
_struct_conf.pdbx_end_PDB_ins_code 
_struct_conf.beg_auth_comp_id 
_struct_conf.beg_auth_asym_id 
_struct_conf.beg_auth_seq_id 
_struct_conf.end_auth_comp_id 
_struct_conf.end_auth_asym_id 
_struct_conf.end_auth_seq_id 
_struct_conf.pdbx_PDB_helix_class 
_struct_conf.details 
_struct_conf.pdbx_PDB_helix_length 
HELX_P HELX_P1 AA1 TYR A 33 ? ASN A 37 ? TYR A 434 ASN A 438 5 ? 5 
HELX_P HELX_P2 AA2 ASP A 39 ? ARG A 43 ? ASP A 440 ARG A 444 5 ? 5 
HELX_P HELX_P3 AA3 TYR B 33 ? ASN B 37 ? TYR B 28  ASN B 32  5 ? 5 
HELX_P HELX_P4 AA4 ASP B 39 ? ARG B 43 ? ASP B 34  ARG B 38  5 ? 5 
# 
_struct_conf_type.id          HELX_P 
_struct_conf_type.criteria    ? 
_struct_conf_type.reference   ? 
# 
loop_
_struct_conn.id 
_struct_conn.conn_type_id 
_struct_conn.pdbx_leaving_atom_flag 
_struct_conn.pdbx_PDB_id 
_struct_conn.ptnr1_label_asym_id 
_struct_conn.ptnr1_label_comp_id 
_struct_conn.ptnr1_label_seq_id 
_struct_conn.ptnr1_label_atom_id 
_struct_conn.pdbx_ptnr1_label_alt_id 
_struct_conn.pdbx_ptnr1_PDB_ins_code 
_struct_conn.pdbx_ptnr1_standard_comp_id 
_struct_conn.ptnr1_symmetry 
_struct_conn.ptnr2_label_asym_id 
_struct_conn.ptnr2_label_comp_id 
_struct_conn.ptnr2_label_seq_id 
_struct_conn.ptnr2_label_atom_id 
_struct_conn.pdbx_ptnr2_label_alt_id 
_struct_conn.pdbx_ptnr2_PDB_ins_code 
_struct_conn.ptnr1_auth_asym_id 
_struct_conn.ptnr1_auth_comp_id 
_struct_conn.ptnr1_auth_seq_id 
_struct_conn.ptnr2_auth_asym_id 
_struct_conn.ptnr2_auth_comp_id 
_struct_conn.ptnr2_auth_seq_id 
_struct_conn.ptnr2_symmetry 
_struct_conn.pdbx_ptnr3_label_atom_id 
_struct_conn.pdbx_ptnr3_label_seq_id 
_struct_conn.pdbx_ptnr3_label_comp_id 
_struct_conn.pdbx_ptnr3_label_asym_id 
_struct_conn.pdbx_ptnr3_label_alt_id 
_struct_conn.pdbx_ptnr3_PDB_ins_code 
_struct_conn.details 
_struct_conn.pdbx_dist_value 
_struct_conn.pdbx_value_order 
_struct_conn.pdbx_role 
metalc1 metalc ? ? A CYS 12 SG ? ? ? 1_555 E ZN . ZN ? ? A CYS 413 A ZN 501 1_555 ? ? ? ? ? ? ? 2.327 ? ? 
metalc2 metalc ? ? A CYS 15 SG ? ? ? 1_555 E ZN . ZN ? ? A CYS 416 A ZN 501 1_555 ? ? ? ? ? ? ? 2.358 ? ? 
metalc3 metalc ? ? A CYS 34 SG ? ? ? 1_555 E ZN . ZN ? ? A CYS 435 A ZN 501 1_555 ? ? ? ? ? ? ? 2.360 ? ? 
metalc4 metalc ? ? A CYS 45 SG ? ? ? 1_555 E ZN . ZN ? ? A CYS 446 A ZN 501 1_555 ? ? ? ? ? ? ? 2.327 ? ? 
metalc5 metalc ? ? B CYS 12 SG ? ? ? 1_555 F ZN . ZN ? ? B CYS 7   B ZN 100 1_555 ? ? ? ? ? ? ? 2.387 ? ? 
metalc6 metalc ? ? B CYS 15 SG ? ? ? 1_555 F ZN . ZN ? ? B CYS 10  B ZN 100 1_555 ? ? ? ? ? ? ? 2.302 ? ? 
metalc7 metalc ? ? B CYS 34 SG ? ? ? 1_555 F ZN . ZN ? ? B CYS 29  B ZN 100 1_555 ? ? ? ? ? ? ? 2.297 ? ? 
metalc8 metalc ? ? B CYS 45 SG ? ? ? 1_555 F ZN . ZN ? ? B CYS 40  B ZN 100 1_555 ? ? ? ? ? ? ? 2.316 ? ? 
# 
_struct_conn_type.id          metalc 
_struct_conn_type.criteria    ? 
_struct_conn_type.reference   ? 
# 
loop_
_pdbx_struct_conn_angle.id 
_pdbx_struct_conn_angle.ptnr1_label_atom_id 
_pdbx_struct_conn_angle.ptnr1_label_alt_id 
_pdbx_struct_conn_angle.ptnr1_label_asym_id 
_pdbx_struct_conn_angle.ptnr1_label_comp_id 
_pdbx_struct_conn_angle.ptnr1_label_seq_id 
_pdbx_struct_conn_angle.ptnr1_auth_atom_id 
_pdbx_struct_conn_angle.ptnr1_auth_asym_id 
_pdbx_struct_conn_angle.ptnr1_auth_comp_id 
_pdbx_struct_conn_angle.ptnr1_auth_seq_id 
_pdbx_struct_conn_angle.ptnr1_PDB_ins_code 
_pdbx_struct_conn_angle.ptnr1_symmetry 
_pdbx_struct_conn_angle.ptnr2_label_atom_id 
_pdbx_struct_conn_angle.ptnr2_label_alt_id 
_pdbx_struct_conn_angle.ptnr2_label_asym_id 
_pdbx_struct_conn_angle.ptnr2_label_comp_id 
_pdbx_struct_conn_angle.ptnr2_label_seq_id 
_pdbx_struct_conn_angle.ptnr2_auth_atom_id 
_pdbx_struct_conn_angle.ptnr2_auth_asym_id 
_pdbx_struct_conn_angle.ptnr2_auth_comp_id 
_pdbx_struct_conn_angle.ptnr2_auth_seq_id 
_pdbx_struct_conn_angle.ptnr2_PDB_ins_code 
_pdbx_struct_conn_angle.ptnr2_symmetry 
_pdbx_struct_conn_angle.ptnr3_label_atom_id 
_pdbx_struct_conn_angle.ptnr3_label_alt_id 
_pdbx_struct_conn_angle.ptnr3_label_asym_id 
_pdbx_struct_conn_angle.ptnr3_label_comp_id 
_pdbx_struct_conn_angle.ptnr3_label_seq_id 
_pdbx_struct_conn_angle.ptnr3_auth_atom_id 
_pdbx_struct_conn_angle.ptnr3_auth_asym_id 
_pdbx_struct_conn_angle.ptnr3_auth_comp_id 
_pdbx_struct_conn_angle.ptnr3_auth_seq_id 
_pdbx_struct_conn_angle.ptnr3_PDB_ins_code 
_pdbx_struct_conn_angle.ptnr3_symmetry 
_pdbx_struct_conn_angle.value 
_pdbx_struct_conn_angle.value_esd 
1  SG ? A CYS 12 ? A CYS 413 ? 1_555 ZN ? E ZN . ? A ZN 501 ? 1_555 SG ? A CYS 15 ? A CYS 416 ? 1_555 108.0 ? 
2  SG ? A CYS 12 ? A CYS 413 ? 1_555 ZN ? E ZN . ? A ZN 501 ? 1_555 SG ? A CYS 34 ? A CYS 435 ? 1_555 104.2 ? 
3  SG ? A CYS 15 ? A CYS 416 ? 1_555 ZN ? E ZN . ? A ZN 501 ? 1_555 SG ? A CYS 34 ? A CYS 435 ? 1_555 109.7 ? 
4  SG ? A CYS 12 ? A CYS 413 ? 1_555 ZN ? E ZN . ? A ZN 501 ? 1_555 SG ? A CYS 45 ? A CYS 446 ? 1_555 109.8 ? 
5  SG ? A CYS 15 ? A CYS 416 ? 1_555 ZN ? E ZN . ? A ZN 501 ? 1_555 SG ? A CYS 45 ? A CYS 446 ? 1_555 109.0 ? 
6  SG ? A CYS 34 ? A CYS 435 ? 1_555 ZN ? E ZN . ? A ZN 501 ? 1_555 SG ? A CYS 45 ? A CYS 446 ? 1_555 115.8 ? 
7  SG ? B CYS 12 ? B CYS 7   ? 1_555 ZN ? F ZN . ? B ZN 100 ? 1_555 SG ? B CYS 15 ? B CYS 10  ? 1_555 108.0 ? 
8  SG ? B CYS 12 ? B CYS 7   ? 1_555 ZN ? F ZN . ? B ZN 100 ? 1_555 SG ? B CYS 34 ? B CYS 29  ? 1_555 104.3 ? 
9  SG ? B CYS 15 ? B CYS 10  ? 1_555 ZN ? F ZN . ? B ZN 100 ? 1_555 SG ? B CYS 34 ? B CYS 29  ? 1_555 110.2 ? 
10 SG ? B CYS 12 ? B CYS 7   ? 1_555 ZN ? F ZN . ? B ZN 100 ? 1_555 SG ? B CYS 45 ? B CYS 40  ? 1_555 109.5 ? 
11 SG ? B CYS 15 ? B CYS 10  ? 1_555 ZN ? F ZN . ? B ZN 100 ? 1_555 SG ? B CYS 45 ? B CYS 40  ? 1_555 109.8 ? 
12 SG ? B CYS 34 ? B CYS 29  ? 1_555 ZN ? F ZN . ? B ZN 100 ? 1_555 SG ? B CYS 45 ? B CYS 40  ? 1_555 114.7 ? 
# 
_struct_mon_prot_cis.pdbx_id                1 
_struct_mon_prot_cis.label_comp_id          SER 
_struct_mon_prot_cis.label_seq_id           5 
_struct_mon_prot_cis.label_asym_id          A 
_struct_mon_prot_cis.label_alt_id           . 
_struct_mon_prot_cis.pdbx_PDB_ins_code      ? 
_struct_mon_prot_cis.auth_comp_id           SER 
_struct_mon_prot_cis.auth_seq_id            0 
_struct_mon_prot_cis.auth_asym_id           A 
_struct_mon_prot_cis.pdbx_label_comp_id_2   ASP 
_struct_mon_prot_cis.pdbx_label_seq_id_2    6 
_struct_mon_prot_cis.pdbx_label_asym_id_2   A 
_struct_mon_prot_cis.pdbx_PDB_ins_code_2    ? 
_struct_mon_prot_cis.pdbx_auth_comp_id_2    ASP 
_struct_mon_prot_cis.pdbx_auth_seq_id_2     407 
_struct_mon_prot_cis.pdbx_auth_asym_id_2    A 
_struct_mon_prot_cis.pdbx_PDB_model_num     1 
_struct_mon_prot_cis.pdbx_omega_angle       -4.06 
# 
loop_
_struct_sheet.id 
_struct_sheet.type 
_struct_sheet.number_strands 
_struct_sheet.details 
AA1 ? 3 ? 
AA2 ? 3 ? 
# 
loop_
_struct_sheet_order.sheet_id 
_struct_sheet_order.range_id_1 
_struct_sheet_order.range_id_2 
_struct_sheet_order.offset 
_struct_sheet_order.sense 
AA1 1 2 ? anti-parallel 
AA1 2 3 ? anti-parallel 
AA2 1 2 ? anti-parallel 
AA2 2 3 ? anti-parallel 
# 
loop_
_struct_sheet_range.sheet_id 
_struct_sheet_range.id 
_struct_sheet_range.beg_label_comp_id 
_struct_sheet_range.beg_label_asym_id 
_struct_sheet_range.beg_label_seq_id 
_struct_sheet_range.pdbx_beg_PDB_ins_code 
_struct_sheet_range.end_label_comp_id 
_struct_sheet_range.end_label_asym_id 
_struct_sheet_range.end_label_seq_id 
_struct_sheet_range.pdbx_end_PDB_ins_code 
_struct_sheet_range.beg_auth_comp_id 
_struct_sheet_range.beg_auth_asym_id 
_struct_sheet_range.beg_auth_seq_id 
_struct_sheet_range.end_auth_comp_id 
_struct_sheet_range.end_auth_asym_id 
_struct_sheet_range.end_auth_seq_id 
AA1 1 TRP A 18 ? LEU A 21 ? TRP A 419 LEU A 422 
AA1 2 GLN A 7  ? GLN A 11 ? GLN A 408 GLN A 412 
AA1 3 THR C 3  ? THR C 6  ? THR C 94  THR C 97  
AA2 1 TRP B 18 ? LEU B 21 ? TRP B 13  LEU B 16  
AA2 2 GLN B 7  ? GLN B 11 ? GLN B 2   GLN B 6   
AA2 3 THR D 3  ? THR D 6  ? THR D 94  THR D 97  
# 
loop_
_pdbx_struct_sheet_hbond.sheet_id 
_pdbx_struct_sheet_hbond.range_id_1 
_pdbx_struct_sheet_hbond.range_id_2 
_pdbx_struct_sheet_hbond.range_1_label_atom_id 
_pdbx_struct_sheet_hbond.range_1_label_comp_id 
_pdbx_struct_sheet_hbond.range_1_label_asym_id 
_pdbx_struct_sheet_hbond.range_1_label_seq_id 
_pdbx_struct_sheet_hbond.range_1_PDB_ins_code 
_pdbx_struct_sheet_hbond.range_1_auth_atom_id 
_pdbx_struct_sheet_hbond.range_1_auth_comp_id 
_pdbx_struct_sheet_hbond.range_1_auth_asym_id 
_pdbx_struct_sheet_hbond.range_1_auth_seq_id 
_pdbx_struct_sheet_hbond.range_2_label_atom_id 
_pdbx_struct_sheet_hbond.range_2_label_comp_id 
_pdbx_struct_sheet_hbond.range_2_label_asym_id 
_pdbx_struct_sheet_hbond.range_2_label_seq_id 
_pdbx_struct_sheet_hbond.range_2_PDB_ins_code 
_pdbx_struct_sheet_hbond.range_2_auth_atom_id 
_pdbx_struct_sheet_hbond.range_2_auth_comp_id 
_pdbx_struct_sheet_hbond.range_2_auth_asym_id 
_pdbx_struct_sheet_hbond.range_2_auth_seq_id 
AA1 1 2 O ARG A 19 ? O ARG A 420 N VAL A 10 ? N VAL A 411 
AA1 2 3 N GLN A 7  ? N GLN A 408 O THR C 6  ? O THR C 97  
AA2 1 2 O ARG B 19 ? O ARG B 14  N VAL B 10 ? N VAL B 5   
AA2 2 3 N GLN B 7  ? N GLN B 2   O THR D 6  ? O THR D 97  
# 
loop_
_struct_site.id 
_struct_site.pdbx_evidence_code 
_struct_site.pdbx_auth_asym_id 
_struct_site.pdbx_auth_comp_id 
_struct_site.pdbx_auth_seq_id 
_struct_site.pdbx_auth_ins_code 
_struct_site.pdbx_num_residues 
_struct_site.details 
AC1 Software A ZN 501 ? 4 'binding site for residue ZN A 501' 
AC2 Software B ZN 100 ? 4 'binding site for residue ZN B 100' 
# 
loop_
_struct_site_gen.id 
_struct_site_gen.site_id 
_struct_site_gen.pdbx_num_res 
_struct_site_gen.label_comp_id 
_struct_site_gen.label_asym_id 
_struct_site_gen.label_seq_id 
_struct_site_gen.pdbx_auth_ins_code 
_struct_site_gen.auth_comp_id 
_struct_site_gen.auth_asym_id 
_struct_site_gen.auth_seq_id 
_struct_site_gen.label_atom_id 
_struct_site_gen.label_alt_id 
_struct_site_gen.symmetry 
_struct_site_gen.details 
1 AC1 4 CYS A 12 ? CYS A 413 . ? 1_555 ? 
2 AC1 4 CYS A 15 ? CYS A 416 . ? 1_555 ? 
3 AC1 4 CYS A 34 ? CYS A 435 . ? 1_555 ? 
4 AC1 4 CYS A 45 ? CYS A 446 . ? 1_555 ? 
5 AC2 4 CYS B 12 ? CYS B 7   . ? 1_555 ? 
6 AC2 4 CYS B 15 ? CYS B 10  . ? 1_555 ? 
7 AC2 4 CYS B 34 ? CYS B 29  . ? 1_555 ? 
8 AC2 4 CYS B 45 ? CYS B 40  . ? 1_555 ? 
# 
loop_
_pdbx_validate_close_contact.id 
_pdbx_validate_close_contact.PDB_model_num 
_pdbx_validate_close_contact.auth_atom_id_1 
_pdbx_validate_close_contact.auth_asym_id_1 
_pdbx_validate_close_contact.auth_comp_id_1 
_pdbx_validate_close_contact.auth_seq_id_1 
_pdbx_validate_close_contact.PDB_ins_code_1 
_pdbx_validate_close_contact.label_alt_id_1 
_pdbx_validate_close_contact.auth_atom_id_2 
_pdbx_validate_close_contact.auth_asym_id_2 
_pdbx_validate_close_contact.auth_comp_id_2 
_pdbx_validate_close_contact.auth_seq_id_2 
_pdbx_validate_close_contact.PDB_ins_code_2 
_pdbx_validate_close_contact.label_alt_id_2 
_pdbx_validate_close_contact.dist 
1  1 CB  B ASP 48  ? ? O B HOH 201 ? ? 1.03 
2  1 CA  B ASP 48  ? ? O B HOH 201 ? ? 1.19 
3  1 CG  B ASP 48  ? ? O B HOH 201 ? ? 1.44 
4  1 OD1 B ASP 48  ? ? O B HOH 201 ? ? 1.74 
5  1 C   B ASP 48  ? ? O B HOH 201 ? ? 1.85 
6  1 O   A HOH 645 ? ? O A HOH 648 ? ? 1.86 
7  1 N   B ASP 48  ? ? O B HOH 201 ? ? 1.89 
8  1 O   A HOH 643 ? ? O A HOH 654 ? ? 1.92 
9  1 O   B HOH 247 ? ? O B HOH 254 ? ? 1.97 
10 1 O   A HOH 641 ? ? O A HOH 647 ? ? 2.04 
11 1 O   A HOH 611 ? ? O A HOH 623 ? ? 2.07 
12 1 O   A HOH 603 ? ? O A HOH 649 ? ? 2.09 
13 1 O   A HOH 657 ? ? O B HOH 256 ? ? 2.15 
14 1 O   A HOH 623 ? ? O A HOH 643 ? ? 2.19 
# 
loop_
_pdbx_validate_symm_contact.id 
_pdbx_validate_symm_contact.PDB_model_num 
_pdbx_validate_symm_contact.auth_atom_id_1 
_pdbx_validate_symm_contact.auth_asym_id_1 
_pdbx_validate_symm_contact.auth_comp_id_1 
_pdbx_validate_symm_contact.auth_seq_id_1 
_pdbx_validate_symm_contact.PDB_ins_code_1 
_pdbx_validate_symm_contact.label_alt_id_1 
_pdbx_validate_symm_contact.site_symmetry_1 
_pdbx_validate_symm_contact.auth_atom_id_2 
_pdbx_validate_symm_contact.auth_asym_id_2 
_pdbx_validate_symm_contact.auth_comp_id_2 
_pdbx_validate_symm_contact.auth_seq_id_2 
_pdbx_validate_symm_contact.PDB_ins_code_2 
_pdbx_validate_symm_contact.label_alt_id_2 
_pdbx_validate_symm_contact.site_symmetry_2 
_pdbx_validate_symm_contact.dist 
1 1 O B HOH 249 ? ? 1_555 O D HOH 110 ? ? 1_455 2.03 
2 1 O A HOH 649 ? ? 1_555 O B HOH 263 ? ? 1_556 2.11 
# 
loop_
_pdbx_validate_torsion.id 
_pdbx_validate_torsion.PDB_model_num 
_pdbx_validate_torsion.auth_comp_id 
_pdbx_validate_torsion.auth_asym_id 
_pdbx_validate_torsion.auth_seq_id 
_pdbx_validate_torsion.PDB_ins_code 
_pdbx_validate_torsion.label_alt_id 
_pdbx_validate_torsion.phi 
_pdbx_validate_torsion.psi 
1 1 ASP B 21 ? ? -86.40 -70.84 
2 1 GLN B 22 ? ? -69.05 58.31  
# 
loop_
_pdbx_unobs_or_zero_occ_residues.id 
_pdbx_unobs_or_zero_occ_residues.PDB_model_num 
_pdbx_unobs_or_zero_occ_residues.polymer_flag 
_pdbx_unobs_or_zero_occ_residues.occupancy_flag 
_pdbx_unobs_or_zero_occ_residues.auth_asym_id 
_pdbx_unobs_or_zero_occ_residues.auth_comp_id 
_pdbx_unobs_or_zero_occ_residues.auth_seq_id 
_pdbx_unobs_or_zero_occ_residues.PDB_ins_code 
_pdbx_unobs_or_zero_occ_residues.label_asym_id 
_pdbx_unobs_or_zero_occ_residues.label_comp_id 
_pdbx_unobs_or_zero_occ_residues.label_seq_id 
1 1 Y 1 A GLY -4  ? A GLY 1  
2 1 Y 1 A PRO -3  ? A PRO 2  
3 1 Y 1 A LEU -2  ? A LEU 3  
4 1 Y 1 A GLY -1  ? A GLY 4  
5 1 Y 1 A ASP 427 ? A ASP 26 
6 1 Y 1 A GLN 428 ? A GLN 27 
7 1 Y 1 A ASP 454 ? A ASP 53 
# 
loop_
_chem_comp_atom.comp_id 
_chem_comp_atom.atom_id 
_chem_comp_atom.type_symbol 
_chem_comp_atom.pdbx_aromatic_flag 
_chem_comp_atom.pdbx_stereo_config 
_chem_comp_atom.pdbx_ordinal 
ALA N    N  N N 1   
ALA CA   C  N S 2   
ALA C    C  N N 3   
ALA O    O  N N 4   
ALA CB   C  N N 5   
ALA OXT  O  N N 6   
ALA H    H  N N 7   
ALA H2   H  N N 8   
ALA HA   H  N N 9   
ALA HB1  H  N N 10  
ALA HB2  H  N N 11  
ALA HB3  H  N N 12  
ALA HXT  H  N N 13  
ARG N    N  N N 14  
ARG CA   C  N S 15  
ARG C    C  N N 16  
ARG O    O  N N 17  
ARG CB   C  N N 18  
ARG CG   C  N N 19  
ARG CD   C  N N 20  
ARG NE   N  N N 21  
ARG CZ   C  N N 22  
ARG NH1  N  N N 23  
ARG NH2  N  N N 24  
ARG OXT  O  N N 25  
ARG H    H  N N 26  
ARG H2   H  N N 27  
ARG HA   H  N N 28  
ARG HB2  H  N N 29  
ARG HB3  H  N N 30  
ARG HG2  H  N N 31  
ARG HG3  H  N N 32  
ARG HD2  H  N N 33  
ARG HD3  H  N N 34  
ARG HE   H  N N 35  
ARG HH11 H  N N 36  
ARG HH12 H  N N 37  
ARG HH21 H  N N 38  
ARG HH22 H  N N 39  
ARG HXT  H  N N 40  
ASN N    N  N N 41  
ASN CA   C  N S 42  
ASN C    C  N N 43  
ASN O    O  N N 44  
ASN CB   C  N N 45  
ASN CG   C  N N 46  
ASN OD1  O  N N 47  
ASN ND2  N  N N 48  
ASN OXT  O  N N 49  
ASN H    H  N N 50  
ASN H2   H  N N 51  
ASN HA   H  N N 52  
ASN HB2  H  N N 53  
ASN HB3  H  N N 54  
ASN HD21 H  N N 55  
ASN HD22 H  N N 56  
ASN HXT  H  N N 57  
ASP N    N  N N 58  
ASP CA   C  N S 59  
ASP C    C  N N 60  
ASP O    O  N N 61  
ASP CB   C  N N 62  
ASP CG   C  N N 63  
ASP OD1  O  N N 64  
ASP OD2  O  N N 65  
ASP OXT  O  N N 66  
ASP H    H  N N 67  
ASP H2   H  N N 68  
ASP HA   H  N N 69  
ASP HB2  H  N N 70  
ASP HB3  H  N N 71  
ASP HD2  H  N N 72  
ASP HXT  H  N N 73  
CYS N    N  N N 74  
CYS CA   C  N R 75  
CYS C    C  N N 76  
CYS O    O  N N 77  
CYS CB   C  N N 78  
CYS SG   S  N N 79  
CYS OXT  O  N N 80  
CYS H    H  N N 81  
CYS H2   H  N N 82  
CYS HA   H  N N 83  
CYS HB2  H  N N 84  
CYS HB3  H  N N 85  
CYS HG   H  N N 86  
CYS HXT  H  N N 87  
GLN N    N  N N 88  
GLN CA   C  N S 89  
GLN C    C  N N 90  
GLN O    O  N N 91  
GLN CB   C  N N 92  
GLN CG   C  N N 93  
GLN CD   C  N N 94  
GLN OE1  O  N N 95  
GLN NE2  N  N N 96  
GLN OXT  O  N N 97  
GLN H    H  N N 98  
GLN H2   H  N N 99  
GLN HA   H  N N 100 
GLN HB2  H  N N 101 
GLN HB3  H  N N 102 
GLN HG2  H  N N 103 
GLN HG3  H  N N 104 
GLN HE21 H  N N 105 
GLN HE22 H  N N 106 
GLN HXT  H  N N 107 
GLU N    N  N N 108 
GLU CA   C  N S 109 
GLU C    C  N N 110 
GLU O    O  N N 111 
GLU CB   C  N N 112 
GLU CG   C  N N 113 
GLU CD   C  N N 114 
GLU OE1  O  N N 115 
GLU OE2  O  N N 116 
GLU OXT  O  N N 117 
GLU H    H  N N 118 
GLU H2   H  N N 119 
GLU HA   H  N N 120 
GLU HB2  H  N N 121 
GLU HB3  H  N N 122 
GLU HG2  H  N N 123 
GLU HG3  H  N N 124 
GLU HE2  H  N N 125 
GLU HXT  H  N N 126 
GLY N    N  N N 127 
GLY CA   C  N N 128 
GLY C    C  N N 129 
GLY O    O  N N 130 
GLY OXT  O  N N 131 
GLY H    H  N N 132 
GLY H2   H  N N 133 
GLY HA2  H  N N 134 
GLY HA3  H  N N 135 
GLY HXT  H  N N 136 
HOH O    O  N N 137 
HOH H1   H  N N 138 
HOH H2   H  N N 139 
LEU N    N  N N 140 
LEU CA   C  N S 141 
LEU C    C  N N 142 
LEU O    O  N N 143 
LEU CB   C  N N 144 
LEU CG   C  N N 145 
LEU CD1  C  N N 146 
LEU CD2  C  N N 147 
LEU OXT  O  N N 148 
LEU H    H  N N 149 
LEU H2   H  N N 150 
LEU HA   H  N N 151 
LEU HB2  H  N N 152 
LEU HB3  H  N N 153 
LEU HG   H  N N 154 
LEU HD11 H  N N 155 
LEU HD12 H  N N 156 
LEU HD13 H  N N 157 
LEU HD21 H  N N 158 
LEU HD22 H  N N 159 
LEU HD23 H  N N 160 
LEU HXT  H  N N 161 
LYS N    N  N N 162 
LYS CA   C  N S 163 
LYS C    C  N N 164 
LYS O    O  N N 165 
LYS CB   C  N N 166 
LYS CG   C  N N 167 
LYS CD   C  N N 168 
LYS CE   C  N N 169 
LYS NZ   N  N N 170 
LYS OXT  O  N N 171 
LYS H    H  N N 172 
LYS H2   H  N N 173 
LYS HA   H  N N 174 
LYS HB2  H  N N 175 
LYS HB3  H  N N 176 
LYS HG2  H  N N 177 
LYS HG3  H  N N 178 
LYS HD2  H  N N 179 
LYS HD3  H  N N 180 
LYS HE2  H  N N 181 
LYS HE3  H  N N 182 
LYS HZ1  H  N N 183 
LYS HZ2  H  N N 184 
LYS HZ3  H  N N 185 
LYS HXT  H  N N 186 
MET N    N  N N 187 
MET CA   C  N S 188 
MET C    C  N N 189 
MET O    O  N N 190 
MET CB   C  N N 191 
MET CG   C  N N 192 
MET SD   S  N N 193 
MET CE   C  N N 194 
MET OXT  O  N N 195 
MET H    H  N N 196 
MET H2   H  N N 197 
MET HA   H  N N 198 
MET HB2  H  N N 199 
MET HB3  H  N N 200 
MET HG2  H  N N 201 
MET HG3  H  N N 202 
MET HE1  H  N N 203 
MET HE2  H  N N 204 
MET HE3  H  N N 205 
MET HXT  H  N N 206 
PHE N    N  N N 207 
PHE CA   C  N S 208 
PHE C    C  N N 209 
PHE O    O  N N 210 
PHE CB   C  N N 211 
PHE CG   C  Y N 212 
PHE CD1  C  Y N 213 
PHE CD2  C  Y N 214 
PHE CE1  C  Y N 215 
PHE CE2  C  Y N 216 
PHE CZ   C  Y N 217 
PHE OXT  O  N N 218 
PHE H    H  N N 219 
PHE H2   H  N N 220 
PHE HA   H  N N 221 
PHE HB2  H  N N 222 
PHE HB3  H  N N 223 
PHE HD1  H  N N 224 
PHE HD2  H  N N 225 
PHE HE1  H  N N 226 
PHE HE2  H  N N 227 
PHE HZ   H  N N 228 
PHE HXT  H  N N 229 
PRO N    N  N N 230 
PRO CA   C  N S 231 
PRO C    C  N N 232 
PRO O    O  N N 233 
PRO CB   C  N N 234 
PRO CG   C  N N 235 
PRO CD   C  N N 236 
PRO OXT  O  N N 237 
PRO H    H  N N 238 
PRO HA   H  N N 239 
PRO HB2  H  N N 240 
PRO HB3  H  N N 241 
PRO HG2  H  N N 242 
PRO HG3  H  N N 243 
PRO HD2  H  N N 244 
PRO HD3  H  N N 245 
PRO HXT  H  N N 246 
SER N    N  N N 247 
SER CA   C  N S 248 
SER C    C  N N 249 
SER O    O  N N 250 
SER CB   C  N N 251 
SER OG   O  N N 252 
SER OXT  O  N N 253 
SER H    H  N N 254 
SER H2   H  N N 255 
SER HA   H  N N 256 
SER HB2  H  N N 257 
SER HB3  H  N N 258 
SER HG   H  N N 259 
SER HXT  H  N N 260 
THR N    N  N N 261 
THR CA   C  N S 262 
THR C    C  N N 263 
THR O    O  N N 264 
THR CB   C  N R 265 
THR OG1  O  N N 266 
THR CG2  C  N N 267 
THR OXT  O  N N 268 
THR H    H  N N 269 
THR H2   H  N N 270 
THR HA   H  N N 271 
THR HB   H  N N 272 
THR HG1  H  N N 273 
THR HG21 H  N N 274 
THR HG22 H  N N 275 
THR HG23 H  N N 276 
THR HXT  H  N N 277 
TRP N    N  N N 278 
TRP CA   C  N S 279 
TRP C    C  N N 280 
TRP O    O  N N 281 
TRP CB   C  N N 282 
TRP CG   C  Y N 283 
TRP CD1  C  Y N 284 
TRP CD2  C  Y N 285 
TRP NE1  N  Y N 286 
TRP CE2  C  Y N 287 
TRP CE3  C  Y N 288 
TRP CZ2  C  Y N 289 
TRP CZ3  C  Y N 290 
TRP CH2  C  Y N 291 
TRP OXT  O  N N 292 
TRP H    H  N N 293 
TRP H2   H  N N 294 
TRP HA   H  N N 295 
TRP HB2  H  N N 296 
TRP HB3  H  N N 297 
TRP HD1  H  N N 298 
TRP HE1  H  N N 299 
TRP HE3  H  N N 300 
TRP HZ2  H  N N 301 
TRP HZ3  H  N N 302 
TRP HH2  H  N N 303 
TRP HXT  H  N N 304 
TYR N    N  N N 305 
TYR CA   C  N S 306 
TYR C    C  N N 307 
TYR O    O  N N 308 
TYR CB   C  N N 309 
TYR CG   C  Y N 310 
TYR CD1  C  Y N 311 
TYR CD2  C  Y N 312 
TYR CE1  C  Y N 313 
TYR CE2  C  Y N 314 
TYR CZ   C  Y N 315 
TYR OH   O  N N 316 
TYR OXT  O  N N 317 
TYR H    H  N N 318 
TYR H2   H  N N 319 
TYR HA   H  N N 320 
TYR HB2  H  N N 321 
TYR HB3  H  N N 322 
TYR HD1  H  N N 323 
TYR HD2  H  N N 324 
TYR HE1  H  N N 325 
TYR HE2  H  N N 326 
TYR HH   H  N N 327 
TYR HXT  H  N N 328 
VAL N    N  N N 329 
VAL CA   C  N S 330 
VAL C    C  N N 331 
VAL O    O  N N 332 
VAL CB   C  N N 333 
VAL CG1  C  N N 334 
VAL CG2  C  N N 335 
VAL OXT  O  N N 336 
VAL H    H  N N 337 
VAL H2   H  N N 338 
VAL HA   H  N N 339 
VAL HB   H  N N 340 
VAL HG11 H  N N 341 
VAL HG12 H  N N 342 
VAL HG13 H  N N 343 
VAL HG21 H  N N 344 
VAL HG22 H  N N 345 
VAL HG23 H  N N 346 
VAL HXT  H  N N 347 
ZN  ZN   ZN N N 348 
# 
loop_
_chem_comp_bond.comp_id 
_chem_comp_bond.atom_id_1 
_chem_comp_bond.atom_id_2 
_chem_comp_bond.value_order 
_chem_comp_bond.pdbx_aromatic_flag 
_chem_comp_bond.pdbx_stereo_config 
_chem_comp_bond.pdbx_ordinal 
ALA N   CA   sing N N 1   
ALA N   H    sing N N 2   
ALA N   H2   sing N N 3   
ALA CA  C    sing N N 4   
ALA CA  CB   sing N N 5   
ALA CA  HA   sing N N 6   
ALA C   O    doub N N 7   
ALA C   OXT  sing N N 8   
ALA CB  HB1  sing N N 9   
ALA CB  HB2  sing N N 10  
ALA CB  HB3  sing N N 11  
ALA OXT HXT  sing N N 12  
ARG N   CA   sing N N 13  
ARG N   H    sing N N 14  
ARG N   H2   sing N N 15  
ARG CA  C    sing N N 16  
ARG CA  CB   sing N N 17  
ARG CA  HA   sing N N 18  
ARG C   O    doub N N 19  
ARG C   OXT  sing N N 20  
ARG CB  CG   sing N N 21  
ARG CB  HB2  sing N N 22  
ARG CB  HB3  sing N N 23  
ARG CG  CD   sing N N 24  
ARG CG  HG2  sing N N 25  
ARG CG  HG3  sing N N 26  
ARG CD  NE   sing N N 27  
ARG CD  HD2  sing N N 28  
ARG CD  HD3  sing N N 29  
ARG NE  CZ   sing N N 30  
ARG NE  HE   sing N N 31  
ARG CZ  NH1  sing N N 32  
ARG CZ  NH2  doub N N 33  
ARG NH1 HH11 sing N N 34  
ARG NH1 HH12 sing N N 35  
ARG NH2 HH21 sing N N 36  
ARG NH2 HH22 sing N N 37  
ARG OXT HXT  sing N N 38  
ASN N   CA   sing N N 39  
ASN N   H    sing N N 40  
ASN N   H2   sing N N 41  
ASN CA  C    sing N N 42  
ASN CA  CB   sing N N 43  
ASN CA  HA   sing N N 44  
ASN C   O    doub N N 45  
ASN C   OXT  sing N N 46  
ASN CB  CG   sing N N 47  
ASN CB  HB2  sing N N 48  
ASN CB  HB3  sing N N 49  
ASN CG  OD1  doub N N 50  
ASN CG  ND2  sing N N 51  
ASN ND2 HD21 sing N N 52  
ASN ND2 HD22 sing N N 53  
ASN OXT HXT  sing N N 54  
ASP N   CA   sing N N 55  
ASP N   H    sing N N 56  
ASP N   H2   sing N N 57  
ASP CA  C    sing N N 58  
ASP CA  CB   sing N N 59  
ASP CA  HA   sing N N 60  
ASP C   O    doub N N 61  
ASP C   OXT  sing N N 62  
ASP CB  CG   sing N N 63  
ASP CB  HB2  sing N N 64  
ASP CB  HB3  sing N N 65  
ASP CG  OD1  doub N N 66  
ASP CG  OD2  sing N N 67  
ASP OD2 HD2  sing N N 68  
ASP OXT HXT  sing N N 69  
CYS N   CA   sing N N 70  
CYS N   H    sing N N 71  
CYS N   H2   sing N N 72  
CYS CA  C    sing N N 73  
CYS CA  CB   sing N N 74  
CYS CA  HA   sing N N 75  
CYS C   O    doub N N 76  
CYS C   OXT  sing N N 77  
CYS CB  SG   sing N N 78  
CYS CB  HB2  sing N N 79  
CYS CB  HB3  sing N N 80  
CYS SG  HG   sing N N 81  
CYS OXT HXT  sing N N 82  
GLN N   CA   sing N N 83  
GLN N   H    sing N N 84  
GLN N   H2   sing N N 85  
GLN CA  C    sing N N 86  
GLN CA  CB   sing N N 87  
GLN CA  HA   sing N N 88  
GLN C   O    doub N N 89  
GLN C   OXT  sing N N 90  
GLN CB  CG   sing N N 91  
GLN CB  HB2  sing N N 92  
GLN CB  HB3  sing N N 93  
GLN CG  CD   sing N N 94  
GLN CG  HG2  sing N N 95  
GLN CG  HG3  sing N N 96  
GLN CD  OE1  doub N N 97  
GLN CD  NE2  sing N N 98  
GLN NE2 HE21 sing N N 99  
GLN NE2 HE22 sing N N 100 
GLN OXT HXT  sing N N 101 
GLU N   CA   sing N N 102 
GLU N   H    sing N N 103 
GLU N   H2   sing N N 104 
GLU CA  C    sing N N 105 
GLU CA  CB   sing N N 106 
GLU CA  HA   sing N N 107 
GLU C   O    doub N N 108 
GLU C   OXT  sing N N 109 
GLU CB  CG   sing N N 110 
GLU CB  HB2  sing N N 111 
GLU CB  HB3  sing N N 112 
GLU CG  CD   sing N N 113 
GLU CG  HG2  sing N N 114 
GLU CG  HG3  sing N N 115 
GLU CD  OE1  doub N N 116 
GLU CD  OE2  sing N N 117 
GLU OE2 HE2  sing N N 118 
GLU OXT HXT  sing N N 119 
GLY N   CA   sing N N 120 
GLY N   H    sing N N 121 
GLY N   H2   sing N N 122 
GLY CA  C    sing N N 123 
GLY CA  HA2  sing N N 124 
GLY CA  HA3  sing N N 125 
GLY C   O    doub N N 126 
GLY C   OXT  sing N N 127 
GLY OXT HXT  sing N N 128 
HOH O   H1   sing N N 129 
HOH O   H2   sing N N 130 
LEU N   CA   sing N N 131 
LEU N   H    sing N N 132 
LEU N   H2   sing N N 133 
LEU CA  C    sing N N 134 
LEU CA  CB   sing N N 135 
LEU CA  HA   sing N N 136 
LEU C   O    doub N N 137 
LEU C   OXT  sing N N 138 
LEU CB  CG   sing N N 139 
LEU CB  HB2  sing N N 140 
LEU CB  HB3  sing N N 141 
LEU CG  CD1  sing N N 142 
LEU CG  CD2  sing N N 143 
LEU CG  HG   sing N N 144 
LEU CD1 HD11 sing N N 145 
LEU CD1 HD12 sing N N 146 
LEU CD1 HD13 sing N N 147 
LEU CD2 HD21 sing N N 148 
LEU CD2 HD22 sing N N 149 
LEU CD2 HD23 sing N N 150 
LEU OXT HXT  sing N N 151 
LYS N   CA   sing N N 152 
LYS N   H    sing N N 153 
LYS N   H2   sing N N 154 
LYS CA  C    sing N N 155 
LYS CA  CB   sing N N 156 
LYS CA  HA   sing N N 157 
LYS C   O    doub N N 158 
LYS C   OXT  sing N N 159 
LYS CB  CG   sing N N 160 
LYS CB  HB2  sing N N 161 
LYS CB  HB3  sing N N 162 
LYS CG  CD   sing N N 163 
LYS CG  HG2  sing N N 164 
LYS CG  HG3  sing N N 165 
LYS CD  CE   sing N N 166 
LYS CD  HD2  sing N N 167 
LYS CD  HD3  sing N N 168 
LYS CE  NZ   sing N N 169 
LYS CE  HE2  sing N N 170 
LYS CE  HE3  sing N N 171 
LYS NZ  HZ1  sing N N 172 
LYS NZ  HZ2  sing N N 173 
LYS NZ  HZ3  sing N N 174 
LYS OXT HXT  sing N N 175 
MET N   CA   sing N N 176 
MET N   H    sing N N 177 
MET N   H2   sing N N 178 
MET CA  C    sing N N 179 
MET CA  CB   sing N N 180 
MET CA  HA   sing N N 181 
MET C   O    doub N N 182 
MET C   OXT  sing N N 183 
MET CB  CG   sing N N 184 
MET CB  HB2  sing N N 185 
MET CB  HB3  sing N N 186 
MET CG  SD   sing N N 187 
MET CG  HG2  sing N N 188 
MET CG  HG3  sing N N 189 
MET SD  CE   sing N N 190 
MET CE  HE1  sing N N 191 
MET CE  HE2  sing N N 192 
MET CE  HE3  sing N N 193 
MET OXT HXT  sing N N 194 
PHE N   CA   sing N N 195 
PHE N   H    sing N N 196 
PHE N   H2   sing N N 197 
PHE CA  C    sing N N 198 
PHE CA  CB   sing N N 199 
PHE CA  HA   sing N N 200 
PHE C   O    doub N N 201 
PHE C   OXT  sing N N 202 
PHE CB  CG   sing N N 203 
PHE CB  HB2  sing N N 204 
PHE CB  HB3  sing N N 205 
PHE CG  CD1  doub Y N 206 
PHE CG  CD2  sing Y N 207 
PHE CD1 CE1  sing Y N 208 
PHE CD1 HD1  sing N N 209 
PHE CD2 CE2  doub Y N 210 
PHE CD2 HD2  sing N N 211 
PHE CE1 CZ   doub Y N 212 
PHE CE1 HE1  sing N N 213 
PHE CE2 CZ   sing Y N 214 
PHE CE2 HE2  sing N N 215 
PHE CZ  HZ   sing N N 216 
PHE OXT HXT  sing N N 217 
PRO N   CA   sing N N 218 
PRO N   CD   sing N N 219 
PRO N   H    sing N N 220 
PRO CA  C    sing N N 221 
PRO CA  CB   sing N N 222 
PRO CA  HA   sing N N 223 
PRO C   O    doub N N 224 
PRO C   OXT  sing N N 225 
PRO CB  CG   sing N N 226 
PRO CB  HB2  sing N N 227 
PRO CB  HB3  sing N N 228 
PRO CG  CD   sing N N 229 
PRO CG  HG2  sing N N 230 
PRO CG  HG3  sing N N 231 
PRO CD  HD2  sing N N 232 
PRO CD  HD3  sing N N 233 
PRO OXT HXT  sing N N 234 
SER N   CA   sing N N 235 
SER N   H    sing N N 236 
SER N   H2   sing N N 237 
SER CA  C    sing N N 238 
SER CA  CB   sing N N 239 
SER CA  HA   sing N N 240 
SER C   O    doub N N 241 
SER C   OXT  sing N N 242 
SER CB  OG   sing N N 243 
SER CB  HB2  sing N N 244 
SER CB  HB3  sing N N 245 
SER OG  HG   sing N N 246 
SER OXT HXT  sing N N 247 
THR N   CA   sing N N 248 
THR N   H    sing N N 249 
THR N   H2   sing N N 250 
THR CA  C    sing N N 251 
THR CA  CB   sing N N 252 
THR CA  HA   sing N N 253 
THR C   O    doub N N 254 
THR C   OXT  sing N N 255 
THR CB  OG1  sing N N 256 
THR CB  CG2  sing N N 257 
THR CB  HB   sing N N 258 
THR OG1 HG1  sing N N 259 
THR CG2 HG21 sing N N 260 
THR CG2 HG22 sing N N 261 
THR CG2 HG23 sing N N 262 
THR OXT HXT  sing N N 263 
TRP N   CA   sing N N 264 
TRP N   H    sing N N 265 
TRP N   H2   sing N N 266 
TRP CA  C    sing N N 267 
TRP CA  CB   sing N N 268 
TRP CA  HA   sing N N 269 
TRP C   O    doub N N 270 
TRP C   OXT  sing N N 271 
TRP CB  CG   sing N N 272 
TRP CB  HB2  sing N N 273 
TRP CB  HB3  sing N N 274 
TRP CG  CD1  doub Y N 275 
TRP CG  CD2  sing Y N 276 
TRP CD1 NE1  sing Y N 277 
TRP CD1 HD1  sing N N 278 
TRP CD2 CE2  doub Y N 279 
TRP CD2 CE3  sing Y N 280 
TRP NE1 CE2  sing Y N 281 
TRP NE1 HE1  sing N N 282 
TRP CE2 CZ2  sing Y N 283 
TRP CE3 CZ3  doub Y N 284 
TRP CE3 HE3  sing N N 285 
TRP CZ2 CH2  doub Y N 286 
TRP CZ2 HZ2  sing N N 287 
TRP CZ3 CH2  sing Y N 288 
TRP CZ3 HZ3  sing N N 289 
TRP CH2 HH2  sing N N 290 
TRP OXT HXT  sing N N 291 
TYR N   CA   sing N N 292 
TYR N   H    sing N N 293 
TYR N   H2   sing N N 294 
TYR CA  C    sing N N 295 
TYR CA  CB   sing N N 296 
TYR CA  HA   sing N N 297 
TYR C   O    doub N N 298 
TYR C   OXT  sing N N 299 
TYR CB  CG   sing N N 300 
TYR CB  HB2  sing N N 301 
TYR CB  HB3  sing N N 302 
TYR CG  CD1  doub Y N 303 
TYR CG  CD2  sing Y N 304 
TYR CD1 CE1  sing Y N 305 
TYR CD1 HD1  sing N N 306 
TYR CD2 CE2  doub Y N 307 
TYR CD2 HD2  sing N N 308 
TYR CE1 CZ   doub Y N 309 
TYR CE1 HE1  sing N N 310 
TYR CE2 CZ   sing Y N 311 
TYR CE2 HE2  sing N N 312 
TYR CZ  OH   sing N N 313 
TYR OH  HH   sing N N 314 
TYR OXT HXT  sing N N 315 
VAL N   CA   sing N N 316 
VAL N   H    sing N N 317 
VAL N   H2   sing N N 318 
VAL CA  C    sing N N 319 
VAL CA  CB   sing N N 320 
VAL CA  HA   sing N N 321 
VAL C   O    doub N N 322 
VAL C   OXT  sing N N 323 
VAL CB  CG1  sing N N 324 
VAL CB  CG2  sing N N 325 
VAL CB  HB   sing N N 326 
VAL CG1 HG11 sing N N 327 
VAL CG1 HG12 sing N N 328 
VAL CG1 HG13 sing N N 329 
VAL CG2 HG21 sing N N 330 
VAL CG2 HG22 sing N N 331 
VAL CG2 HG23 sing N N 332 
VAL OXT HXT  sing N N 333 
# 
_atom_sites.entry_id                    5SVI 
_atom_sites.fract_transf_matrix[1][1]   0.03476896 
_atom_sites.fract_transf_matrix[1][2]   -0.01483396 
_atom_sites.fract_transf_matrix[1][3]   -0.00099891 
_atom_sites.fract_transf_matrix[2][1]   -0.00271462 
_atom_sites.fract_transf_matrix[2][2]   -0.00612539 
_atom_sites.fract_transf_matrix[2][3]   -0.03315432 
_atom_sites.fract_transf_matrix[3][1]   0.01134325 
_atom_sites.fract_transf_matrix[3][2]   0.02277188 
_atom_sites.fract_transf_matrix[3][3]   -0.01425668 
_atom_sites.fract_transf_vector[1]      -1.562196 
_atom_sites.fract_transf_vector[2]      0.458033 
_atom_sites.fract_transf_vector[3]      -1.712959 
# 
loop_
_atom_type.symbol 
C  
N  
O  
S  
ZN 
# 
loop_
_atom_site.group_PDB 
_atom_site.id 
_atom_site.type_symbol 
_atom_site.label_atom_id 
_atom_site.label_alt_id 
_atom_site.label_comp_id 
_atom_site.label_asym_id 
_atom_site.label_entity_id 
_atom_site.label_seq_id 
_atom_site.pdbx_PDB_ins_code 
_atom_site.Cartn_x 
_atom_site.Cartn_y 
_atom_site.Cartn_z 
_atom_site.occupancy 
_atom_site.B_iso_or_equiv 
_atom_site.pdbx_formal_charge 
_atom_site.auth_seq_id 
_atom_site.auth_comp_id 
_atom_site.auth_asym_id 
_atom_site.auth_atom_id 
_atom_site.pdbx_PDB_model_num 
ATOM   1    N  N   . SER A 1 5  ? -3.065  8.509   4.037   0.49 32.46 ? 0   SER A N   1 
ATOM   2    C  CA  . SER A 1 5  ? -2.037  8.872   3.079   0.99 29.45 ? 0   SER A CA  1 
ATOM   3    C  C   . SER A 1 5  ? -2.595  9.436   1.787   0.55 28.82 ? 0   SER A C   1 
ATOM   4    O  O   . SER A 1 5  ? -3.175  10.525  1.784   0.22 29.43 ? 0   SER A O   1 
ATOM   5    N  N   . ASP A 1 6  ? -2.414  8.717   0.679   0.64 29.77 ? 407 ASP A N   1 
ATOM   6    C  CA  . ASP A 1 6  ? -1.646  7.484   0.642   0.78 27.08 ? 407 ASP A CA  1 
ATOM   7    C  C   . ASP A 1 6  ? -0.522  7.675   -0.375  0.60 26.85 ? 407 ASP A C   1 
ATOM   8    O  O   . ASP A 1 6  ? -0.770  8.143   -1.486  0.78 26.05 ? 407 ASP A O   1 
ATOM   9    C  CB  . ASP A 1 6  ? -2.545  6.286   0.283   0.58 28.18 ? 407 ASP A CB  1 
ATOM   10   C  CG  . ASP A 1 6  ? -2.950  6.243   -1.197  1.00 26.92 ? 407 ASP A CG  1 
ATOM   11   O  OD1 . ASP A 1 6  ? -3.566  7.197   -1.719  0.60 26.89 ? 407 ASP A OD1 1 
ATOM   12   O  OD2 . ASP A 1 6  ? -2.667  5.216   -1.842  0.10 25.82 ? 407 ASP A OD2 1 
ATOM   13   N  N   . GLN A 1 7  ? 0.720   7.392   0.010   0.76 24.44 ? 408 GLN A N   1 
ATOM   14   C  CA  . GLN A 1 7  ? 1.853   7.548   -0.913  1.00 22.00 ? 408 GLN A CA  1 
ATOM   15   C  C   . GLN A 1 7  ? 2.032   6.254   -1.692  1.00 21.74 ? 408 GLN A C   1 
ATOM   16   O  O   . GLN A 1 7  ? 2.196   5.200   -1.100  0.80 21.34 ? 408 GLN A O   1 
ATOM   17   C  CB  . GLN A 1 7  ? 3.137   7.860   -0.133  1.00 22.48 ? 408 GLN A CB  1 
ATOM   18   C  CG  . GLN A 1 7  ? 4.388   7.918   -1.002  1.00 21.70 ? 408 GLN A CG  1 
ATOM   19   C  CD  . GLN A 1 7  ? 4.381   9.112   -1.915  0.91 23.28 ? 408 GLN A CD  1 
ATOM   20   O  OE1 . GLN A 1 7  ? 4.347   10.248  -1.448  0.94 23.82 ? 408 GLN A OE1 1 
ATOM   21   N  NE2 . GLN A 1 7  ? 4.425   8.870   -3.228  0.92 22.72 ? 408 GLN A NE2 1 
ATOM   22   N  N   . THR A 1 8  ? 2.025   6.344   -3.020  1.00 22.05 ? 409 THR A N   1 
ATOM   23   C  CA  . THR A 1 8  ? 2.323   5.193   -3.870  1.00 20.33 ? 409 THR A CA  1 
ATOM   24   C  C   . THR A 1 8  ? 3.824   4.980   -3.956  0.98 21.15 ? 409 THR A C   1 
ATOM   25   O  O   . THR A 1 8  ? 4.569   5.934   -4.186  1.00 20.19 ? 409 THR A O   1 
ATOM   26   C  CB  . THR A 1 8  ? 1.841   5.418   -5.309  0.94 24.65 ? 409 THR A CB  1 
ATOM   27   O  OG1 . THR A 1 8  ? 0.449   5.723   -5.300  1.00 26.03 ? 409 THR A OG1 1 
ATOM   28   C  CG2 . THR A 1 8  ? 2.086   4.179   -6.161  1.00 24.96 ? 409 THR A CG2 1 
ATOM   29   N  N   . TRP A 1 9  ? 4.255   3.732   -3.766  0.99 19.75 ? 410 TRP A N   1 
ATOM   30   C  CA  . TRP A 1 9  ? 5.644   3.334   -4.000  0.91 19.42 ? 410 TRP A CA  1 
ATOM   31   C  C   . TRP A 1 9  ? 5.674   2.239   -5.057  0.90 20.51 ? 410 TRP A C   1 
ATOM   32   O  O   . TRP A 1 9  ? 4.791   1.383   -5.091  1.00 21.22 ? 410 TRP A O   1 
ATOM   33   C  CB  . TRP A 1 9  ? 6.265   2.765   -2.722  1.00 18.48 ? 410 TRP A CB  1 
ATOM   34   C  CG  . TRP A 1 9  ? 6.292   3.694   -1.542  1.00 19.05 ? 410 TRP A CG  1 
ATOM   35   C  CD1 . TRP A 1 9  ? 5.242   4.019   -0.720  1.00 17.04 ? 410 TRP A CD1 1 
ATOM   36   C  CD2 . TRP A 1 9  ? 7.443   4.366   -1.015  0.91 19.28 ? 410 TRP A CD2 1 
ATOM   37   N  NE1 . TRP A 1 9  ? 5.674   4.876   0.268   0.86 20.70 ? 410 TRP A NE1 1 
ATOM   38   C  CE2 . TRP A 1 9  ? 7.015   5.113   0.104   0.87 20.64 ? 410 TRP A CE2 1 
ATOM   39   C  CE3 . TRP A 1 9  ? 8.788   4.431   -1.396  0.98 19.92 ? 410 TRP A CE3 1 
ATOM   40   C  CZ2 . TRP A 1 9  ? 7.894   5.903   0.856   0.98 24.15 ? 410 TRP A CZ2 1 
ATOM   41   C  CZ3 . TRP A 1 9  ? 9.656   5.227   -0.653  1.00 20.43 ? 410 TRP A CZ3 1 
ATOM   42   C  CH2 . TRP A 1 9  ? 9.203   5.946   0.461   1.00 21.93 ? 410 TRP A CH2 1 
ATOM   43   N  N   . VAL A 1 10 ? 6.702   2.243   -5.898  1.00 19.68 ? 411 VAL A N   1 
ATOM   44   C  CA  . VAL A 1 10 ? 6.903   1.146   -6.826  0.96 19.60 ? 411 VAL A CA  1 
ATOM   45   C  C   . VAL A 1 10 ? 8.280   0.534   -6.577  0.94 17.92 ? 411 VAL A C   1 
ATOM   46   O  O   . VAL A 1 10 ? 9.226   1.237   -6.192  0.98 17.21 ? 411 VAL A O   1 
ATOM   47   C  CB  . VAL A 1 10 ? 6.749   1.622   -8.276  0.97 19.13 ? 411 VAL A CB  1 
ATOM   48   C  CG1 . VAL A 1 10 ? 7.806   2.670   -8.604  1.00 18.17 ? 411 VAL A CG1 1 
ATOM   49   C  CG2 . VAL A 1 10 ? 6.814   0.434   -9.253  1.00 19.65 ? 411 VAL A CG2 1 
ATOM   50   N  N   . GLN A 1 11 ? 8.385   -0.781  -6.744  1.00 18.30 ? 412 GLN A N   1 
ATOM   51   C  CA  . GLN A 1 11 ? 9.659   -1.456  -6.514  1.00 18.95 ? 412 GLN A CA  1 
ATOM   52   C  C   . GLN A 1 11 ? 10.443  -1.617  -7.810  1.00 18.23 ? 412 GLN A C   1 
ATOM   53   O  O   . GLN A 1 11 ? 9.905   -2.083  -8.823  0.85 16.74 ? 412 GLN A O   1 
ATOM   54   C  CB  . GLN A 1 11 ? 9.437   -2.832  -5.892  0.77 19.84 ? 412 GLN A CB  1 
ATOM   55   C  CG  . GLN A 1 11 ? 10.743  -3.506  -5.524  0.85 19.07 ? 412 GLN A CG  1 
ATOM   56   C  CD  . GLN A 1 11 ? 10.558  -4.807  -4.779  0.89 20.60 ? 412 GLN A CD  1 
ATOM   57   O  OE1 . GLN A 1 11 ? 9.762   -5.649  -5.183  0.98 22.91 ? 412 GLN A OE1 1 
ATOM   58   N  NE2 . GLN A 1 11 ? 11.307  -4.986  -3.689  0.82 20.89 ? 412 GLN A NE2 1 
ATOM   59   N  N   . CYS A 1 12 ? 11.711  -1.224  -7.785  1.00 17.95 ? 413 CYS A N   1 
ATOM   60   C  CA  . CYS A 1 12 ? 12.565  -1.417  -8.936  1.00 18.55 ? 413 CYS A CA  1 
ATOM   61   C  C   . CYS A 1 12 ? 12.853  -2.901  -9.101  0.91 19.46 ? 413 CYS A C   1 
ATOM   62   O  O   . CYS A 1 12 ? 13.259  -3.573  -8.152  1.00 19.15 ? 413 CYS A O   1 
ATOM   63   C  CB  . CYS A 1 12 ? 13.873  -0.639  -8.759  0.99 18.74 ? 413 CYS A CB  1 
ATOM   64   S  SG  . CYS A 1 12 ? 15.080  -0.932  -10.071 0.98 18.28 ? 413 CYS A SG  1 
ATOM   65   N  N   . ASP A 1 13 ? 12.648  -3.414  -10.309 0.86 18.76 ? 414 ASP A N   1 
ATOM   66   C  CA  . ASP A 1 13 ? 12.872  -4.832  -10.552 1.00 20.69 ? 414 ASP A CA  1 
ATOM   67   C  C   . ASP A 1 13 ? 14.355  -5.219  -10.654 0.69 22.47 ? 414 ASP A C   1 
ATOM   68   O  O   . ASP A 1 13 ? 14.691  -6.400  -10.577 0.94 25.02 ? 414 ASP A O   1 
ATOM   69   C  CB  . ASP A 1 13 ? 12.049  -5.310  -11.756 1.00 22.85 ? 414 ASP A CB  1 
ATOM   70   C  CG  . ASP A 1 13 ? 10.573  -5.486  -11.414 0.77 24.28 ? 414 ASP A CG  1 
ATOM   71   O  OD1 . ASP A 1 13 ? 10.255  -6.400  -10.624 0.53 27.07 ? 414 ASP A OD1 1 
ATOM   72   O  OD2 . ASP A 1 13 ? 9.719   -4.730  -11.925 0.87 25.13 ? 414 ASP A OD2 1 
ATOM   73   N  N   . ALA A 1 14 ? 15.239  -4.234  -10.795 1.00 20.24 ? 415 ALA A N   1 
ATOM   74   C  CA  . ALA A 1 14 ? 16.681  -4.512  -10.791 1.00 21.03 ? 415 ALA A CA  1 
ATOM   75   C  C   . ALA A 1 14 ? 17.308  -4.463  -9.400  0.83 21.30 ? 415 ALA A C   1 
ATOM   76   O  O   . ALA A 1 14 ? 18.044  -5.371  -9.029  0.72 21.12 ? 415 ALA A O   1 
ATOM   77   C  CB  . ALA A 1 14 ? 17.439  -3.573  -11.748 0.95 22.90 ? 415 ALA A CB  1 
ATOM   78   N  N   . CYS A 1 15 ? 17.040  -3.408  -8.632  1.00 18.70 ? 416 CYS A N   1 
ATOM   79   C  CA  . CYS A 1 15 ? 17.738  -3.225  -7.355  1.00 19.43 ? 416 CYS A CA  1 
ATOM   80   C  C   . CYS A 1 15 ? 16.864  -3.498  -6.119  1.00 19.87 ? 416 CYS A C   1 
ATOM   81   O  O   . CYS A 1 15 ? 17.368  -3.562  -4.994  0.77 19.49 ? 416 CYS A O   1 
ATOM   82   C  CB  . CYS A 1 15 ? 18.360  -1.820  -7.281  0.96 20.39 ? 416 CYS A CB  1 
ATOM   83   S  SG  . CYS A 1 15 ? 17.171  -0.480  -6.942  0.92 18.83 ? 416 CYS A SG  1 
ATOM   84   N  N   . LEU A 1 16 ? 15.563  -3.654  -6.350  0.94 19.00 ? 417 LEU A N   1 
ATOM   85   C  CA  . LEU A 1 16 ? 14.572  -3.967  -5.311  0.95 18.90 ? 417 LEU A CA  1 
ATOM   86   C  C   . LEU A 1 16 ? 14.223  -2.837  -4.333  1.00 19.97 ? 417 LEU A C   1 
ATOM   87   O  O   . LEU A 1 16 ? 13.437  -3.034  -3.408  0.81 18.90 ? 417 LEU A O   1 
ATOM   88   C  CB  . LEU A 1 16 ? 14.930  -5.261  -4.561  0.93 20.06 ? 417 LEU A CB  1 
ATOM   89   C  CG  . LEU A 1 16 ? 15.039  -6.469  -5.501  1.00 20.62 ? 417 LEU A CG  1 
ATOM   90   C  CD1 . LEU A 1 16 ? 15.522  -7.726  -4.777  0.72 23.40 ? 417 LEU A CD1 1 
ATOM   91   C  CD2 . LEU A 1 16 ? 13.722  -6.739  -6.186  0.82 21.47 ? 417 LEU A CD2 1 
ATOM   92   N  N   . LYS A 1 17 ? 14.779  -1.653  -4.557  1.00 18.12 ? 418 LYS A N   1 
ATOM   93   C  CA  . LYS A 1 17 ? 14.422  -0.496  -3.749  1.00 18.56 ? 418 LYS A CA  1 
ATOM   94   C  C   . LYS A 1 17 ? 13.027  -0.016  -4.091  1.00 18.80 ? 418 LYS A C   1 
ATOM   95   O  O   . LYS A 1 17 ? 12.578  -0.180  -5.221  0.94 18.58 ? 418 LYS A O   1 
ATOM   96   C  CB  . LYS A 1 17 ? 15.388  0.646   -4.032  0.86 18.79 ? 418 LYS A CB  1 
ATOM   97   C  CG  . LYS A 1 17 ? 16.799  0.378   -3.554  1.00 18.82 ? 418 LYS A CG  1 
ATOM   98   C  CD  . LYS A 1 17 ? 17.672  1.595   -3.817  0.89 18.85 ? 418 LYS A CD  1 
ATOM   99   C  CE  . LYS A 1 17 ? 19.092  1.356   -3.374  0.77 22.07 ? 418 LYS A CE  1 
ATOM   100  N  NZ  . LYS A 1 17 ? 19.772  0.447   -4.315  0.99 22.41 ? 418 LYS A NZ  1 
ATOM   101  N  N   . TRP A 1 18 ? 12.357  0.605   -3.126  1.00 18.54 ? 419 TRP A N   1 
ATOM   102  C  CA  . TRP A 1 18 ? 11.039  1.181   -3.370  0.65 18.35 ? 419 TRP A CA  1 
ATOM   103  C  C   . TRP A 1 18 ? 11.171  2.676   -3.663  1.00 16.80 ? 419 TRP A C   1 
ATOM   104  O  O   . TRP A 1 18 ? 11.878  3.377   -2.954  0.82 19.21 ? 419 TRP A O   1 
ATOM   105  C  CB  . TRP A 1 18 ? 10.128  0.959   -2.159  1.00 17.76 ? 419 TRP A CB  1 
ATOM   106  C  CG  . TRP A 1 18 ? 9.790   -0.460  -1.901  0.93 19.59 ? 419 TRP A CG  1 
ATOM   107  C  CD1 . TRP A 1 18 ? 10.483  -1.339  -1.114  1.00 21.24 ? 419 TRP A CD1 1 
ATOM   108  C  CD2 . TRP A 1 18 ? 8.651   -1.183  -2.400  0.89 18.80 ? 419 TRP A CD2 1 
ATOM   109  N  NE1 . TRP A 1 18 ? 9.853   -2.564  -1.112  0.95 19.93 ? 419 TRP A NE1 1 
ATOM   110  C  CE2 . TRP A 1 18 ? 8.732   -2.488  -1.894  0.61 20.35 ? 419 TRP A CE2 1 
ATOM   111  C  CE3 . TRP A 1 18 ? 7.587   -0.838  -3.245  0.95 19.05 ? 419 TRP A CE3 1 
ATOM   112  C  CZ2 . TRP A 1 18 ? 7.769   -3.460  -2.194  0.85 21.65 ? 419 TRP A CZ2 1 
ATOM   113  C  CZ3 . TRP A 1 18 ? 6.641   -1.811  -3.543  1.00 20.66 ? 419 TRP A CZ3 1 
ATOM   114  C  CH2 . TRP A 1 18 ? 6.742   -3.099  -3.023  1.00 20.98 ? 419 TRP A CH2 1 
ATOM   115  N  N   . ARG A 1 19 ? 10.487  3.145   -4.704  1.00 17.74 ? 420 ARG A N   1 
ATOM   116  C  CA  . ARG A 1 19 ? 10.553  4.543   -5.142  1.00 18.15 ? 420 ARG A CA  1 
ATOM   117  C  C   . ARG A 1 19 ? 9.176   5.164   -5.087  0.84 19.13 ? 420 ARG A C   1 
ATOM   118  O  O   . ARG A 1 19 ? 8.198   4.545   -5.521  0.83 18.89 ? 420 ARG A O   1 
ATOM   119  C  CB  . ARG A 1 19 ? 11.008  4.618   -6.597  0.96 19.08 ? 420 ARG A CB  1 
ATOM   120  C  CG  . ARG A 1 19 ? 12.403  4.080   -6.869  0.93 16.41 ? 420 ARG A CG  1 
ATOM   121  C  CD  . ARG A 1 19 ? 13.396  4.568   -5.838  1.00 17.33 ? 420 ARG A CD  1 
ATOM   122  N  NE  . ARG A 1 19 ? 14.773  4.350   -6.294  0.97 17.92 ? 420 ARG A NE  1 
ATOM   123  C  CZ  . ARG A 1 19 ? 15.859  4.667   -5.603  1.00 17.96 ? 420 ARG A CZ  1 
ATOM   124  N  NH1 . ARG A 1 19 ? 15.775  5.241   -4.407  1.00 17.95 ? 420 ARG A NH1 1 
ATOM   125  N  NH2 . ARG A 1 19 ? 17.042  4.411   -6.121  0.93 18.07 ? 420 ARG A NH2 1 
ATOM   126  N  N   . LYS A 1 20 ? 9.091   6.390   -4.579  0.90 18.67 ? 421 LYS A N   1 
ATOM   127  C  CA  . LYS A 1 20 ? 7.818   7.112   -4.562  0.98 19.23 ? 421 LYS A CA  1 
ATOM   128  C  C   . LYS A 1 20 ? 7.390   7.465   -5.981  0.96 19.28 ? 421 LYS A C   1 
ATOM   129  O  O   . LYS A 1 20 ? 8.234   7.851   -6.813  0.84 19.78 ? 421 LYS A O   1 
ATOM   130  C  CB  . LYS A 1 20 ? 7.943   8.407   -3.742  0.99 20.18 ? 421 LYS A CB  1 
ATOM   131  C  CG  . LYS A 1 20 ? 8.209   8.197   -2.263  1.00 20.67 ? 421 LYS A CG  1 
ATOM   132  C  CD  . LYS A 1 20 ? 8.065   9.527   -1.507  1.00 23.67 ? 421 LYS A CD  1 
ATOM   133  C  CE  . LYS A 1 20 ? 8.567   9.406   -0.076  0.74 25.57 ? 421 LYS A CE  1 
ATOM   134  N  NZ  . LYS A 1 20 ? 8.335   10.651  0.710   0.92 28.02 ? 421 LYS A NZ  1 
ATOM   135  N  N   . LEU A 1 21 ? 6.097   7.318   -6.265  1.00 20.10 ? 422 LEU A N   1 
ATOM   136  C  CA  . LEU A 1 21 ? 5.519   7.825   -7.514  1.00 20.60 ? 422 LEU A CA  1 
ATOM   137  C  C   . LEU A 1 21 ? 4.499   8.936   -7.244  0.88 22.39 ? 422 LEU A C   1 
ATOM   138  O  O   . LEU A 1 21 ? 3.899   8.996   -6.165  0.94 23.13 ? 422 LEU A O   1 
ATOM   139  C  CB  . LEU A 1 21 ? 4.843   6.703   -8.305  1.00 21.36 ? 422 LEU A CB  1 
ATOM   140  C  CG  . LEU A 1 21 ? 5.726   5.609   -8.895  0.99 23.03 ? 422 LEU A CG  1 
ATOM   141  C  CD1 . LEU A 1 21 ? 4.878   4.626   -9.673  1.00 24.33 ? 422 LEU A CD1 1 
ATOM   142  C  CD2 . LEU A 1 21 ? 6.795   6.214   -9.780  0.90 21.71 ? 422 LEU A CD2 1 
ATOM   143  N  N   . PRO A 1 22 ? 4.290   9.819   -8.229  0.92 24.15 ? 423 PRO A N   1 
ATOM   144  C  CA  . PRO A 1 22 ? 3.199   10.797  -8.136  1.00 24.08 ? 423 PRO A CA  1 
ATOM   145  C  C   . PRO A 1 22 ? 1.845   10.106  -7.960  1.00 22.77 ? 423 PRO A C   1 
ATOM   146  O  O   . PRO A 1 22 ? 1.668   8.982   -8.447  1.00 24.84 ? 423 PRO A O   1 
ATOM   147  C  CB  . PRO A 1 22 ? 3.242   11.492  -9.502  0.93 22.59 ? 423 PRO A CB  1 
ATOM   148  C  CG  . PRO A 1 22 ? 4.647   11.345  -9.958  0.71 22.75 ? 423 PRO A CG  1 
ATOM   149  C  CD  . PRO A 1 22 ? 5.102   10.009  -9.444  1.00 21.74 ? 423 PRO A CD  1 
ATOM   150  N  N   . ASP A 1 23 ? 0.910   10.752  -7.260  1.00 23.53 ? 424 ASP A N   1 
ATOM   151  C  CA  . ASP A 1 23 ? -0.438  10.198  -7.143  1.00 24.33 ? 424 ASP A CA  1 
ATOM   152  C  C   . ASP A 1 23 ? -1.079  10.044  -8.516  1.00 24.80 ? 424 ASP A C   1 
ATOM   153  O  O   . ASP A 1 23 ? -0.871  10.878  -9.411  0.93 24.20 ? 424 ASP A O   1 
ATOM   154  C  CB  . ASP A 1 23 ? -1.350  11.069  -6.277  1.00 23.35 ? 424 ASP A CB  1 
ATOM   155  C  CG  . ASP A 1 23 ? -0.865  11.216  -4.857  0.81 26.00 ? 424 ASP A CG  1 
ATOM   156  O  OD1 . ASP A 1 23 ? 0.008   10.437  -4.413  0.87 26.55 ? 424 ASP A OD1 1 
ATOM   157  O  OD2 . ASP A 1 23 ? -1.376  12.128  -4.174  0.92 24.94 ? 424 ASP A OD2 1 
ATOM   158  N  N   . GLY A 1 24 ? -1.825  8.952   -8.683  1.00 24.52 ? 425 GLY A N   1 
ATOM   159  C  CA  . GLY A 1 24 ? -2.635  8.739   -9.865  0.85 25.85 ? 425 GLY A CA  1 
ATOM   160  C  C   . GLY A 1 24 ? -1.961  8.094   -11.065 0.80 27.54 ? 425 GLY A C   1 
ATOM   161  O  O   . GLY A 1 24 ? -2.548  8.069   -12.142 0.89 26.28 ? 425 GLY A O   1 
ATOM   162  N  N   . MET A 1 25 ? -0.735  7.595   -10.905 0.81 29.07 ? 426 MET A N   1 
ATOM   163  C  CA  . MET A 1 25 ? -0.050  6.929   -12.016 1.00 28.72 ? 426 MET A CA  1 
ATOM   164  C  C   . MET A 1 25 ? -0.543  5.503   -12.209 1.00 33.17 ? 426 MET A C   1 
ATOM   165  O  O   . MET A 1 25 ? -1.648  5.287   -12.701 1.00 34.69 ? 426 MET A O   1 
ATOM   166  C  CB  . MET A 1 25 ? 1.459   6.914   -11.799 0.82 30.17 ? 426 MET A CB  1 
ATOM   167  C  CG  . MET A 1 25 ? 2.089   8.257   -11.930 1.00 28.43 ? 426 MET A CG  1 
ATOM   168  S  SD  . MET A 1 25 ? 3.879   8.140   -11.975 0.41 26.99 ? 426 MET A SD  1 
ATOM   169  C  CE  . MET A 1 25 ? 4.139   7.078   -13.375 1.00 28.77 ? 426 MET A CE  1 
ATOM   170  N  N   . LEU A 1 28 ? 1.143   1.522   -15.503 0.62 31.83 ? 429 LEU A N   1 
ATOM   171  C  CA  . LEU A 1 28 ? 2.567   1.239   -15.313 0.99 28.05 ? 429 LEU A CA  1 
ATOM   172  C  C   . LEU A 1 28 ? 2.944   -0.064  -16.006 0.82 28.88 ? 429 LEU A C   1 
ATOM   173  O  O   . LEU A 1 28 ? 2.112   -0.964  -16.132 0.63 30.25 ? 429 LEU A O   1 
ATOM   174  C  CB  . LEU A 1 28 ? 2.889   1.134   -13.821 0.59 28.99 ? 429 LEU A CB  1 
ATOM   175  C  CG  . LEU A 1 28 ? 2.810   2.426   -13.013 0.93 28.63 ? 429 LEU A CG  1 
ATOM   176  C  CD1 . LEU A 1 28 ? 2.636   2.117   -11.540 0.87 29.15 ? 429 LEU A CD1 1 
ATOM   177  C  CD2 . LEU A 1 28 ? 4.053   3.267   -13.250 1.00 25.71 ? 429 LEU A CD2 1 
ATOM   178  N  N   . PRO A 1 29 ? 4.208   -0.176  -16.441 0.65 29.60 ? 430 PRO A N   1 
ATOM   179  C  CA  . PRO A 1 29 ? 4.677   -1.390  -17.119 0.72 29.84 ? 430 PRO A CA  1 
ATOM   180  C  C   . PRO A 1 29 ? 4.718   -2.591  -16.177 0.82 28.53 ? 430 PRO A C   1 
ATOM   181  O  O   . PRO A 1 29 ? 4.832   -2.410  -14.961 0.94 28.78 ? 430 PRO A O   1 
ATOM   182  C  CB  . PRO A 1 29 ? 6.104   -1.029  -17.541 1.00 28.58 ? 430 PRO A CB  1 
ATOM   183  C  CG  . PRO A 1 29 ? 6.230   0.452   -17.362 0.70 27.53 ? 430 PRO A CG  1 
ATOM   184  C  CD  . PRO A 1 29 ? 5.282   0.818   -16.282 1.00 26.69 ? 430 PRO A CD  1 
ATOM   185  N  N   . GLU A 1 30 ? 4.618   -3.797  -16.731 1.00 29.40 ? 431 GLU A N   1 
ATOM   186  C  CA  . GLU A 1 30 ? 4.779   -5.020  -15.944 0.75 29.68 ? 431 GLU A CA  1 
ATOM   187  C  C   . GLU A 1 30 ? 6.048   -4.973  -15.091 0.95 27.94 ? 431 GLU A C   1 
ATOM   188  O  O   . GLU A 1 30 ? 6.022   -5.266  -13.894 0.89 26.17 ? 431 GLU A O   1 
ATOM   189  C  CB  . GLU A 1 30 ? 4.819   -6.250  -16.857 0.89 31.35 ? 431 GLU A CB  1 
ATOM   190  C  CG  . GLU A 1 30 ? 5.280   -7.520  -16.148 0.82 32.18 ? 431 GLU A CG  1 
ATOM   191  C  CD  . GLU A 1 30 ? 4.329   -7.954  -15.046 0.69 33.98 ? 431 GLU A CD  1 
ATOM   192  O  OE1 . GLU A 1 30 ? 3.103   -7.949  -15.282 0.44 32.93 ? 431 GLU A OE1 1 
ATOM   193  O  OE2 . GLU A 1 30 ? 4.806   -8.296  -13.942 0.30 33.78 ? 431 GLU A OE2 1 
ATOM   194  N  N   . LYS A 1 31 ? 7.163   -4.604  -15.709 0.73 27.08 ? 432 LYS A N   1 
ATOM   195  C  CA  . LYS A 1 31 ? 8.404   -4.457  -14.965 0.73 26.36 ? 432 LYS A CA  1 
ATOM   196  C  C   . LYS A 1 31 ? 8.799   -2.985  -14.933 0.90 22.92 ? 432 LYS A C   1 
ATOM   197  O  O   . LYS A 1 31 ? 8.669   -2.290  -15.936 0.91 22.57 ? 432 LYS A O   1 
ATOM   198  C  CB  . LYS A 1 31 ? 9.514   -5.310  -15.592 1.00 27.28 ? 432 LYS A CB  1 
ATOM   199  C  CG  . LYS A 1 31 ? 9.223   -6.813  -15.517 0.97 29.24 ? 432 LYS A CG  1 
ATOM   200  C  CD  . LYS A 1 31 ? 10.445  -7.646  -15.870 0.61 32.97 ? 432 LYS A CD  1 
ATOM   201  C  CE  . LYS A 1 31 ? 10.413  -9.000  -15.166 0.60 31.64 ? 432 LYS A CE  1 
ATOM   202  N  NZ  . LYS A 1 31 ? 10.087  -10.146 -16.065 0.59 34.66 ? 432 LYS A NZ  1 
ATOM   203  N  N   . TRP A 1 32 ? 9.298   -2.526  -13.788 0.89 22.29 ? 433 TRP A N   1 
ATOM   204  C  CA  . TRP A 1 32 ? 9.631   -1.113  -13.595 0.95 19.40 ? 433 TRP A CA  1 
ATOM   205  C  C   . TRP A 1 32 ? 11.027  -0.981  -13.013 0.89 18.99 ? 433 TRP A C   1 
ATOM   206  O  O   . TRP A 1 32 ? 11.437  -1.775  -12.160 0.90 18.28 ? 433 TRP A O   1 
ATOM   207  C  CB  . TRP A 1 32 ? 8.614   -0.462  -12.657 1.00 17.91 ? 433 TRP A CB  1 
ATOM   208  C  CG  . TRP A 1 32 ? 8.728   1.015   -12.550 1.00 17.77 ? 433 TRP A CG  1 
ATOM   209  C  CD1 . TRP A 1 32 ? 8.018   1.945   -13.258 0.82 17.65 ? 433 TRP A CD1 1 
ATOM   210  C  CD2 . TRP A 1 32 ? 9.591   1.755   -11.668 0.86 17.33 ? 433 TRP A CD2 1 
ATOM   211  N  NE1 . TRP A 1 32 ? 8.395   3.218   -12.879 0.82 19.37 ? 433 TRP A NE1 1 
ATOM   212  C  CE2 . TRP A 1 32 ? 9.356   3.127   -11.905 0.99 18.80 ? 433 TRP A CE2 1 
ATOM   213  C  CE3 . TRP A 1 32 ? 10.553  1.389   -10.717 0.97 17.01 ? 433 TRP A CE3 1 
ATOM   214  C  CZ2 . TRP A 1 32 ? 10.039  4.129   -11.220 1.00 19.13 ? 433 TRP A CZ2 1 
ATOM   215  C  CZ3 . TRP A 1 32 ? 11.229  2.385   -10.036 0.90 17.48 ? 433 TRP A CZ3 1 
ATOM   216  C  CH2 . TRP A 1 32 ? 10.970  3.737   -10.286 1.00 18.51 ? 433 TRP A CH2 1 
ATOM   217  N  N   . TYR A 1 33 ? 11.766  0.020   -13.474 1.00 18.00 ? 434 TYR A N   1 
ATOM   218  C  CA  . TYR A 1 33 ? 13.135  0.199   -13.029 1.00 18.48 ? 434 TYR A CA  1 
ATOM   219  C  C   . TYR A 1 33 ? 13.334  1.642   -12.654 1.00 17.65 ? 434 TYR A C   1 
ATOM   220  O  O   . TYR A 1 33 ? 12.654  2.530   -13.189 0.97 18.44 ? 434 TYR A O   1 
ATOM   221  C  CB  . TYR A 1 33 ? 14.122  -0.155  -14.153 0.96 20.37 ? 434 TYR A CB  1 
ATOM   222  C  CG  . TYR A 1 33 ? 13.924  -1.545  -14.705 0.90 19.70 ? 434 TYR A CG  1 
ATOM   223  C  CD1 . TYR A 1 33 ? 14.483  -2.637  -14.060 1.00 19.95 ? 434 TYR A CD1 1 
ATOM   224  C  CD2 . TYR A 1 33 ? 13.184  -1.761  -15.864 1.00 19.87 ? 434 TYR A CD2 1 
ATOM   225  C  CE1 . TYR A 1 33 ? 14.316  -3.914  -14.551 1.00 23.06 ? 434 TYR A CE1 1 
ATOM   226  C  CE2 . TYR A 1 33 ? 12.989  -3.043  -16.353 0.83 21.95 ? 434 TYR A CE2 1 
ATOM   227  C  CZ  . TYR A 1 33 ? 13.569  -4.111  -15.687 0.62 24.66 ? 434 TYR A CZ  1 
ATOM   228  O  OH  . TYR A 1 33 ? 13.408  -5.395  -16.146 0.74 26.41 ? 434 TYR A OH  1 
ATOM   229  N  N   . CYS A 1 34 ? 14.279  1.885   -11.757 0.87 17.49 ? 435 CYS A N   1 
ATOM   230  C  CA  . CYS A 1 34 ? 14.642  3.249   -11.372 0.98 19.57 ? 435 CYS A CA  1 
ATOM   231  C  C   . CYS A 1 34 ? 14.823  4.184   -12.573 0.86 19.48 ? 435 CYS A C   1 
ATOM   232  O  O   . CYS A 1 34 ? 14.460  5.361   -12.511 0.83 18.89 ? 435 CYS A O   1 
ATOM   233  C  CB  . CYS A 1 34 ? 15.912  3.238   -10.503 0.87 19.89 ? 435 CYS A CB  1 
ATOM   234  S  SG  . CYS A 1 34 ? 15.684  2.514   -8.867  0.94 18.90 ? 435 CYS A SG  1 
ATOM   235  N  N   . SER A 1 35 ? 15.348  3.661   -13.678 0.92 20.36 ? 436 SER A N   1 
ATOM   236  C  CA  . SER A 1 35 ? 15.587  4.495   -14.848 0.93 21.37 ? 436 SER A CA  1 
ATOM   237  C  C   . SER A 1 35 ? 14.298  5.087   -15.429 1.00 20.34 ? 436 SER A C   1 
ATOM   238  O  O   . SER A 1 35 ? 14.342  6.066   -16.179 0.90 22.91 ? 436 SER A O   1 
ATOM   239  C  CB  . SER A 1 35 ? 16.340  3.710   -15.915 0.82 22.46 ? 436 SER A CB  1 
ATOM   240  O  OG  . SER A 1 35 ? 15.711  2.464   -16.152 0.92 23.56 ? 436 SER A OG  1 
ATOM   241  N  N   . ASN A 1 36 ? 13.155  4.503   -15.085 0.97 20.49 ? 437 ASN A N   1 
ATOM   242  C  CA  . ASN A 1 36 ? 11.874  4.993   -15.597 0.98 22.08 ? 437 ASN A CA  1 
ATOM   243  C  C   . ASN A 1 36 ? 11.254  6.053   -14.691 1.00 20.33 ? 437 ASN A C   1 
ATOM   244  O  O   . ASN A 1 36 ? 10.162  6.557   -14.979 0.79 21.60 ? 437 ASN A O   1 
ATOM   245  C  CB  . ASN A 1 36 ? 10.898  3.827   -15.737 0.63 21.26 ? 437 ASN A CB  1 
ATOM   246  C  CG  . ASN A 1 36 ? 10.051  3.924   -16.989 0.25 22.35 ? 437 ASN A CG  1 
ATOM   247  O  OD1 . ASN A 1 36 ? 9.834   5.010   -17.537 0.49 22.97 ? 437 ASN A OD1 1 
ATOM   248  N  ND2 . ASN A 1 36 ? 9.572   2.781   -17.453 0.50 22.17 ? 437 ASN A ND2 1 
ATOM   249  N  N   . ASN A 1 37 ? 11.942  6.394   -13.599 0.93 20.61 ? 438 ASN A N   1 
ATOM   250  C  CA  . ASN A 1 37 ? 11.403  7.350   -12.629 1.00 21.25 ? 438 ASN A CA  1 
ATOM   251  C  C   . ASN A 1 37 ? 11.175  8.748   -13.227 0.92 21.47 ? 438 ASN A C   1 
ATOM   252  O  O   . ASN A 1 37 ? 12.107  9.365   -13.778 1.00 20.92 ? 438 ASN A O   1 
ATOM   253  C  CB  . ASN A 1 37 ? 12.324  7.445   -11.410 1.00 21.17 ? 438 ASN A CB  1 
ATOM   254  C  CG  . ASN A 1 37 ? 11.607  7.932   -10.163 0.94 20.97 ? 438 ASN A CG  1 
ATOM   255  O  OD1 . ASN A 1 37 ? 10.701  8.779   -10.228 1.00 21.24 ? 438 ASN A OD1 1 
ATOM   256  N  ND2 . ASN A 1 37 ? 12.022  7.415   -9.009  1.00 19.81 ? 438 ASN A ND2 1 
ATOM   257  N  N   . PRO A 1 38 ? 9.941   9.262   -13.111 0.90 21.81 ? 439 PRO A N   1 
ATOM   258  C  CA  . PRO A 1 38 ? 9.667   10.645  -13.524 0.82 23.06 ? 439 PRO A CA  1 
ATOM   259  C  C   . PRO A 1 38 ? 10.492  11.675  -12.745 0.74 24.02 ? 439 PRO A C   1 
ATOM   260  O  O   . PRO A 1 38 ? 10.752  12.755  -13.272 0.61 24.52 ? 439 PRO A O   1 
ATOM   261  C  CB  . PRO A 1 38 ? 8.163   10.814  -13.233 1.00 23.16 ? 439 PRO A CB  1 
ATOM   262  C  CG  . PRO A 1 38 ? 7.809   9.724   -12.306 0.73 23.72 ? 439 PRO A CG  1 
ATOM   263  C  CD  . PRO A 1 38 ? 8.731   8.589   -12.606 0.88 21.55 ? 439 PRO A CD  1 
ATOM   264  N  N   . ASP A 1 39 ? 10.911  11.347  -11.524 1.00 20.80 ? 440 ASP A N   1 
ATOM   265  C  CA  . ASP A 1 39 ? 11.755  12.245  -10.722 1.00 21.62 ? 440 ASP A CA  1 
ATOM   266  C  C   . ASP A 1 39 ? 13.243  12.000  -11.005 0.74 21.65 ? 440 ASP A C   1 
ATOM   267  O  O   . ASP A 1 39 ? 13.770  10.944  -10.655 0.93 19.83 ? 440 ASP A O   1 
ATOM   268  C  CB  . ASP A 1 39 ? 11.490  11.991  -9.236  1.00 23.31 ? 440 ASP A CB  1 
ATOM   269  C  CG  . ASP A 1 39 ? 12.171  12.999  -8.331  0.96 23.69 ? 440 ASP A CG  1 
ATOM   270  O  OD1 . ASP A 1 39 ? 13.131  13.690  -8.763  1.00 22.98 ? 440 ASP A OD1 1 
ATOM   271  O  OD2 . ASP A 1 39 ? 11.754  13.087  -7.157  0.87 24.58 ? 440 ASP A OD2 1 
ATOM   272  N  N   . PRO A 1 40 ? 13.945  12.984  -11.601 0.99 21.73 ? 441 PRO A N   1 
ATOM   273  C  CA  . PRO A 1 40 ? 15.351  12.706  -11.928 1.00 23.02 ? 441 PRO A CA  1 
ATOM   274  C  C   . PRO A 1 40 ? 16.242  12.441  -10.717 0.98 23.13 ? 441 PRO A C   1 
ATOM   275  O  O   . PRO A 1 40 ? 17.351  11.934  -10.887 0.82 22.38 ? 441 PRO A O   1 
ATOM   276  C  CB  . PRO A 1 40 ? 15.822  13.980  -12.660 0.98 24.08 ? 441 PRO A CB  1 
ATOM   277  C  CG  . PRO A 1 40 ? 14.820  15.049  -12.279 0.79 22.07 ? 441 PRO A CG  1 
ATOM   278  C  CD  . PRO A 1 40 ? 13.513  14.328  -12.012 0.83 21.90 ? 441 PRO A CD  1 
ATOM   279  N  N   . GLN A 1 41 ? 15.792  12.783  -9.515  1.00 23.20 ? 442 GLN A N   1 
ATOM   280  C  CA  . GLN A 1 41 ? 16.617  12.534  -8.340  0.95 21.72 ? 442 GLN A CA  1 
ATOM   281  C  C   . GLN A 1 41 ? 16.694  11.046  -7.984  0.67 21.74 ? 442 GLN A C   1 
ATOM   282  O  O   . GLN A 1 41 ? 17.635  10.607  -7.321  0.70 21.16 ? 442 GLN A O   1 
ATOM   283  C  CB  . GLN A 1 41 ? 16.097  13.331  -7.141  0.86 23.57 ? 442 GLN A CB  1 
ATOM   284  C  CG  . GLN A 1 41 ? 16.106  14.838  -7.314  1.00 23.03 ? 442 GLN A CG  1 
ATOM   285  C  CD  . GLN A 1 41 ? 15.938  15.542  -5.984  0.92 27.01 ? 442 GLN A CD  1 
ATOM   286  O  OE1 . GLN A 1 41 ? 16.185  14.952  -4.925  0.74 24.75 ? 442 GLN A OE1 1 
ATOM   287  N  NE2 . GLN A 1 41 ? 15.508  16.795  -6.023  1.00 27.85 ? 442 GLN A NE2 1 
ATOM   288  N  N   . PHE A 1 42 ? 15.712  10.264  -8.421  1.00 21.61 ? 443 PHE A N   1 
ATOM   289  C  CA  . PHE A 1 42 ? 15.657  8.861   -8.009  1.00 18.40 ? 443 PHE A CA  1 
ATOM   290  C  C   . PHE A 1 42 ? 15.584  7.979   -9.234  0.79 20.52 ? 443 PHE A C   1 
ATOM   291  O  O   . PHE A 1 42 ? 14.786  7.044   -9.295  0.74 19.30 ? 443 PHE A O   1 
ATOM   292  C  CB  . PHE A 1 42 ? 14.464  8.613   -7.072  1.00 21.30 ? 443 PHE A CB  1 
ATOM   293  C  CG  . PHE A 1 42 ? 14.546  9.392   -5.790  0.78 20.99 ? 443 PHE A CG  1 
ATOM   294  C  CD1 . PHE A 1 42 ? 15.297  8.923   -4.727  0.91 20.13 ? 443 PHE A CD1 1 
ATOM   295  C  CD2 . PHE A 1 42 ? 13.901  10.609  -5.659  1.00 21.77 ? 443 PHE A CD2 1 
ATOM   296  C  CE1 . PHE A 1 42 ? 15.393  9.648   -3.544  1.00 18.68 ? 443 PHE A CE1 1 
ATOM   297  C  CE2 . PHE A 1 42 ? 13.989  11.342  -4.478  0.98 22.21 ? 443 PHE A CE2 1 
ATOM   298  C  CZ  . PHE A 1 42 ? 14.742  10.867  -3.427  1.00 19.79 ? 443 PHE A CZ  1 
ATOM   299  N  N   . ARG A 1 43 ? 16.444  8.289   -10.206 0.80 18.96 ? 444 ARG A N   1 
ATOM   300  C  CA  . ARG A 1 43 ? 16.404  7.657   -11.515 0.93 20.73 ? 444 ARG A CA  1 
ATOM   301  C  C   . ARG A 1 43 ? 17.614  6.733   -11.718 0.76 23.02 ? 444 ARG A C   1 
ATOM   302  O  O   . ARG A 1 43 ? 17.800  6.141   -12.780 0.65 23.93 ? 444 ARG A O   1 
ATOM   303  C  CB  . ARG A 1 43 ? 16.290  8.742   -12.595 0.98 21.45 ? 444 ARG A CB  1 
ATOM   304  C  CG  . ARG A 1 43 ? 15.709  8.300   -13.927 0.56 21.74 ? 444 ARG A CG  1 
ATOM   305  C  CD  . ARG A 1 43 ? 15.693  9.465   -14.916 0.97 24.12 ? 444 ARG A CD  1 
ATOM   306  N  NE  . ARG A 1 43 ? 14.481  10.269  -14.791 1.00 24.24 ? 444 ARG A NE  1 
ATOM   307  C  CZ  . ARG A 1 43 ? 14.326  11.475  -15.332 0.99 23.30 ? 444 ARG A CZ  1 
ATOM   308  N  NH1 . ARG A 1 43 ? 15.314  12.014  -16.043 1.00 23.62 ? 444 ARG A NH1 1 
ATOM   309  N  NH2 . ARG A 1 43 ? 13.183  12.131  -15.177 0.65 23.53 ? 444 ARG A NH2 1 
ATOM   310  N  N   . ASN A 1 44 ? 18.414  6.587   -10.667 0.98 21.95 ? 445 ASN A N   1 
ATOM   311  C  CA  . ASN A 1 44 ? 19.554  5.680   -10.695 0.92 20.65 ? 445 ASN A CA  1 
ATOM   312  C  C   . ASN A 1 44 ? 19.418  4.698   -9.533  0.64 20.65 ? 445 ASN A C   1 
ATOM   313  O  O   . ASN A 1 44 ? 19.034  5.101   -8.434  0.94 20.17 ? 445 ASN A O   1 
ATOM   314  C  CB  . ASN A 1 44 ? 20.861  6.493   -10.582 1.00 22.42 ? 445 ASN A CB  1 
ATOM   315  C  CG  . ASN A 1 44 ? 22.106  5.675   -10.886 0.58 22.45 ? 445 ASN A CG  1 
ATOM   316  O  OD1 . ASN A 1 44 ? 22.326  4.600   -10.322 0.66 19.81 ? 445 ASN A OD1 1 
ATOM   317  N  ND2 . ASN A 1 44 ? 22.941  6.194   -11.781 0.39 23.28 ? 445 ASN A ND2 1 
ATOM   318  N  N   . CYS A 1 45 ? 19.702  3.416   -9.771  0.99 20.32 ? 446 CYS A N   1 
ATOM   319  C  CA  . CYS A 1 45 ? 19.591  2.398   -8.722  1.00 17.72 ? 446 CYS A CA  1 
ATOM   320  C  C   . CYS A 1 45 ? 20.509  2.684   -7.539  0.93 20.17 ? 446 CYS A C   1 
ATOM   321  O  O   . CYS A 1 45 ? 20.285  2.176   -6.449  1.00 20.15 ? 446 CYS A O   1 
ATOM   322  C  CB  . CYS A 1 45 ? 19.914  1.006   -9.268  0.82 19.41 ? 446 CYS A CB  1 
ATOM   323  S  SG  . CYS A 1 45 ? 18.657  0.345   -10.358 0.92 18.89 ? 446 CYS A SG  1 
ATOM   324  N  N   . GLU A 1 46 ? 21.553  3.474   -7.766  0.88 20.55 ? 447 GLU A N   1 
ATOM   325  C  CA  . GLU A 1 46 ? 22.519  3.796   -6.714  1.00 20.60 ? 447 GLU A CA  1 
ATOM   326  C  C   . GLU A 1 46 ? 21.942  4.736   -5.645  0.90 21.18 ? 447 GLU A C   1 
ATOM   327  O  O   . GLU A 1 46 ? 22.456  4.793   -4.524  0.88 20.44 ? 447 GLU A O   1 
ATOM   328  C  CB  . GLU A 1 46 ? 23.781  4.411   -7.333  1.00 24.33 ? 447 GLU A CB  1 
ATOM   329  C  CG  . GLU A 1 46 ? 24.948  4.585   -6.376  0.33 23.34 ? 447 GLU A CG  1 
ATOM   330  C  CD  . GLU A 1 46 ? 25.254  3.313   -5.633  0.40 25.33 ? 447 GLU A CD  1 
ATOM   331  O  OE1 . GLU A 1 46 ? 25.365  2.252   -6.287  0.40 25.44 ? 447 GLU A OE1 1 
ATOM   332  O  OE2 . GLU A 1 46 ? 25.340  3.341   -4.383  0.40 26.27 ? 447 GLU A OE2 1 
ATOM   333  N  N   . VAL A 1 47 ? 20.881  5.479   -5.972  1.00 21.32 ? 448 VAL A N   1 
ATOM   334  C  CA  . VAL A 1 47 ? 20.315  6.414   -4.991  0.92 19.27 ? 448 VAL A CA  1 
ATOM   335  C  C   . VAL A 1 47 ? 19.640  5.659   -3.845  1.00 19.92 ? 448 VAL A C   1 
ATOM   336  O  O   . VAL A 1 47 ? 18.815  4.780   -4.090  0.95 18.26 ? 448 VAL A O   1 
ATOM   337  C  CB  . VAL A 1 47 ? 19.303  7.393   -5.641  1.00 17.05 ? 448 VAL A CB  1 
ATOM   338  C  CG1 . VAL A 1 47 ? 18.815  8.399   -4.608  1.00 18.52 ? 448 VAL A CG1 1 
ATOM   339  C  CG2 . VAL A 1 47 ? 19.962  8.110   -6.827  0.91 18.38 ? 448 VAL A CG2 1 
ATOM   340  N  N   . PRO A 1 48 ? 19.977  5.996   -2.590  0.91 20.51 ? 449 PRO A N   1 
ATOM   341  C  CA  . PRO A 1 48 ? 19.399  5.270   -1.450  1.00 18.87 ? 449 PRO A CA  1 
ATOM   342  C  C   . PRO A 1 48 ? 17.875  5.360   -1.393  0.97 19.98 ? 449 PRO A C   1 
ATOM   343  O  O   . PRO A 1 48 ? 17.314  6.377   -1.807  0.93 20.01 ? 449 PRO A O   1 
ATOM   344  C  CB  . PRO A 1 48 ? 19.992  6.006   -0.240  1.00 21.04 ? 449 PRO A CB  1 
ATOM   345  C  CG  . PRO A 1 48 ? 21.302  6.525   -0.742  1.00 19.31 ? 449 PRO A CG  1 
ATOM   346  C  CD  . PRO A 1 48 ? 21.051  6.919   -2.169  1.00 20.13 ? 449 PRO A CD  1 
ATOM   347  N  N   . GLU A 1 49 ? 17.220  4.334   -0.847  1.00 19.74 ? 450 GLU A N   1 
ATOM   348  C  CA  . GLU A 1 49 ? 15.762  4.320   -0.769  0.87 20.97 ? 450 GLU A CA  1 
ATOM   349  C  C   . GLU A 1 49 ? 15.312  5.372   0.246   0.87 20.03 ? 450 GLU A C   1 
ATOM   350  O  O   . GLU A 1 49 ? 15.897  5.478   1.318   0.72 20.28 ? 450 GLU A O   1 
ATOM   351  C  CB  . GLU A 1 49 ? 15.258  2.928   -0.358  0.77 21.46 ? 450 GLU A CB  1 
ATOM   352  C  CG  . GLU A 1 49 ? 13.728  2.834   -0.204  0.98 20.77 ? 450 GLU A CG  1 
ATOM   353  C  CD  . GLU A 1 49 ? 13.243  1.443   0.134   0.87 22.87 ? 450 GLU A CD  1 
ATOM   354  O  OE1 . GLU A 1 49 ? 13.735  0.486   -0.484  0.97 22.40 ? 450 GLU A OE1 1 
ATOM   355  O  OE2 . GLU A 1 49 ? 12.360  1.303   1.011   0.63 22.94 ? 450 GLU A OE2 1 
ATOM   356  N  N   . GLU A 1 50 ? 14.301  6.161   -0.119  0.93 21.69 ? 451 GLU A N   1 
ATOM   357  C  CA  . GLU A 1 50 ? 13.699  7.134   0.791   1.00 20.55 ? 451 GLU A CA  1 
ATOM   358  C  C   . GLU A 1 50 ? 12.978  6.420   1.920   0.66 23.46 ? 451 GLU A C   1 
ATOM   359  O  O   . GLU A 1 50 ? 12.374  5.364   1.714   0.96 23.81 ? 451 GLU A O   1 
ATOM   360  C  CB  . GLU A 1 50 ? 12.666  7.999   0.062   0.95 22.57 ? 451 GLU A CB  1 
ATOM   361  C  CG  . GLU A 1 50 ? 13.247  8.991   -0.906  0.91 22.40 ? 451 GLU A CG  1 
ATOM   362  C  CD  . GLU A 1 50 ? 12.242  10.042  -1.319  0.91 22.26 ? 451 GLU A CD  1 
ATOM   363  O  OE1 . GLU A 1 50 ? 11.490  9.803   -2.282  0.64 20.15 ? 451 GLU A OE1 1 
ATOM   364  O  OE2 . GLU A 1 50 ? 12.214  11.117  -0.690  0.48 22.58 ? 451 GLU A OE2 1 
ATOM   365  N  N   . PRO A 1 51 ? 13.014  7.007   3.121   1.00 23.02 ? 452 PRO A N   1 
ATOM   366  C  CA  . PRO A 1 51 ? 12.254  6.414   4.221   0.88 27.30 ? 452 PRO A CA  1 
ATOM   367  C  C   . PRO A 1 51 ? 10.754  6.694   4.076   1.00 26.03 ? 452 PRO A C   1 
ATOM   368  O  O   . PRO A 1 51 ? 10.347  7.606   3.352   0.98 26.06 ? 452 PRO A O   1 
ATOM   369  C  CB  . PRO A 1 51 ? 12.807  7.128   5.463   1.00 27.34 ? 452 PRO A CB  1 
ATOM   370  C  CG  . PRO A 1 51 ? 13.916  8.032   4.976   0.83 29.31 ? 452 PRO A CG  1 
ATOM   371  C  CD  . PRO A 1 51 ? 13.701  8.243   3.519   0.81 26.11 ? 452 PRO A CD  1 
ATOM   372  N  N   . GLU A 1 52 ? 9.945   5.891   4.759   1.00 27.46 ? 453 GLU A N   1 
ATOM   373  C  CA  . GLU A 1 52 ? 8.501   6.076   4.809   0.45 28.30 ? 453 GLU A CA  1 
ATOM   374  C  C   . GLU A 1 52 ? 8.161   7.225   5.755   0.98 32.66 ? 453 GLU A C   1 
ATOM   375  O  O   . GLU A 1 52 ? 9.049   7.777   6.419   1.00 32.51 ? 453 GLU A O   1 
ATOM   376  C  CB  . GLU A 1 52 ? 7.834   4.776   5.278   0.96 30.33 ? 453 GLU A CB  1 
ATOM   377  C  CG  . GLU A 1 52 ? 6.330   4.707   5.089   0.64 28.54 ? 453 GLU A CG  1 
ATOM   378  C  CD  . GLU A 1 52 ? 5.742   3.406   5.612   0.36 28.36 ? 453 GLU A CD  1 
ATOM   379  O  OE1 . GLU A 1 52 ? 6.329   2.331   5.352   0.57 26.21 ? 453 GLU A OE1 1 
ATOM   380  O  OE2 . GLU A 1 52 ? 4.693   3.455   6.292   0.31 29.38 ? 453 GLU A OE2 1 
ATOM   381  C  CA  . GLY B 1 1  ? 9.675   2.629   1.747   0.77 22.71 ? -4  GLY B CA  1 
ATOM   382  C  C   . GLY B 1 1  ? 8.908   1.693   2.662   0.59 23.72 ? -4  GLY B C   1 
ATOM   383  O  O   . GLY B 1 1  ? 9.138   1.677   3.874   0.72 25.09 ? -4  GLY B O   1 
ATOM   384  N  N   . PRO B 1 2  ? 7.976   0.924   2.083   0.79 23.24 ? -3  PRO B N   1 
ATOM   385  C  CA  . PRO B 1 2  ? 7.139   -0.034  2.806   0.97 22.38 ? -3  PRO B CA  1 
ATOM   386  C  C   . PRO B 1 2  ? 7.988   -0.986  3.649   0.57 22.41 ? -3  PRO B C   1 
ATOM   387  O  O   . PRO B 1 2  ? 9.008   -1.477  3.171   0.85 21.49 ? -3  PRO B O   1 
ATOM   388  C  CB  . PRO B 1 2  ? 6.451   -0.825  1.686   0.77 21.89 ? -3  PRO B CB  1 
ATOM   389  C  CG  . PRO B 1 2  ? 6.778   -0.105  0.386   0.62 22.96 ? -3  PRO B CG  1 
ATOM   390  C  CD  . PRO B 1 2  ? 7.487   1.162   0.718   0.94 22.02 ? -3  PRO B CD  1 
ATOM   391  N  N   . LEU B 1 3  ? 7.573   -1.240  4.885   0.87 20.62 ? -2  LEU B N   1 
ATOM   392  C  CA  . LEU B 1 3  ? 8.333   -2.111  5.780   0.99 21.81 ? -2  LEU B CA  1 
ATOM   393  C  C   . LEU B 1 3  ? 7.510   -3.320  6.196   0.76 22.36 ? -2  LEU B C   1 
ATOM   394  O  O   . LEU B 1 3  ? 6.274   -3.272  6.200   0.89 23.41 ? -2  LEU B O   1 
ATOM   395  C  CB  . LEU B 1 3  ? 8.769   -1.356  7.039   0.89 23.34 ? -2  LEU B CB  1 
ATOM   396  C  CG  . LEU B 1 3  ? 9.746   -0.193  6.878   0.93 25.03 ? -2  LEU B CG  1 
ATOM   397  C  CD1 . LEU B 1 3  ? 10.147  0.304   8.252   0.84 27.81 ? -2  LEU B CD1 1 
ATOM   398  C  CD2 . LEU B 1 3  ? 10.962  -0.641  6.098   0.77 24.59 ? -2  LEU B CD2 1 
ATOM   399  N  N   . GLY B 1 4  ? 8.199   -4.395  6.569   0.91 21.81 ? -1  GLY B N   1 
ATOM   400  C  CA  . GLY B 1 4  ? 7.518   -5.606  6.982   0.77 22.25 ? -1  GLY B CA  1 
ATOM   401  C  C   . GLY B 1 4  ? 6.751   -5.410  8.279   0.88 23.35 ? -1  GLY B C   1 
ATOM   402  O  O   . GLY B 1 4  ? 5.819   -6.143  8.566   0.85 22.10 ? -1  GLY B O   1 
ATOM   403  N  N   . SER B 1 5  ? 7.140   -4.408  9.058   0.87 24.61 ? 0   SER B N   1 
ATOM   404  C  CA  . SER B 1 5  ? 6.494   -4.153  10.345  0.68 25.26 ? 0   SER B CA  1 
ATOM   405  C  C   . SER B 1 5  ? 5.266   -3.244  10.235  0.88 24.92 ? 0   SER B C   1 
ATOM   406  O  O   . SER B 1 5  ? 4.588   -2.986  11.232  0.82 25.70 ? 0   SER B O   1 
ATOM   407  C  CB  . SER B 1 5  ? 7.500   -3.570  11.332  1.00 24.95 ? 0   SER B CB  1 
ATOM   408  O  OG  . SER B 1 5  ? 8.055   -2.367  10.838  0.96 24.29 ? 0   SER B OG  1 
ATOM   409  N  N   . ASP B 1 6  ? 4.972   -2.768  9.028   0.90 24.45 ? 1   ASP B N   1 
ATOM   410  C  CA  . ASP B 1 6  ? 3.811   -1.909  8.809   1.00 23.48 ? 1   ASP B CA  1 
ATOM   411  C  C   . ASP B 1 6  ? 2.502   -2.657  9.023   0.97 23.65 ? 1   ASP B C   1 
ATOM   412  O  O   . ASP B 1 6  ? 2.424   -3.861  8.785   0.91 22.59 ? 1   ASP B O   1 
ATOM   413  C  CB  . ASP B 1 6  ? 3.808   -1.358  7.381   0.94 23.24 ? 1   ASP B CB  1 
ATOM   414  C  CG  . ASP B 1 6  ? 4.908   -0.348  7.132   0.63 24.72 ? 1   ASP B CG  1 
ATOM   415  O  OD1 . ASP B 1 6  ? 5.537   0.152   8.091   0.78 25.05 ? 1   ASP B OD1 1 
ATOM   416  O  OD2 . ASP B 1 6  ? 5.119   -0.035  5.953   0.86 23.69 1 1   ASP B OD2 1 
ATOM   417  N  N   . GLN B 1 7  ? 1.480   -1.927  9.460   0.94 23.31 ? 2   GLN B N   1 
ATOM   418  C  CA  . GLN B 1 7  ? 0.130   -2.455  9.562   1.00 22.37 ? 2   GLN B CA  1 
ATOM   419  C  C   . GLN B 1 7  ? -0.585  -2.182  8.241   1.00 20.69 ? 2   GLN B C   1 
ATOM   420  O  O   . GLN B 1 7  ? -0.631  -1.038  7.783   0.95 21.95 ? 2   GLN B O   1 
ATOM   421  C  CB  . GLN B 1 7  ? -0.609  -1.743  10.702  1.00 22.48 ? 2   GLN B CB  1 
ATOM   422  C  CG  . GLN B 1 7  ? -2.094  -2.051  10.785  1.00 23.46 ? 2   GLN B CG  1 
ATOM   423  C  CD  . GLN B 1 7  ? -2.345  -3.470  11.242  0.98 21.94 ? 2   GLN B CD  1 
ATOM   424  O  OE1 . GLN B 1 7  ? -2.055  -3.814  12.380  0.84 24.82 ? 2   GLN B OE1 1 
ATOM   425  N  NE2 . GLN B 1 7  ? -2.872  -4.307  10.354  0.84 21.04 ? 2   GLN B NE2 1 
ATOM   426  N  N   . THR B 1 8  ? -1.143  -3.214  7.619   1.00 20.75 ? 3   THR B N   1 
ATOM   427  C  CA  . THR B 1 8  ? -1.905  -3.015  6.391   1.00 20.24 ? 3   THR B CA  1 
ATOM   428  C  C   . THR B 1 8  ? -3.362  -2.754  6.735   1.00 19.22 ? 3   THR B C   1 
ATOM   429  O  O   . THR B 1 8  ? -3.907  -3.394  7.637   0.96 19.87 ? 3   THR B O   1 
ATOM   430  C  CB  . THR B 1 8  ? -1.822  -4.250  5.484   0.87 22.42 ? 3   THR B CB  1 
ATOM   431  O  OG1 . THR B 1 8  ? -0.456  -4.474  5.105   0.57 26.29 ? 3   THR B OG1 1 
ATOM   432  C  CG2 . THR B 1 8  ? -2.674  -4.051  4.247   0.93 22.98 ? 3   THR B CG2 1 
ATOM   433  N  N   . TRP B 1 9  ? -3.969  -1.791  6.035   1.00 18.99 ? 4   TRP B N   1 
ATOM   434  C  CA  . TRP B 1 9  ? -5.398  -1.499  6.146   0.96 19.06 ? 4   TRP B CA  1 
ATOM   435  C  C   . TRP B 1 9  ? -6.044  -1.655  4.767   0.80 19.06 ? 4   TRP B C   1 
ATOM   436  O  O   . TRP B 1 9  ? -5.385  -1.466  3.744   0.89 21.96 ? 4   TRP B O   1 
ATOM   437  C  CB  . TRP B 1 9  ? -5.606  -0.054  6.602   1.00 18.69 ? 4   TRP B CB  1 
ATOM   438  C  CG  . TRP B 1 9  ? -4.973  0.314   7.912   0.98 20.94 ? 4   TRP B CG  1 
ATOM   439  C  CD1 . TRP B 1 9  ? -3.635  0.544   8.164   1.00 19.52 ? 4   TRP B CD1 1 
ATOM   440  C  CD2 . TRP B 1 9  ? -5.658  0.560   9.141   1.00 20.95 ? 4   TRP B CD2 1 
ATOM   441  N  NE1 . TRP B 1 9  ? -3.464  0.893   9.482   0.73 22.22 ? 4   TRP B NE1 1 
ATOM   442  C  CE2 . TRP B 1 9  ? -4.688  0.906   10.104  1.00 21.31 ? 4   TRP B CE2 1 
ATOM   443  C  CE3 . TRP B 1 9  ? -7.003  0.502   9.529   0.97 20.35 ? 4   TRP B CE3 1 
ATOM   444  C  CZ2 . TRP B 1 9  ? -5.022  1.201   11.425  1.00 22.68 ? 4   TRP B CZ2 1 
ATOM   445  C  CZ3 . TRP B 1 9  ? -7.333  0.794   10.840  1.00 20.01 ? 4   TRP B CZ3 1 
ATOM   446  C  CH2 . TRP B 1 9  ? -6.343  1.136   11.775  0.75 23.41 ? 4   TRP B CH2 1 
ATOM   447  N  N   . VAL B 1 10 ? -7.336  -1.976  4.733   1.00 19.43 ? 5   VAL B N   1 
ATOM   448  C  CA  . VAL B 1 10 ? -8.056  -2.039  3.465   1.00 21.00 ? 5   VAL B CA  1 
ATOM   449  C  C   . VAL B 1 10 ? -9.312  -1.201  3.607   1.00 18.37 ? 5   VAL B C   1 
ATOM   450  O  O   . VAL B 1 10 ? -9.862  -1.082  4.708   0.90 19.01 ? 5   VAL B O   1 
ATOM   451  C  CB  . VAL B 1 10 ? -8.412  -3.488  3.065   1.00 19.68 ? 5   VAL B CB  1 
ATOM   452  C  CG1 . VAL B 1 10 ? -9.341  -4.120  4.090   0.82 19.27 ? 5   VAL B CG1 1 
ATOM   453  C  CG2 . VAL B 1 10 ? -9.038  -3.518  1.686   1.00 18.08 ? 5   VAL B CG2 1 
ATOM   454  N  N   . GLN B 1 11 ? -9.742  -0.561  2.527   1.00 18.09 ? 6   GLN B N   1 
ATOM   455  C  CA  . GLN B 1 11 ? -10.929 0.275   2.634   1.00 19.77 ? 6   GLN B CA  1 
ATOM   456  C  C   . GLN B 1 11 ? -12.159 -0.448  2.144   0.97 19.88 ? 6   GLN B C   1 
ATOM   457  O  O   . GLN B 1 11 ? -12.144 -1.078  1.082   0.86 19.05 ? 6   GLN B O   1 
ATOM   458  C  CB  . GLN B 1 11 ? -10.767 1.572   1.842   0.97 20.79 ? 6   GLN B CB  1 
ATOM   459  C  CG  . GLN B 1 11 ? -11.969 2.491   1.974   0.95 21.39 ? 6   GLN B CG  1 
ATOM   460  C  CD  . GLN B 1 11 ? -11.750 3.798   1.250   0.83 21.54 ? 6   GLN B CD  1 
ATOM   461  O  OE1 . GLN B 1 11 ? -11.307 3.819   0.098   0.84 23.62 ? 6   GLN B OE1 1 
ATOM   462  N  NE2 . GLN B 1 11 ? -12.007 4.896   1.936   0.99 22.46 ? 6   GLN B NE2 1 
ATOM   463  N  N   . CYS B 1 12 ? -13.239 -0.368  2.915   1.00 19.47 ? 7   CYS B N   1 
ATOM   464  C  CA  . CYS B 1 12 ? -14.494 -0.955  2.482   1.00 19.37 ? 7   CYS B CA  1 
ATOM   465  C  C   . CYS B 1 12 ? -15.089 -0.148  1.334   1.00 18.30 ? 7   CYS B C   1 
ATOM   466  O  O   . CYS B 1 12 ? -15.288 1.056   1.442   1.00 17.38 ? 7   CYS B O   1 
ATOM   467  C  CB  . CYS B 1 12 ? -15.488 -0.999  3.642   0.97 19.50 ? 7   CYS B CB  1 
ATOM   468  S  SG  . CYS B 1 12 ? -17.106 -1.675  3.161   0.90 17.56 ? 7   CYS B SG  1 
ATOM   469  N  N   . ASP B 1 13 ? -15.389 -0.816  0.233   0.91 19.09 ? 8   ASP B N   1 
ATOM   470  C  CA  . ASP B 1 13 ? -15.939 -0.109  -0.921  0.96 20.46 ? 8   ASP B CA  1 
ATOM   471  C  C   . ASP B 1 13 ? -17.400 0.306   -0.735  0.94 20.98 ? 8   ASP B C   1 
ATOM   472  O  O   . ASP B 1 13 ? -17.921 1.109   -1.510  0.86 21.46 ? 8   ASP B O   1 
ATOM   473  C  CB  . ASP B 1 13 ? -15.747 -0.942  -2.187  1.00 20.79 ? 8   ASP B CB  1 
ATOM   474  C  CG  . ASP B 1 13 ? -14.316 -0.899  -2.696  0.71 23.45 ? 8   ASP B CG  1 
ATOM   475  O  OD1 . ASP B 1 13 ? -13.809 0.217   -2.975  0.64 23.77 ? 8   ASP B OD1 1 
ATOM   476  O  OD2 . ASP B 1 13 ? -13.687 -1.976  -2.811  0.59 23.75 1 8   ASP B OD2 1 
ATOM   477  N  N   . ALA B 1 14 ? -18.065 -0.220  0.289   1.00 20.42 ? 9   ALA B N   1 
ATOM   478  C  CA  . ALA B 1 14 ? -19.423 0.235   0.585   0.95 22.30 ? 9   ALA B CA  1 
ATOM   479  C  C   . ALA B 1 14 ? -19.429 1.436   1.528   0.88 21.61 ? 9   ALA B C   1 
ATOM   480  O  O   . ALA B 1 14 ? -19.979 2.482   1.196   0.95 23.38 ? 9   ALA B O   1 
ATOM   481  C  CB  . ALA B 1 14 ? -20.288 -0.898  1.159   1.00 22.48 ? 9   ALA B CB  1 
ATOM   482  N  N   . CYS B 1 15 ? -18.802 1.299   2.691   1.00 18.60 ? 10  CYS B N   1 
ATOM   483  C  CA  . CYS B 1 15 ? -18.937 2.299   3.748   1.00 19.11 ? 10  CYS B CA  1 
ATOM   484  C  C   . CYS B 1 15 ? -17.740 3.230   3.915   0.83 19.59 ? 10  CYS B C   1 
ATOM   485  O  O   . CYS B 1 15 ? -17.818 4.171   4.699   0.93 20.43 ? 10  CYS B O   1 
ATOM   486  C  CB  . CYS B 1 15 ? -19.276 1.624   5.090   0.92 20.24 ? 10  CYS B CB  1 
ATOM   487  S  SG  . CYS B 1 15 ? -17.855 0.835   5.907   0.87 17.15 ? 10  CYS B SG  1 
ATOM   488  N  N   . LEU B 1 16 ? -16.666 2.978   3.165   0.96 17.75 ? 11  LEU B N   1 
ATOM   489  C  CA  . LEU B 1 16 ? -15.434 3.797   3.169   1.00 18.35 ? 11  LEU B CA  1 
ATOM   490  C  C   . LEU B 1 16 ? -14.547 3.674   4.410   0.98 18.80 ? 11  LEU B C   1 
ATOM   491  O  O   . LEU B 1 16 ? -13.501 4.323   4.492   0.88 17.75 ? 11  LEU B O   1 
ATOM   492  C  CB  . LEU B 1 16 ? -15.730 5.288   2.910   0.97 20.13 ? 11  LEU B CB  1 
ATOM   493  C  CG  . LEU B 1 16 ? -16.564 5.629   1.676   1.00 22.41 ? 11  LEU B CG  1 
ATOM   494  C  CD1 . LEU B 1 16 ? -16.669 7.133   1.532   0.98 23.18 ? 11  LEU B CD1 1 
ATOM   495  C  CD2 . LEU B 1 16 ? -15.921 5.030   0.451   1.00 21.98 ? 11  LEU B CD2 1 
ATOM   496  N  N   . LYS B 1 17 ? -14.936 2.848   5.376   0.99 18.98 ? 12  LYS B N   1 
ATOM   497  C  CA  . LYS B 1 17 ? -14.084 2.666   6.554   0.90 19.82 ? 12  LYS B CA  1 
ATOM   498  C  C   . LYS B 1 17 ? -12.838 1.857   6.237   0.87 19.29 ? 12  LYS B C   1 
ATOM   499  O  O   . LYS B 1 17 ? -12.873 0.960   5.403   0.89 19.24 ? 12  LYS B O   1 
ATOM   500  C  CB  . LYS B 1 17 ? -14.851 1.961   7.668   0.72 19.00 ? 12  LYS B CB  1 
ATOM   501  C  CG  . LYS B 1 17 ? -16.007 2.770   8.199   0.97 19.52 ? 12  LYS B CG  1 
ATOM   502  C  CD  . LYS B 1 17 ? -16.623 2.089   9.424   0.87 19.47 ? 12  LYS B CD  1 
ATOM   503  C  CE  . LYS B 1 17 ? -17.908 2.775   9.873   0.85 22.50 ? 12  LYS B CE  1 
ATOM   504  N  NZ  . LYS B 1 17 ? -18.924 2.753   8.783   1.00 21.43 1 12  LYS B NZ  1 
ATOM   505  N  N   . TRP B 1 18 ? -11.741 2.158   6.929   0.96 18.97 ? 13  TRP B N   1 
ATOM   506  C  CA  . TRP B 1 18 ? -10.524 1.363   6.797   1.00 17.71 ? 13  TRP B CA  1 
ATOM   507  C  C   . TRP B 1 18 ? -10.489 0.287   7.869   1.00 18.24 ? 13  TRP B C   1 
ATOM   508  O  O   . TRP B 1 18 ? -10.747 0.566   9.033   0.82 18.38 ? 13  TRP B O   1 
ATOM   509  C  CB  . TRP B 1 18 ? -9.289  2.263   6.904   0.99 19.83 ? 13  TRP B CB  1 
ATOM   510  C  CG  . TRP B 1 18 ? -9.163  3.213   5.760   0.85 20.39 ? 13  TRP B CG  1 
ATOM   511  C  CD1 . TRP B 1 18 ? -9.662  4.475   5.680   1.00 21.32 ? 13  TRP B CD1 1 
ATOM   512  C  CD2 . TRP B 1 18 ? -8.478  2.968   4.522   0.81 20.54 ? 13  TRP B CD2 1 
ATOM   513  N  NE1 . TRP B 1 18 ? -9.332  5.037   4.456   0.91 20.69 ? 13  TRP B NE1 1 
ATOM   514  C  CE2 . TRP B 1 18 ? -8.599  4.132   3.738   0.86 21.01 ? 13  TRP B CE2 1 
ATOM   515  C  CE3 . TRP B 1 18 ? -7.774  1.874   4.007   1.00 19.17 ? 13  TRP B CE3 1 
ATOM   516  C  CZ2 . TRP B 1 18 ? -8.044  4.231   2.457   0.82 20.75 ? 13  TRP B CZ2 1 
ATOM   517  C  CZ3 . TRP B 1 18 ? -7.222  1.978   2.735   1.00 19.75 ? 13  TRP B CZ3 1 
ATOM   518  C  CH2 . TRP B 1 18 ? -7.361  3.149   1.981   1.00 21.30 ? 13  TRP B CH2 1 
ATOM   519  N  N   . ARG B 1 19 ? -10.198 -0.944  7.452   1.00 17.05 ? 14  ARG B N   1 
ATOM   520  C  CA  . ARG B 1 19 ? -10.124 -2.084  8.360   1.00 16.65 ? 14  ARG B CA  1 
ATOM   521  C  C   . ARG B 1 19 ? -8.726  -2.682  8.353   0.97 18.75 ? 14  ARG B C   1 
ATOM   522  O  O   . ARG B 1 19 ? -8.132  -2.872  7.284   0.78 19.14 ? 14  ARG B O   1 
ATOM   523  C  CB  . ARG B 1 19 ? -11.103 -3.168  7.897   0.87 17.23 ? 14  ARG B CB  1 
ATOM   524  C  CG  . ARG B 1 19 ? -12.527 -2.687  7.712   1.00 17.13 ? 14  ARG B CG  1 
ATOM   525  C  CD  . ARG B 1 19 ? -13.008 -2.009  8.998   1.00 17.65 ? 14  ARG B CD  1 
ATOM   526  N  NE  . ARG B 1 19 ? -14.462 -1.990  9.079   0.90 18.87 ? 14  ARG B NE  1 
ATOM   527  C  CZ  . ARG B 1 19 ? -15.145 -1.486  10.100  0.98 18.12 ? 14  ARG B CZ  1 
ATOM   528  N  NH1 . ARG B 1 19 ? -14.512 -0.944  11.139  1.00 18.46 1 14  ARG B NH1 1 
ATOM   529  N  NH2 . ARG B 1 19 ? -16.467 -1.527  10.088  0.87 19.24 ? 14  ARG B NH2 1 
ATOM   530  N  N   . LYS B 1 20 ? -8.201  -3.018  9.531   1.00 17.59 ? 15  LYS B N   1 
ATOM   531  C  CA  . LYS B 1 20 ? -6.906  -3.671  9.591   1.00 18.31 ? 15  LYS B CA  1 
ATOM   532  C  C   . LYS B 1 20 ? -6.977  -5.048  8.954   0.89 20.20 ? 15  LYS B C   1 
ATOM   533  O  O   . LYS B 1 20 ? -7.981  -5.757  9.102   0.72 19.57 ? 15  LYS B O   1 
ATOM   534  C  CB  . LYS B 1 20 ? -6.432  -3.815  11.044  1.00 19.02 ? 15  LYS B CB  1 
ATOM   535  C  CG  . LYS B 1 20 ? -6.119  -2.489  11.746  1.00 20.19 ? 15  LYS B CG  1 
ATOM   536  C  CD  . LYS B 1 20 ? -5.456  -2.751  13.106  0.99 23.97 ? 15  LYS B CD  1 
ATOM   537  C  CE  . LYS B 1 20 ? -5.262  -1.475  13.905  1.00 23.49 ? 15  LYS B CE  1 
ATOM   538  N  NZ  . LYS B 1 20 ? -4.547  -1.750  15.195  0.72 26.11 1 15  LYS B NZ  1 
ATOM   539  N  N   . LEU B 1 21 ? -5.916  -5.422  8.241   1.00 20.32 ? 16  LEU B N   1 
ATOM   540  C  CA  . LEU B 1 21 ? -5.777  -6.771  7.705   1.00 21.37 ? 16  LEU B CA  1 
ATOM   541  C  C   . LEU B 1 21 ? -4.560  -7.469  8.324   0.80 22.67 ? 16  LEU B C   1 
ATOM   542  O  O   . LEU B 1 21 ? -3.595  -6.811  8.740   0.94 22.75 ? 16  LEU B O   1 
ATOM   543  C  CB  . LEU B 1 21 ? -5.624  -6.753  6.181   0.93 23.28 ? 16  LEU B CB  1 
ATOM   544  C  CG  . LEU B 1 21 ? -6.845  -6.472  5.298   1.00 22.26 ? 16  LEU B CG  1 
ATOM   545  C  CD1 . LEU B 1 21 ? -6.510  -6.697  3.844   0.67 25.81 ? 16  LEU B CD1 1 
ATOM   546  C  CD2 . LEU B 1 21 ? -8.012  -7.346  5.705   0.96 23.14 ? 16  LEU B CD2 1 
ATOM   547  N  N   . PRO B 1 22 ? -4.605  -8.808  8.399   0.92 23.64 ? 17  PRO B N   1 
ATOM   548  C  CA  . PRO B 1 22 ? -3.416  -9.529  8.861   0.85 23.80 ? 17  PRO B CA  1 
ATOM   549  C  C   . PRO B 1 22 ? -2.246  -9.266  7.920   0.98 22.71 ? 17  PRO B C   1 
ATOM   550  O  O   . PRO B 1 22 ? -2.472  -9.023  6.740   0.93 24.29 ? 17  PRO B O   1 
ATOM   551  C  CB  . PRO B 1 22 ? -3.832  -10.997 8.745   0.82 24.29 ? 17  PRO B CB  1 
ATOM   552  C  CG  . PRO B 1 22 ? -5.334  -10.981 8.882   0.92 24.41 ? 17  PRO B CG  1 
ATOM   553  C  CD  . PRO B 1 22 ? -5.782  -9.686  8.251   0.97 24.22 ? 17  PRO B CD  1 
ATOM   554  N  N   . ASP B 1 23 ? -1.020  -9.315  8.435   0.91 24.38 ? 18  ASP B N   1 
ATOM   555  C  CA  . ASP B 1 23 ? 0.153   -9.156  7.591   1.00 23.84 ? 18  ASP B CA  1 
ATOM   556  C  C   . ASP B 1 23 ? 0.197   -10.255 6.532   1.00 21.72 ? 18  ASP B C   1 
ATOM   557  O  O   . ASP B 1 23 ? -0.222  -11.384 6.789   1.00 23.29 ? 18  ASP B O   1 
ATOM   558  C  CB  . ASP B 1 23 ? 1.421   -9.214  8.443   1.00 21.51 ? 18  ASP B CB  1 
ATOM   559  C  CG  . ASP B 1 23 ? 1.509   -8.083  9.465   0.68 23.37 ? 18  ASP B CG  1 
ATOM   560  O  OD1 . ASP B 1 23 ? 0.609   -7.209  9.519   0.98 24.85 ? 18  ASP B OD1 1 
ATOM   561  O  OD2 . ASP B 1 23 ? 2.504   -8.069  10.218  0.79 23.99 1 18  ASP B OD2 1 
ATOM   562  N  N   . GLY B 1 24 ? 0.695   -9.925  5.339   0.87 22.13 ? 19  GLY B N   1 
ATOM   563  C  CA  . GLY B 1 24 ? 0.928   -10.933 4.316   1.00 23.53 ? 19  GLY B CA  1 
ATOM   564  C  C   . GLY B 1 24 ? -0.276  -11.365 3.491   0.77 26.44 ? 19  GLY B C   1 
ATOM   565  O  O   . GLY B 1 24 ? -0.229  -12.405 2.829   0.82 25.16 ? 19  GLY B O   1 
ATOM   566  N  N   . MET B 1 25 ? -1.356  -10.586 3.518   0.73 27.31 ? 20  MET B N   1 
ATOM   567  C  CA  . MET B 1 25 ? -2.534  -10.932 2.710   0.90 27.14 ? 20  MET B CA  1 
ATOM   568  C  C   . MET B 1 25 ? -2.416  -10.433 1.276   0.85 29.42 ? 20  MET B C   1 
ATOM   569  O  O   . MET B 1 25 ? -2.619  -9.247  0.999   0.41 28.92 ? 20  MET B O   1 
ATOM   570  C  CB  . MET B 1 25 ? -3.829  -10.431 3.361   0.90 29.76 ? 20  MET B CB  1 
ATOM   571  C  CG  . MET B 1 25 ? -4.436  -11.410 4.336   1.00 30.77 ? 20  MET B CG  1 
ATOM   572  S  SD  . MET B 1 25 ? -6.065  -10.923 4.909   0.44 29.25 ? 20  MET B SD  1 
ATOM   573  C  CE  . MET B 1 25 ? -7.110  -11.447 3.561   0.53 30.33 ? 20  MET B CE  1 
ATOM   574  N  N   . ASP B 1 26 ? -2.097  -11.349 0.366   0.71 29.39 ? 21  ASP B N   1 
ATOM   575  C  CA  . ASP B 1 26 ? -1.915  -11.011 -1.045  0.12 30.84 ? 21  ASP B CA  1 
ATOM   576  C  C   . ASP B 1 26 ? -3.227  -11.032 -1.833  0.38 32.57 ? 21  ASP B C   1 
ATOM   577  O  O   . ASP B 1 26 ? -3.743  -9.984  -2.224  0.40 30.95 ? 21  ASP B O   1 
ATOM   578  C  CB  . ASP B 1 26 ? -0.926  -11.970 -1.719  0.23 32.54 ? 21  ASP B CB  1 
ATOM   579  C  CG  . ASP B 1 26 ? 0.384   -12.102 -0.963  0.40 30.36 ? 21  ASP B CG  1 
ATOM   580  O  OD1 . ASP B 1 26 ? 1.359   -11.413 -1.329  0.39 30.86 1 21  ASP B OD1 1 
ATOM   581  O  OD2 . ASP B 1 26 ? 0.437   -12.917 -0.021  0.38 30.51 ? 21  ASP B OD2 1 
ATOM   582  N  N   . GLN B 1 27 ? -3.762  -12.234 -2.051  0.85 34.64 ? 22  GLN B N   1 
ATOM   583  C  CA  . GLN B 1 27 ? -4.818  -12.473 -3.045  0.58 31.73 ? 22  GLN B CA  1 
ATOM   584  C  C   . GLN B 1 27 ? -6.193  -11.859 -2.713  0.30 31.08 ? 22  GLN B C   1 
ATOM   585  O  O   . GLN B 1 27 ? -7.200  -12.568 -2.645  0.28 30.61 ? 22  GLN B O   1 
ATOM   586  C  CB  . GLN B 1 27 ? -4.950  -13.983 -3.304  0.56 33.92 ? 22  GLN B CB  1 
ATOM   587  C  CG  . GLN B 1 27 ? -5.509  -14.354 -4.672  0.47 31.89 ? 22  GLN B CG  1 
ATOM   588  C  CD  . GLN B 1 27 ? -4.503  -14.171 -5.787  0.34 33.53 ? 22  GLN B CD  1 
ATOM   589  O  OE1 . GLN B 1 27 ? -3.419  -14.748 -5.761  0.44 34.13 ? 22  GLN B OE1 1 
ATOM   590  N  NE2 . GLN B 1 27 ? -4.859  -13.364 -6.778  0.67 34.53 ? 22  GLN B NE2 1 
ATOM   591  N  N   . LEU B 1 28 ? -6.223  -10.537 -2.536  0.66 30.57 ? 23  LEU B N   1 
ATOM   592  C  CA  . LEU B 1 28 ? -7.456  -9.800  -2.235  1.00 29.07 ? 23  LEU B CA  1 
ATOM   593  C  C   . LEU B 1 28 ? -8.276  -9.522  -3.495  0.56 28.83 ? 23  LEU B C   1 
ATOM   594  O  O   . LEU B 1 28 ? -7.722  -9.396  -4.590  0.75 30.10 ? 23  LEU B O   1 
ATOM   595  C  CB  . LEU B 1 28 ? -7.122  -8.462  -1.555  0.97 29.62 ? 23  LEU B CB  1 
ATOM   596  C  CG  . LEU B 1 28 ? -6.542  -8.491  -0.137  0.77 28.89 ? 23  LEU B CG  1 
ATOM   597  C  CD1 . LEU B 1 28 ? -6.004  -7.124  0.223   0.91 28.99 ? 23  LEU B CD1 1 
ATOM   598  C  CD2 . LEU B 1 28 ? -7.606  -8.926  0.853   0.81 29.30 ? 23  LEU B CD2 1 
ATOM   599  N  N   . PRO B 1 29 ? -9.607  -9.419  -3.342  0.98 29.41 ? 24  PRO B N   1 
ATOM   600  C  CA  . PRO B 1 29 ? -10.539 -9.099  -4.428  0.75 27.55 ? 24  PRO B CA  1 
ATOM   601  C  C   . PRO B 1 29 ? -10.416 -7.653  -4.908  1.00 26.21 ? 24  PRO B C   1 
ATOM   602  O  O   . PRO B 1 29 ? -9.918  -6.799  -4.175  0.76 26.24 ? 24  PRO B O   1 
ATOM   603  C  CB  . PRO B 1 29 ? -11.909 -9.315  -3.778  0.43 27.21 ? 24  PRO B CB  1 
ATOM   604  C  CG  . PRO B 1 29 ? -11.660 -9.120  -2.306  0.87 25.56 ? 24  PRO B CG  1 
ATOM   605  C  CD  . PRO B 1 29 ? -10.308 -9.699  -2.075  1.00 28.42 ? 24  PRO B CD  1 
ATOM   606  N  N   . GLU B 1 30 ? -10.859 -7.387  -6.133  0.88 25.15 ? 25  GLU B N   1 
ATOM   607  C  CA  . GLU B 1 30 ? -10.848 -6.034  -6.689  0.99 26.79 ? 25  GLU B CA  1 
ATOM   608  C  C   . GLU B 1 30 ? -11.650 -5.074  -5.818  0.71 25.64 ? 25  GLU B C   1 
ATOM   609  O  O   . GLU B 1 30 ? -11.200 -3.980  -5.491  1.00 27.01 ? 25  GLU B O   1 
ATOM   610  C  CB  . GLU B 1 30 ? -11.424 -6.038  -8.107  0.41 29.76 ? 25  GLU B CB  1 
ATOM   611  C  CG  . GLU B 1 30 ? -11.795 -4.655  -8.633  0.61 30.60 ? 25  GLU B CG  1 
ATOM   612  C  CD  . GLU B 1 30 ? -10.624 -3.944  -9.278  0.81 32.36 ? 25  GLU B CD  1 
ATOM   613  O  OE1 . GLU B 1 30 ? -9.820  -4.623  -9.950  0.21 33.61 ? 25  GLU B OE1 1 
ATOM   614  O  OE2 . GLU B 1 30 ? -10.503 -2.712  -9.113  0.40 32.93 1 25  GLU B OE2 1 
ATOM   615  N  N   . LYS B 1 31 ? -12.859 -5.480  -5.458  0.83 24.24 ? 26  LYS B N   1 
ATOM   616  C  CA  . LYS B 1 31 ? -13.621 -4.710  -4.495  1.00 23.39 ? 26  LYS B CA  1 
ATOM   617  C  C   . LYS B 1 31 ? -13.657 -5.481  -3.201  0.79 22.13 ? 26  LYS B C   1 
ATOM   618  O  O   . LYS B 1 31 ? -13.757 -6.704  -3.208  0.80 21.88 ? 26  LYS B O   1 
ATOM   619  C  CB  . LYS B 1 31 ? -15.032 -4.418  -5.007  0.98 24.45 ? 26  LYS B CB  1 
ATOM   620  C  CG  . LYS B 1 31 ? -15.030 -3.407  -6.126  0.98 26.52 ? 26  LYS B CG  1 
ATOM   621  C  CD  . LYS B 1 31 ? -16.345 -3.392  -6.881  0.78 28.34 ? 26  LYS B CD  1 
ATOM   622  C  CE  . LYS B 1 31 ? -17.315 -2.394  -6.305  0.59 28.34 ? 26  LYS B CE  1 
ATOM   623  N  NZ  . LYS B 1 31 ? -18.141 -1.778  -7.384  0.35 28.75 1 26  LYS B NZ  1 
ATOM   624  N  N   . TRP B 1 32 ? -13.563 -4.763  -2.090  0.95 19.47 ? 27  TRP B N   1 
ATOM   625  C  CA  . TRP B 1 32 ? -13.523 -5.400  -0.779  0.91 19.64 ? 27  TRP B CA  1 
ATOM   626  C  C   . TRP B 1 32 ? -14.546 -4.748  0.128   0.93 19.91 ? 27  TRP B C   1 
ATOM   627  O  O   . TRP B 1 32 ? -14.719 -3.536  0.094   0.99 18.97 ? 27  TRP B O   1 
ATOM   628  C  CB  . TRP B 1 32 ? -12.128 -5.245  -0.173  1.00 18.89 ? 27  TRP B CB  1 
ATOM   629  C  CG  . TRP B 1 32 ? -11.902 -6.047  1.064   1.00 16.93 ? 27  TRP B CG  1 
ATOM   630  C  CD1 . TRP B 1 32 ? -11.349 -7.296  1.140   0.91 19.80 ? 27  TRP B CD1 1 
ATOM   631  C  CD2 . TRP B 1 32 ? -12.198 -5.656  2.415   0.84 17.08 ? 27  TRP B CD2 1 
ATOM   632  N  NE1 . TRP B 1 32 ? -11.296 -7.711  2.454   0.82 19.29 ? 27  TRP B NE1 1 
ATOM   633  C  CE2 . TRP B 1 32 ? -11.810 -6.718  3.258   1.00 17.43 ? 27  TRP B CE2 1 
ATOM   634  C  CE3 . TRP B 1 32 ? -12.769 -4.511  2.997   1.00 17.23 ? 27  TRP B CE3 1 
ATOM   635  C  CZ2 . TRP B 1 32 ? -11.964 -6.671  4.641   1.00 19.33 ? 27  TRP B CZ2 1 
ATOM   636  C  CZ3 . TRP B 1 32 ? -12.924 -4.465  4.368   0.85 18.20 ? 27  TRP B CZ3 1 
ATOM   637  C  CH2 . TRP B 1 32 ? -12.523 -5.536  5.179   0.90 18.72 ? 27  TRP B CH2 1 
ATOM   638  N  N   . TYR B 1 33 ? -15.216 -5.549  0.947   1.00 19.14 ? 28  TYR B N   1 
ATOM   639  C  CA  . TYR B 1 33 ? -16.239 -5.027  1.846   1.00 19.45 ? 28  TYR B CA  1 
ATOM   640  C  C   . TYR B 1 33 ? -16.005 -5.562  3.245   0.80 18.73 ? 28  TYR B C   1 
ATOM   641  O  O   . TYR B 1 33 ? -15.386 -6.620  3.420   0.96 19.06 ? 28  TYR B O   1 
ATOM   642  C  CB  . TYR B 1 33 ? -17.645 -5.429  1.366   1.00 20.70 ? 28  TYR B CB  1 
ATOM   643  C  CG  . TYR B 1 33 ? -17.905 -5.069  -0.080  1.00 20.14 ? 28  TYR B CG  1 
ATOM   644  C  CD1 . TYR B 1 33 ? -18.370 -3.806  -0.428  0.88 21.33 ? 28  TYR B CD1 1 
ATOM   645  C  CD2 . TYR B 1 33 ? -17.681 -5.992  -1.091  0.83 21.48 ? 28  TYR B CD2 1 
ATOM   646  C  CE1 . TYR B 1 33 ? -18.606 -3.478  -1.751  1.00 22.58 ? 28  TYR B CE1 1 
ATOM   647  C  CE2 . TYR B 1 33 ? -17.884 -5.671  -2.410  0.82 21.52 ? 28  TYR B CE2 1 
ATOM   648  C  CZ  . TYR B 1 33 ? -18.361 -4.420  -2.736  0.94 22.48 ? 28  TYR B CZ  1 
ATOM   649  O  OH  . TYR B 1 33 ? -18.594 -4.111  -4.060  0.88 25.25 ? 28  TYR B OH  1 
ATOM   650  N  N   . CYS B 1 34 ? -16.515 -4.848  4.245   0.88 17.72 ? 29  CYS B N   1 
ATOM   651  C  CA  . CYS B 1 34 ? -16.395 -5.302  5.633   0.76 17.61 ? 29  CYS B CA  1 
ATOM   652  C  C   . CYS B 1 34 ? -16.853 -6.754  5.782   0.66 19.32 ? 29  CYS B C   1 
ATOM   653  O  O   . CYS B 1 34 ? -16.290 -7.506  6.572   0.90 19.04 ? 29  CYS B O   1 
ATOM   654  C  CB  . CYS B 1 34 ? -17.193 -4.396  6.586   1.00 19.07 ? 29  CYS B CB  1 
ATOM   655  S  SG  . CYS B 1 34 ? -16.670 -2.657  6.700   0.98 19.24 ? 29  CYS B SG  1 
ATOM   656  N  N   . SER B 1 35 ? -17.861 -7.161  5.007   0.94 19.99 ? 30  SER B N   1 
ATOM   657  C  CA  . SER B 1 35 ? -18.398 -8.516  5.134   0.95 19.73 ? 30  SER B CA  1 
ATOM   658  C  C   . SER B 1 35 ? -17.375 -9.620  4.847   0.88 21.36 ? 30  SER B C   1 
ATOM   659  O  O   . SER B 1 35 ? -17.565 -10.774 5.249   0.99 22.55 ? 30  SER B O   1 
ATOM   660  C  CB  . SER B 1 35 ? -19.642 -8.683  4.261   0.86 21.54 ? 30  SER B CB  1 
ATOM   661  O  OG  . SER B 1 35 ? -19.414 -8.194  2.952   0.82 21.28 ? 30  SER B OG  1 
ATOM   662  N  N   . ASN B 1 36 ? -16.291 -9.247  4.173   0.97 20.88 ? 31  ASN B N   1 
ATOM   663  C  CA  . ASN B 1 36 ? -15.216 -10.167 3.797   1.00 20.02 ? 31  ASN B CA  1 
ATOM   664  C  C   . ASN B 1 36 ? -14.147 -10.246 4.852   0.91 20.31 ? 31  ASN B C   1 
ATOM   665  O  O   . ASN B 1 36 ? -13.169 -10.977 4.691   0.75 22.02 ? 31  ASN B O   1 
ATOM   666  C  CB  . ASN B 1 36 ? -14.557 -9.686  2.514   0.70 21.75 ? 31  ASN B CB  1 
ATOM   667  C  CG  . ASN B 1 36 ? -14.261 -10.808 1.562   0.34 23.43 ? 31  ASN B CG  1 
ATOM   668  O  OD1 . ASN B 1 36 ? -14.000 -11.942 1.976   0.53 24.58 ? 31  ASN B OD1 1 
ATOM   669  N  ND2 . ASN B 1 36 ? -14.320 -10.508 0.270   0.84 22.60 ? 31  ASN B ND2 1 
ATOM   670  N  N   . ASN B 1 37 ? -14.308 -9.476  5.926   0.90 20.31 ? 32  ASN B N   1 
ATOM   671  C  CA  . ASN B 1 37 ? -13.255 -9.387  6.921   1.00 19.43 ? 32  ASN B CA  1 
ATOM   672  C  C   . ASN B 1 37 ? -12.999 -10.739 7.596   0.97 20.78 ? 32  ASN B C   1 
ATOM   673  O  O   . ASN B 1 37 ? -13.928 -11.361 8.121   0.88 20.78 ? 32  ASN B O   1 
ATOM   674  C  CB  . ASN B 1 37 ? -13.602 -8.325  7.969   1.00 17.83 ? 32  ASN B CB  1 
ATOM   675  C  CG  . ASN B 1 37 ? -12.377 -7.810  8.697   0.88 20.21 ? 32  ASN B CG  1 
ATOM   676  O  OD1 . ASN B 1 37 ? -11.398 -8.544  8.896   1.00 22.47 ? 32  ASN B OD1 1 
ATOM   677  N  ND2 . ASN B 1 37 ? -12.413 -6.540  9.082   1.00 19.07 ? 32  ASN B ND2 1 
ATOM   678  N  N   . PRO B 1 38 ? -11.741 -11.206 7.573   0.98 20.17 ? 33  PRO B N   1 
ATOM   679  C  CA  . PRO B 1 38 ? -11.450 -12.423 8.346   0.69 21.49 ? 33  PRO B CA  1 
ATOM   680  C  C   . PRO B 1 38 ? -11.668 -12.265 9.862   0.77 21.43 ? 33  PRO B C   1 
ATOM   681  O  O   . PRO B 1 38 ? -11.874 -13.278 10.537  0.64 20.92 ? 33  PRO B O   1 
ATOM   682  C  CB  . PRO B 1 38 ? -9.978  -12.716 8.031   0.73 22.93 ? 33  PRO B CB  1 
ATOM   683  C  CG  . PRO B 1 38 ? -9.413  -11.437 7.495   0.61 22.57 ? 33  PRO B CG  1 
ATOM   684  C  CD  . PRO B 1 38 ? -10.570 -10.729 6.817   0.75 20.87 ? 33  PRO B CD  1 
ATOM   685  N  N   . ASP B 1 39 ? -11.624 -11.035 10.380  1.00 22.60 ? 34  ASP B N   1 
ATOM   686  C  CA  . ASP B 1 39 ? -11.912 -10.769 11.804  1.00 20.83 ? 34  ASP B CA  1 
ATOM   687  C  C   . ASP B 1 39 ? -13.419 -10.569 12.029  1.00 21.21 ? 34  ASP B C   1 
ATOM   688  O  O   . ASP B 1 39 ? -13.988 -9.571  11.595  0.95 20.48 ? 34  ASP B O   1 
ATOM   689  C  CB  . ASP B 1 39 ? -11.146 -9.514  12.257  1.00 21.97 ? 34  ASP B CB  1 
ATOM   690  C  CG  . ASP B 1 39 ? -11.227 -9.279  13.753  1.00 24.48 ? 34  ASP B CG  1 
ATOM   691  O  OD1 . ASP B 1 39 ? -12.134 -9.841  14.415  0.86 24.45 ? 34  ASP B OD1 1 
ATOM   692  O  OD2 . ASP B 1 39 ? -10.399 -8.510  14.281  0.70 23.44 1 34  ASP B OD2 1 
ATOM   693  N  N   . PRO B 1 40 ? -14.081 -11.504 12.721  0.92 21.23 ? 35  PRO B N   1 
ATOM   694  C  CA  . PRO B 1 40 ? -15.531 -11.299 12.843  0.88 22.20 ? 35  PRO B CA  1 
ATOM   695  C  C   . PRO B 1 40 ? -15.933 -10.059 13.649  0.96 22.07 ? 35  PRO B C   1 
ATOM   696  O  O   . PRO B 1 40 ? -17.100 -9.672  13.602  0.78 21.85 ? 35  PRO B O   1 
ATOM   697  C  CB  . PRO B 1 40 ? -16.023 -12.577 13.545  0.99 25.38 ? 35  PRO B CB  1 
ATOM   698  C  CG  . PRO B 1 40 ? -14.811 -13.205 14.127  0.73 25.96 ? 35  PRO B CG  1 
ATOM   699  C  CD  . PRO B 1 40 ? -13.632 -12.773 13.313  1.00 23.08 ? 35  PRO B CD  1 
ATOM   700  N  N   . GLN B 1 41 ? -14.997 -9.444  14.369  0.98 21.80 ? 36  GLN B N   1 
ATOM   701  C  CA  . GLN B 1 41 ? -15.306 -8.218  15.100  1.00 21.34 ? 36  GLN B CA  1 
ATOM   702  C  C   . GLN B 1 41 ? -15.521 -7.014  14.181  1.00 20.57 ? 36  GLN B C   1 
ATOM   703  O  O   . GLN B 1 41 ? -16.174 -6.044  14.559  0.69 19.66 ? 36  GLN B O   1 
ATOM   704  C  CB  . GLN B 1 41 ? -14.207 -7.886  16.115  1.00 22.79 ? 36  GLN B CB  1 
ATOM   705  C  CG  . GLN B 1 41 ? -14.247 -8.734  17.368  0.93 23.90 ? 36  GLN B CG  1 
ATOM   706  C  CD  . GLN B 1 41 ? -13.240 -8.291  18.403  1.00 23.07 ? 36  GLN B CD  1 
ATOM   707  O  OE1 . GLN B 1 41 ? -12.982 -7.099  18.564  0.55 26.05 ? 36  GLN B OE1 1 
ATOM   708  N  NE2 . GLN B 1 41 ? -12.667 -9.245  19.104  1.00 25.39 ? 36  GLN B NE2 1 
ATOM   709  N  N   . PHE B 1 42 ? -14.953 -7.063  12.987  1.00 18.51 ? 37  PHE B N   1 
ATOM   710  C  CA  . PHE B 1 42 ? -15.055 -5.917  12.090  1.00 18.63 ? 37  PHE B CA  1 
ATOM   711  C  C   . PHE B 1 42 ? -15.645 -6.315  10.752  0.81 19.58 ? 37  PHE B C   1 
ATOM   712  O  O   . PHE B 1 42 ? -15.176 -5.877  9.703   0.78 19.06 ? 37  PHE B O   1 
ATOM   713  C  CB  . PHE B 1 42 ? -13.681 -5.280  11.899  1.00 19.61 ? 37  PHE B CB  1 
ATOM   714  C  CG  . PHE B 1 42 ? -13.089 -4.757  13.169  0.89 18.31 ? 37  PHE B CG  1 
ATOM   715  C  CD1 . PHE B 1 42 ? -13.448 -3.507  13.641  1.00 18.07 ? 37  PHE B CD1 1 
ATOM   716  C  CD2 . PHE B 1 42 ? -12.189 -5.517  13.909  1.00 19.41 ? 37  PHE B CD2 1 
ATOM   717  C  CE1 . PHE B 1 42 ? -12.907 -3.017  14.824  0.96 20.29 ? 37  PHE B CE1 1 
ATOM   718  C  CE2 . PHE B 1 42 ? -11.636 -5.020  15.092  1.00 20.39 ? 37  PHE B CE2 1 
ATOM   719  C  CZ  . PHE B 1 42 ? -12.000 -3.785  15.550  1.00 20.89 ? 37  PHE B CZ  1 
ATOM   720  N  N   . ARG B 1 43 ? -16.687 -7.137  10.805  0.73 20.59 ? 38  ARG B N   1 
ATOM   721  C  CA  . ARG B 1 43 ? -17.235 -7.755  9.608   0.90 19.45 ? 38  ARG B CA  1 
ATOM   722  C  C   . ARG B 1 43 ? -18.604 -7.152  9.261   0.77 20.78 ? 38  ARG B C   1 
ATOM   723  O  O   . ARG B 1 43 ? -19.329 -7.665  8.414   0.53 22.15 ? 38  ARG B O   1 
ATOM   724  C  CB  . ARG B 1 43 ? -17.319 -9.270  9.815   0.90 20.84 ? 38  ARG B CB  1 
ATOM   725  C  CG  . ARG B 1 43 ? -17.535 -10.096 8.556   0.72 20.85 ? 38  ARG B CG  1 
ATOM   726  C  CD  . ARG B 1 43 ? -17.615 -11.592 8.881   0.90 22.92 ? 38  ARG B CD  1 
ATOM   727  N  NE  . ARG B 1 43 ? -16.312 -12.179 9.178   1.00 24.54 ? 38  ARG B NE  1 
ATOM   728  C  CZ  . ARG B 1 43 ? -16.141 -13.334 9.808   1.00 24.51 ? 38  ARG B CZ  1 
ATOM   729  N  NH1 . ARG B 1 43 ? -17.198 -14.027 10.229  0.88 24.28 1 38  ARG B NH1 1 
ATOM   730  N  NH2 . ARG B 1 43 ? -14.915 -13.795 10.022  0.79 23.92 ? 38  ARG B NH2 1 
ATOM   731  N  N   . ASN B 1 44 ? -18.940 -6.043  9.911   1.00 20.36 ? 39  ASN B N   1 
ATOM   732  C  CA  . ASN B 1 44 ? -20.188 -5.342  9.618   0.89 21.78 ? 39  ASN B CA  1 
ATOM   733  C  C   . ASN B 1 44 ? -19.842 -3.880  9.409   0.65 20.80 ? 39  ASN B C   1 
ATOM   734  O  O   . ASN B 1 44 ? -19.013 -3.329  10.125  0.94 19.07 ? 39  ASN B O   1 
ATOM   735  C  CB  . ASN B 1 44 ? -21.188 -5.515  10.771  1.00 22.53 ? 39  ASN B CB  1 
ATOM   736  C  CG  . ASN B 1 44 ? -22.592 -5.000  10.443  0.44 23.25 ? 39  ASN B CG  1 
ATOM   737  O  OD1 . ASN B 1 44 ? -22.798 -3.812  10.208  0.66 23.52 ? 39  ASN B OD1 1 
ATOM   738  N  ND2 . ASN B 1 44 ? -23.572 -5.898  10.479  0.18 23.93 ? 39  ASN B ND2 1 
ATOM   739  N  N   . CYS B 1 45 ? -20.459 -3.251  8.420   1.00 20.97 ? 40  CYS B N   1 
ATOM   740  C  CA  . CYS B 1 45 ? -20.159 -1.848  8.128   1.00 17.88 ? 40  CYS B CA  1 
ATOM   741  C  C   . CYS B 1 45 ? -20.480 -0.910  9.277   0.95 19.72 ? 40  CYS B C   1 
ATOM   742  O  O   . CYS B 1 45 ? -19.923 0.179   9.351   0.93 19.69 ? 40  CYS B O   1 
ATOM   743  C  CB  . CYS B 1 45 ? -20.910 -1.382  6.883   0.91 20.99 ? 40  CYS B CB  1 
ATOM   744  S  SG  . CYS B 1 45 ? -20.252 -2.029  5.337   0.94 18.58 ? 40  CYS B SG  1 
ATOM   745  N  N   . GLU B 1 46 ? -21.393 -1.304  10.163  1.00 20.10 ? 41  GLU B N   1 
ATOM   746  C  CA  . GLU B 1 46 ? -21.762 -0.423  11.272  1.00 20.58 ? 41  GLU B CA  1 
ATOM   747  C  C   . GLU B 1 46 ? -20.700 -0.339  12.371  0.90 21.44 ? 41  GLU B C   1 
ATOM   748  O  O   . GLU B 1 46 ? -20.709 0.596   13.178  1.00 21.23 ? 41  GLU B O   1 
ATOM   749  C  CB  . GLU B 1 46 ? -23.123 -0.814  11.864  1.00 22.87 ? 41  GLU B CB  1 
ATOM   750  C  CG  . GLU B 1 46 ? -24.322 -0.136  11.164  0.33 23.99 ? 41  GLU B CG  1 
ATOM   751  C  CD  . GLU B 1 46 ? -24.470 1.344   11.509  0.62 23.96 ? 41  GLU B CD  1 
ATOM   752  O  OE1 . GLU B 1 46 ? -24.130 1.733   12.648  0.20 24.67 ? 41  GLU B OE1 1 
ATOM   753  O  OE2 . GLU B 1 46 ? -24.936 2.121   10.650  0.38 23.82 1 41  GLU B OE2 1 
ATOM   754  N  N   . VAL B 1 47 ? -19.784 -1.308  12.412  1.00 20.18 ? 42  VAL B N   1 
ATOM   755  C  CA  . VAL B 1 47 ? -18.724 -1.287  13.426  1.00 18.65 ? 42  VAL B CA  1 
ATOM   756  C  C   . VAL B 1 47 ? -17.800 -0.106  13.192  0.95 21.75 ? 42  VAL B C   1 
ATOM   757  O  O   . VAL B 1 47 ? -17.272 0.046   12.090  0.93 20.62 ? 42  VAL B O   1 
ATOM   758  C  CB  . VAL B 1 47 ? -17.888 -2.575  13.399  0.91 17.83 ? 42  VAL B CB  1 
ATOM   759  C  CG1 . VAL B 1 47 ? -16.813 -2.534  14.492  1.00 18.01 ? 42  VAL B CG1 1 
ATOM   760  C  CG2 . VAL B 1 47 ? -18.799 -3.805  13.573  0.95 21.56 ? 42  VAL B CG2 1 
ATOM   761  N  N   . PRO B 1 48 ? -17.610 0.750   14.218  1.00 21.04 ? 43  PRO B N   1 
ATOM   762  C  CA  . PRO B 1 48 ? -16.798 1.963   14.034  1.00 21.80 ? 43  PRO B CA  1 
ATOM   763  C  C   . PRO B 1 48 ? -15.366 1.653   13.587  0.99 21.96 ? 43  PRO B C   1 
ATOM   764  O  O   . PRO B 1 48 ? -14.816 0.615   13.947  1.00 20.76 ? 43  PRO B O   1 
ATOM   765  C  CB  . PRO B 1 48 ? -16.794 2.598   15.428  1.00 24.28 ? 43  PRO B CB  1 
ATOM   766  C  CG  . PRO B 1 48 ? -18.033 2.092   16.076  1.00 23.58 ? 43  PRO B CG  1 
ATOM   767  C  CD  . PRO B 1 48 ? -18.245 0.693   15.549  1.00 24.25 ? 43  PRO B CD  1 
ATOM   768  N  N   . GLU B 1 49 ? -14.766 2.552   12.811  0.93 20.76 ? 44  GLU B N   1 
ATOM   769  C  CA  . GLU B 1 49 ? -13.388 2.358   12.356  1.00 22.03 ? 44  GLU B CA  1 
ATOM   770  C  C   . GLU B 1 49 ? -12.420 2.385   13.546  0.95 22.27 ? 44  GLU B C   1 
ATOM   771  O  O   . GLU B 1 49 ? -12.556 3.227   14.434  0.82 20.10 ? 44  GLU B O   1 
ATOM   772  C  CB  . GLU B 1 49 ? -13.011 3.437   11.332  1.00 23.66 ? 44  GLU B CB  1 
ATOM   773  C  CG  . GLU B 1 49 ? -11.580 3.314   10.809  0.75 22.19 ? 44  GLU B CG  1 
ATOM   774  C  CD  . GLU B 1 49 ? -11.246 4.295   9.698   0.68 23.78 ? 44  GLU B CD  1 
ATOM   775  O  OE1 . GLU B 1 49 ? -12.034 4.422   8.731   0.78 23.24 ? 44  GLU B OE1 1 
ATOM   776  O  OE2 . GLU B 1 49 ? -10.174 4.931   9.781   0.54 25.18 1 44  GLU B OE2 1 
ATOM   777  N  N   . GLU B 1 50 ? -11.472 1.451   13.571  1.00 19.09 ? 45  GLU B N   1 
ATOM   778  C  CA  . GLU B 1 50 ? -10.408 1.414   14.589  1.00 22.13 ? 45  GLU B CA  1 
ATOM   779  C  C   . GLU B 1 50 ? -9.453  2.584   14.409  0.62 23.97 ? 45  GLU B C   1 
ATOM   780  O  O   . GLU B 1 50 ? -9.118  2.941   13.282  0.71 23.25 ? 45  GLU B O   1 
ATOM   781  C  CB  . GLU B 1 50 ? -9.581  0.138   14.435  0.99 23.12 ? 45  GLU B CB  1 
ATOM   782  C  CG  . GLU B 1 50 ? -9.932  -0.994  15.356  0.39 23.88 ? 45  GLU B CG  1 
ATOM   783  C  CD  . GLU B 1 50 ? -8.907  -2.107  15.299  0.51 24.39 ? 45  GLU B CD  1 
ATOM   784  O  OE1 . GLU B 1 50 ? -8.759  -2.748  14.231  0.95 22.14 ? 45  GLU B OE1 1 
ATOM   785  O  OE2 . GLU B 1 50 ? -8.239  -2.347  16.324  0.38 23.56 1 45  GLU B OE2 1 
ATOM   786  N  N   . PRO B 1 51 ? -8.979  3.167   15.522  0.92 25.05 ? 46  PRO B N   1 
ATOM   787  C  CA  . PRO B 1 51 ? -8.052  4.300   15.441  0.61 26.90 ? 46  PRO B CA  1 
ATOM   788  C  C   . PRO B 1 51 ? -6.650  3.863   15.019  1.00 27.47 ? 46  PRO B C   1 
ATOM   789  O  O   . PRO B 1 51 ? -6.391  2.662   15.117  0.65 29.37 ? 46  PRO B O   1 
ATOM   790  C  CB  . PRO B 1 51 ? -8.028  4.815   16.877  0.87 27.87 ? 46  PRO B CB  1 
ATOM   791  C  CG  . PRO B 1 51 ? -8.298  3.601   17.711  0.60 28.12 ? 46  PRO B CG  1 
ATOM   792  C  CD  . PRO B 1 51 ? -9.301  2.815   16.914  0.99 25.88 ? 46  PRO B CD  1 
ATOM   793  N  N   . GLU B 1 52 ? -5.822  4.695   14.483  1.00 30.00 ? 47  GLU B N   1 
ATOM   794  C  CA  . GLU B 1 52 ? -4.507  4.193   14.250  1.00 30.00 ? 47  GLU B CA  1 
ATOM   795  C  C   . GLU B 1 52 ? -3.712  4.501   15.519  1.00 30.00 ? 47  GLU B C   1 
ATOM   796  O  O   . GLU B 1 52 ? -4.173  5.271   16.359  1.00 30.00 ? 47  GLU B O   1 
ATOM   797  C  CB  . GLU B 1 52 ? -3.903  4.851   13.014  1.00 20.00 ? 47  GLU B CB  1 
ATOM   798  C  CG  . GLU B 1 52 ? -2.551  4.359   12.638  1.00 20.00 ? 47  GLU B CG  1 
ATOM   799  C  CD  . GLU B 1 52 ? -2.045  5.131   11.470  1.00 20.00 ? 47  GLU B CD  1 
ATOM   800  O  OE1 . GLU B 1 52 ? -2.893  5.516   10.638  1.00 20.00 ? 47  GLU B OE1 1 
ATOM   801  O  OE2 . GLU B 1 52 ? -0.833  5.366   11.387  1.00 20.00 ? 47  GLU B OE2 1 
ATOM   802  N  N   . ASP B 1 53 ? -2.531  3.903   15.646  1.00 30.00 ? 48  ASP B N   1 
ATOM   803  C  CA  . ASP B 1 53 ? -1.683  4.121   16.812  1.00 30.00 ? 48  ASP B CA  1 
ATOM   804  C  C   . ASP B 1 53 ? -2.370  5.023   17.832  1.00 30.00 ? 48  ASP B C   1 
ATOM   805  O  O   . ASP B 1 53 ? -1.713  5.772   18.556  1.00 30.00 ? 48  ASP B O   1 
ATOM   806  C  CB  . ASP B 1 53 ? -0.343  4.727   16.393  1.00 20.00 ? 48  ASP B CB  1 
ATOM   807  C  CG  . ASP B 1 53 ? -0.358  6.243   16.406  1.00 20.00 ? 48  ASP B CG  1 
ATOM   808  O  OD1 . ASP B 1 53 ? -1.351  6.833   15.930  1.00 20.00 ? 48  ASP B OD1 1 
ATOM   809  O  OD2 . ASP B 1 53 ? 0.622   6.844   16.892  1.00 20.00 ? 48  ASP B OD2 1 
ATOM   810  N  N   . ALA C 2 1  ? 3.768   -3.560  -12.719 0.79 29.42 ? 92  ALA C N   1 
ATOM   811  C  CA  . ALA C 2 1  ? 4.756   -3.160  -11.720 0.84 27.97 ? 92  ALA C CA  1 
ATOM   812  C  C   . ALA C 2 1  ? 4.246   -3.533  -10.340 0.87 26.37 ? 92  ALA C C   1 
ATOM   813  O  O   . ALA C 2 1  ? 3.044   -3.652  -10.134 0.56 25.56 ? 92  ALA C O   1 
ATOM   814  C  CB  . ALA C 2 1  ? 5.011   -1.663  -11.795 1.00 26.95 ? 92  ALA C CB  1 
ATOM   815  N  N   . ARG C 2 2  ? 5.161   -3.706  -9.396  1.00 25.48 ? 93  ARG C N   1 
ATOM   816  C  CA  . ARG C 2 2  ? 4.775   -4.008  -8.030  1.00 25.12 ? 93  ARG C CA  1 
ATOM   817  C  C   . ARG C 2 2  ? 4.644   -2.706  -7.264  0.64 22.27 ? 93  ARG C C   1 
ATOM   818  O  O   . ARG C 2 2  ? 5.626   -1.984  -7.102  0.90 20.84 ? 93  ARG C O   1 
ATOM   819  C  CB  . ARG C 2 2  ? 5.817   -4.904  -7.368  0.87 24.97 ? 93  ARG C CB  1 
ATOM   820  C  CG  . ARG C 2 2  ? 5.430   -5.312  -5.972  0.80 24.23 ? 93  ARG C CG  1 
ATOM   821  C  CD  . ARG C 2 2  ? 6.586   -5.925  -5.227  0.87 23.65 ? 93  ARG C CD  1 
ATOM   822  N  NE  . ARG C 2 2  ? 6.106   -6.627  -4.048  0.67 27.40 ? 93  ARG C NE  1 
ATOM   823  C  CZ  . ARG C 2 2  ? 6.887   -7.191  -3.139  0.84 27.64 ? 93  ARG C CZ  1 
ATOM   824  N  NH1 . ARG C 2 2  ? 8.211   -7.138  -3.257  0.71 26.45 ? 93  ARG C NH1 1 
ATOM   825  N  NH2 . ARG C 2 2  ? 6.335   -7.813  -2.111  0.81 27.30 ? 93  ARG C NH2 1 
ATOM   826  N  N   . THR C 2 3  ? 3.436   -2.397  -6.799  1.00 22.35 ? 94  THR C N   1 
ATOM   827  C  CA  . THR C 2 3  ? 3.225   -1.159  -6.055  1.00 20.17 ? 94  THR C CA  1 
ATOM   828  C  C   . THR C 2 3  ? 2.629   -1.407  -4.669  0.93 22.50 ? 94  THR C C   1 
ATOM   829  O  O   . THR C 2 3  ? 1.995   -2.442  -4.423  0.74 22.76 ? 94  THR C O   1 
ATOM   830  C  CB  . THR C 2 3  ? 2.330   -0.175  -6.832  0.79 24.19 ? 94  THR C CB  1 
ATOM   831  O  OG1 . THR C 2 3  ? 1.053   -0.783  -7.087  0.72 24.44 ? 94  THR C OG1 1 
ATOM   832  C  CG2 . THR C 2 3  ? 2.989   0.234   -8.170  1.00 20.43 ? 94  THR C CG2 1 
ATOM   833  N  N   . LYS C 2 4  ? 2.868   -0.459  -3.768  0.92 20.72 ? 95  LYS C N   1 
ATOM   834  C  CA  . LYS C 2 4  ? 2.275   -0.456  -2.436  0.89 23.46 ? 95  LYS C CA  1 
ATOM   835  C  C   . LYS C 2 4  ? 1.992   0.974   -2.003  1.00 22.36 ? 95  LYS C C   1 
ATOM   836  O  O   . LYS C 2 4  ? 2.716   1.906   -2.362  0.87 21.72 ? 95  LYS C O   1 
ATOM   837  C  CB  . LYS C 2 4  ? 3.193   -1.143  -1.416  0.94 22.74 ? 95  LYS C CB  1 
ATOM   838  C  CG  . LYS C 2 4  ? 3.187   -2.674  -1.480  0.98 23.48 ? 95  LYS C CG  1 
ATOM   839  C  CD  . LYS C 2 4  ? 3.999   -3.288  -0.340  0.90 26.19 ? 95  LYS C CD  1 
ATOM   840  C  CE  . LYS C 2 4  ? 4.111   -4.808  -0.489  0.80 28.22 ? 95  LYS C CE  1 
ATOM   841  N  NZ  . LYS C 2 4  ? 2.779   -5.479  -0.452  0.61 31.64 ? 95  LYS C NZ  1 
ATOM   842  N  N   . GLN C 2 5  ? 0.916   1.152   -1.245  1.00 20.34 ? 96  GLN C N   1 
ATOM   843  C  CA  . GLN C 2 5  ? 0.574   2.463   -0.718  1.00 23.18 ? 96  GLN C CA  1 
ATOM   844  C  C   . GLN C 2 5  ? 0.906   2.533   0.766   0.73 23.65 ? 96  GLN C C   1 
ATOM   845  O  O   . GLN C 2 5  ? 0.623   1.596   1.510   0.91 23.84 ? 96  GLN C O   1 
ATOM   846  C  CB  . GLN C 2 5  ? -0.924  2.717   -0.883  0.95 24.42 ? 96  GLN C CB  1 
ATOM   847  C  CG  . GLN C 2 5  ? -1.463  2.433   -2.284  0.85 26.33 ? 96  GLN C CG  1 
ATOM   848  C  CD  . GLN C 2 5  ? -0.776  3.262   -3.335  0.32 25.25 ? 96  GLN C CD  1 
ATOM   849  O  OE1 . GLN C 2 5  ? -0.119  2.725   -4.228  0.55 22.68 ? 96  GLN C OE1 1 
ATOM   850  N  NE2 . GLN C 2 5  ? -0.916  4.582   -3.235  0.82 25.86 ? 96  GLN C NE2 1 
ATOM   851  N  N   . THR C 2 6  ? 1.500   3.638   1.199   1.00 23.25 ? 97  THR C N   1 
ATOM   852  C  CA  . THR C 2 6  ? 1.730   3.871   2.624   1.00 22.77 ? 97  THR C CA  1 
ATOM   853  C  C   . THR C 2 6  ? 0.940   5.102   3.030   0.81 26.56 ? 97  THR C C   1 
ATOM   854  O  O   . THR C 2 6  ? 0.660   5.964   2.202   1.00 24.77 ? 97  THR C O   1 
ATOM   855  C  CB  . THR C 2 6  ? 3.225   4.080   2.966   0.97 24.43 ? 97  THR C CB  1 
ATOM   856  O  OG1 . THR C 2 6  ? 3.718   5.251   2.293   0.90 23.64 ? 97  THR C OG1 1 
ATOM   857  C  CG2 . THR C 2 6  ? 4.061   2.848   2.574   1.00 22.64 ? 97  THR C CG2 1 
ATOM   858  N  N   . ALA C 2 7  ? 0.560   5.199   4.298   0.81 25.73 ? 98  ALA C N   1 
ATOM   859  C  CA  . ALA C 2 7  ? -0.294  6.316   4.683   0.94 30.08 ? 98  ALA C CA  1 
ATOM   860  C  C   . ALA C 2 7  ? 0.538   7.519   5.079   0.56 31.06 ? 98  ALA C C   1 
ATOM   861  O  O   . ALA C 2 7  ? 0.845   7.717   6.254   0.56 33.75 ? 98  ALA C O   1 
ATOM   862  C  CB  . ALA C 2 7  ? -1.245  5.927   5.786   0.40 28.50 ? 98  ALA C CB  1 
ATOM   863  N  N   . ARG C 2 8  ? 0.903   8.310   4.079   0.20 30.01 ? 99  ARG C N   1 
ATOM   864  C  CA  . ARG C 2 8  ? 1.681   9.519   4.274   0.31 30.54 ? 99  ARG C CA  1 
ATOM   865  C  C   . ARG C 2 8  ? 0.845   10.589  4.962   0.29 32.18 ? 99  ARG C C   1 
ATOM   866  O  O   . ARG C 2 8  ? 0.839   10.695  6.187   0.51 31.92 ? 99  ARG C O   1 
ATOM   867  C  CB  . ARG C 2 8  ? 2.144   10.042  2.916   0.95 30.78 ? 99  ARG C CB  1 
ATOM   868  C  CG  . ARG C 2 8  ? 0.971   10.509  2.047   0.63 30.90 ? 99  ARG C CG  1 
ATOM   869  C  CD  . ARG C 2 8  ? 1.367   11.133  0.698   0.57 29.80 ? 99  ARG C CD  1 
ATOM   870  N  NE  . ARG C 2 8  ? 0.179   11.684  0.055   0.28 29.19 ? 99  ARG C NE  1 
ATOM   871  C  CZ  . ARG C 2 8  ? -0.334  11.230  -1.087  0.44 28.88 ? 99  ARG C CZ  1 
ATOM   872  N  NH1 . ARG C 2 8  ? 0.269   10.245  -1.748  0.20 29.26 ? 99  ARG C NH1 1 
ATOM   873  N  NH2 . ARG C 2 8  ? -1.435  11.777  -1.598  0.59 27.00 ? 99  ARG C NH2 1 
ATOM   874  N  N   . ALA D 2 1  ? -8.295  -4.486  -4.371  0.79 27.54 ? 92  ALA D N   1 
ATOM   875  C  CA  . ALA D 2 1  ? -8.814  -3.692  -3.260  1.00 27.02 ? 92  ALA D CA  1 
ATOM   876  C  C   . ALA D 2 1  ? -7.903  -2.507  -2.999  0.79 26.50 ? 92  ALA D C   1 
ATOM   877  O  O   . ALA D 2 1  ? -6.728  -2.512  -3.392  0.76 26.29 ? 92  ALA D O   1 
ATOM   878  C  CB  . ALA D 2 1  ? -8.932  -4.548  -2.006  0.90 27.38 ? 92  ALA D CB  1 
ATOM   879  N  N   . ARG D 2 2  ? -8.441  -1.487  -2.343  1.00 22.64 ? 93  ARG D N   1 
ATOM   880  C  CA  . ARG D 2 2  ? -7.638  -0.336  -1.962  0.96 23.16 ? 93  ARG D CA  1 
ATOM   881  C  C   . ARG D 2 2  ? -7.019  -0.569  -0.597  0.60 21.87 ? 93  ARG D C   1 
ATOM   882  O  O   . ARG D 2 2  ? -7.724  -0.615  0.415   0.88 21.73 ? 93  ARG D O   1 
ATOM   883  C  CB  . ARG D 2 2  ? -8.472  0.945   -1.935  1.00 23.55 ? 93  ARG D CB  1 
ATOM   884  C  CG  . ARG D 2 2  ? -7.629  2.172   -1.607  0.91 22.81 ? 93  ARG D CG  1 
ATOM   885  C  CD  . ARG D 2 2  ? -8.476  3.416   -1.410  0.91 23.32 ? 93  ARG D CD  1 
ATOM   886  N  NE  . ARG D 2 2  ? -7.661  4.627   -1.312  0.72 23.52 ? 93  ARG D NE  1 
ATOM   887  C  CZ  . ARG D 2 2  ? -8.142  5.829   -1.006  0.54 23.18 ? 93  ARG D CZ  1 
ATOM   888  N  NH1 . ARG D 2 2  ? -9.434  5.981   -0.762  1.00 24.58 1 93  ARG D NH1 1 
ATOM   889  N  NH2 . ARG D 2 2  ? -7.332  6.877   -0.938  0.61 24.22 ? 93  ARG D NH2 1 
ATOM   890  N  N   . THR D 2 3  ? -5.699  -0.704  -0.575  0.98 20.41 ? 94  THR D N   1 
ATOM   891  C  CA  . THR D 2 3  ? -4.966  -0.958  0.657   1.00 20.31 ? 94  THR D CA  1 
ATOM   892  C  C   . THR D 2 3  ? -3.925  0.125   0.899   0.91 23.70 ? 94  THR D C   1 
ATOM   893  O  O   . THR D 2 3  ? -3.523  0.837   -0.015  1.00 23.65 ? 94  THR D O   1 
ATOM   894  C  CB  . THR D 2 3  ? -4.286  -2.330  0.624   0.74 24.67 ? 94  THR D CB  1 
ATOM   895  O  OG1 . THR D 2 3  ? -3.344  -2.366  -0.457  0.66 24.82 ? 94  THR D OG1 1 
ATOM   896  C  CG2 . THR D 2 3  ? -5.321  -3.427  0.413   1.00 23.74 ? 94  THR D CG2 1 
ATOM   897  N  N   . LYS D 2 4  ? -3.519  0.269   2.151   0.98 22.62 ? 95  LYS D N   1 
ATOM   898  C  CA  . LYS D 2 4  ? -2.407  1.138   2.479   0.81 23.07 ? 95  LYS D CA  1 
ATOM   899  C  C   . LYS D 2 4  ? -1.808  0.648   3.775   0.91 22.95 ? 95  LYS D C   1 
ATOM   900  O  O   . LYS D 2 4  ? -2.487  0.008   4.580   0.91 22.63 ? 95  LYS D O   1 
ATOM   901  C  CB  . LYS D 2 4  ? -2.836  2.603   2.570   0.99 25.65 ? 95  LYS D CB  1 
ATOM   902  C  CG  . LYS D 2 4  ? -3.786  2.930   3.709   0.84 26.35 ? 95  LYS D CG  1 
ATOM   903  C  CD  . LYS D 2 4  ? -4.205  4.395   3.616   0.67 25.53 ? 95  LYS D CD  1 
ATOM   904  C  CE  . LYS D 2 4  ? -4.915  4.861   4.874   0.33 25.00 ? 95  LYS D CE  1 
ATOM   905  N  NZ  . LYS D 2 4  ? -5.262  6.316   4.800   0.39 26.07 ? 95  LYS D NZ  1 
ATOM   906  N  N   . GLN D 2 5  ? -0.525  0.912   3.971   1.00 21.62 ? 96  GLN D N   1 
ATOM   907  C  CA  . GLN D 2 5  ? 0.107   0.469   5.211   0.96 22.80 ? 96  GLN D CA  1 
ATOM   908  C  C   . GLN D 2 5  ? 0.700   1.607   6.035   0.84 25.13 ? 96  GLN D C   1 
ATOM   909  O  O   . GLN D 2 5  ? 1.193   2.605   5.494   0.94 26.48 ? 96  GLN D O   1 
ATOM   910  C  CB  . GLN D 2 5  ? 1.119   -0.657  4.967   0.98 24.45 ? 96  GLN D CB  1 
ATOM   911  C  CG  . GLN D 2 5  ? 2.198   -0.354  3.951   0.74 23.62 ? 96  GLN D CG  1 
ATOM   912  C  CD  . GLN D 2 5  ? 2.885   -1.621  3.466   0.77 25.22 ? 96  GLN D CD  1 
ATOM   913  O  OE1 . GLN D 2 5  ? 2.327   -2.373  2.657   0.66 24.54 ? 96  GLN D OE1 1 
ATOM   914  N  NE2 . GLN D 2 5  ? 4.086   -1.880  3.977   0.97 25.91 ? 96  GLN D NE2 1 
ATOM   915  N  N   . THR D 2 6  ? 0.602   1.454   7.352   1.00 24.82 ? 97  THR D N   1 
ATOM   916  C  CA  . THR D 2 6  ? 0.999   2.491   8.308   1.00 26.22 ? 97  THR D CA  1 
ATOM   917  C  C   . THR D 2 6  ? 2.075   1.892   9.204   1.00 25.34 ? 97  THR D C   1 
ATOM   918  O  O   . THR D 2 6  ? 2.016   0.712   9.512   0.99 26.03 ? 97  THR D O   1 
ATOM   919  C  CB  . THR D 2 6  ? -0.207  2.951   9.175   0.96 26.34 ? 97  THR D CB  1 
ATOM   920  O  OG1 . THR D 2 6  ? -0.716  1.844   9.927   0.81 25.65 ? 97  THR D OG1 1 
ATOM   921  C  CG2 . THR D 2 6  ? -1.341  3.503   8.310   0.81 26.68 ? 97  THR D CG2 1 
ATOM   922  N  N   . ALA D 2 7  ? 3.062   2.685   9.619   0.48 28.55 ? 98  ALA D N   1 
ATOM   923  C  CA  . ALA D 2 7  ? 4.126   2.157   10.479  1.00 29.66 ? 98  ALA D CA  1 
ATOM   924  C  C   . ALA D 2 7  ? 3.559   1.716   11.832  0.78 30.13 ? 98  ALA D C   1 
ATOM   925  O  O   . ALA D 2 7  ? 2.608   2.326   12.339  0.73 32.07 ? 98  ALA D O   1 
ATOM   926  C  CB  . ALA D 2 7  ? 5.235   3.191   10.663  0.79 29.34 ? 98  ALA D CB  1 
ATOM   927  N  N   . ARG D 2 8  ? 4.114   0.652   12.412  0.70 29.63 ? 99  ARG D N   1 
ATOM   928  C  CA  . ARG D 2 8  ? 3.654   0.206   13.731  0.64 31.79 ? 99  ARG D CA  1 
ATOM   929  C  C   . ARG D 2 8  ? 4.419   0.887   14.863  0.42 34.41 ? 99  ARG D C   1 
ATOM   930  O  O   . ARG D 2 8  ? 3.870   1.737   15.566  0.42 34.88 ? 99  ARG D O   1 
ATOM   931  C  CB  . ARG D 2 8  ? 3.725   -1.321  13.884  0.89 29.53 ? 99  ARG D CB  1 
ATOM   932  C  CG  . ARG D 2 8  ? 2.456   -2.068  13.460  1.00 31.24 ? 99  ARG D CG  1 
ATOM   933  C  CD  . ARG D 2 8  ? 2.529   -3.540  13.859  0.87 32.25 ? 99  ARG D CD  1 
ATOM   934  N  NE  . ARG D 2 8  ? 1.391   -4.332  13.398  0.40 28.89 ? 99  ARG D NE  1 
ATOM   935  C  CZ  . ARG D 2 8  ? 1.405   -5.109  12.318  0.98 27.83 ? 99  ARG D CZ  1 
ATOM   936  N  NH1 . ARG D 2 8  ? 2.495   -5.200  11.567  0.82 26.20 1 99  ARG D NH1 1 
ATOM   937  N  NH2 . ARG D 2 8  ? 0.324   -5.802  11.980  0.97 25.60 ? 99  ARG D NH2 1 
HETATM 938  ZN ZN  . ZN  E 3 .  ? 16.712  0.399   -9.081  0.69 17.87 ? 501 ZN  A ZN  1 
HETATM 939  ZN ZN  . ZN  F 3 .  ? -18.026 -1.391  5.345   0.73 19.13 ? 100 ZN  B ZN  1 
HETATM 940  O  O   . HOH G 4 .  ? 9.939   -1.596  -17.919 1.00 35.99 ? 601 HOH A O   1 
HETATM 941  O  O   . HOH G 4 .  ? 13.614  1.624   -17.113 1.00 26.89 ? 602 HOH A O   1 
HETATM 942  O  O   . HOH G 4 .  ? 12.669  13.321  -1.745  1.00 37.03 ? 603 HOH A O   1 
HETATM 943  O  O   . HOH G 4 .  ? 12.342  14.651  -5.286  1.00 34.41 ? 604 HOH A O   1 
HETATM 944  O  O   . HOH G 4 .  ? 10.364  11.807  -3.323  1.00 27.59 ? 605 HOH A O   1 
HETATM 945  O  O   . HOH G 4 .  ? 2.916   5.289   6.379   1.00 36.37 ? 606 HOH A O   1 
HETATM 946  O  O   . HOH G 4 .  ? 22.762  2.904   -2.787  1.00 30.93 ? 607 HOH A O   1 
HETATM 947  O  O   . HOH G 4 .  ? 1.657   8.455   -4.746  1.00 26.12 ? 608 HOH A O   1 
HETATM 948  O  O   . HOH G 4 .  ? 11.659  7.731   -3.896  1.00 19.60 ? 609 HOH A O   1 
HETATM 949  O  O   . HOH G 4 .  ? 19.412  -2.120  -3.849  1.00 25.06 ? 610 HOH A O   1 
HETATM 950  O  O   . HOH G 4 .  ? 0.637   6.552   -8.257  1.00 29.76 ? 611 HOH A O   1 
HETATM 951  O  O   . HOH G 4 .  ? 10.259  11.228  -6.011  1.00 27.10 ? 612 HOH A O   1 
HETATM 952  O  O   . HOH G 4 .  ? 7.886   -3.415  -9.940  1.00 27.17 ? 613 HOH A O   1 
HETATM 953  O  O   . HOH G 4 .  ? 8.400   9.580   -9.076  1.00 26.17 ? 614 HOH A O   1 
HETATM 954  O  O   . HOH G 4 .  ? 11.810  -0.901  2.482   1.00 31.66 ? 615 HOH A O   1 
HETATM 955  O  O   . HOH G 4 .  ? 9.987   10.275  3.077   1.00 34.88 ? 616 HOH A O   1 
HETATM 956  O  O   . HOH G 4 .  ? 17.331  7.215   2.855   1.00 28.82 ? 617 HOH A O   1 
HETATM 957  O  O   . HOH G 4 .  ? 7.622   5.663   -14.472 1.00 26.50 ? 618 HOH A O   1 
HETATM 958  O  O   . HOH G 4 .  ? 13.246  5.748   -2.818  1.00 18.62 ? 619 HOH A O   1 
HETATM 959  O  O   . HOH G 4 .  ? 10.894  8.435   -6.498  1.00 20.41 ? 620 HOH A O   1 
HETATM 960  O  O   . HOH G 4 .  ? 9.595   13.964  -15.445 1.00 36.62 ? 621 HOH A O   1 
HETATM 961  O  O   . HOH G 4 .  ? 5.652   10.442  1.335   1.00 33.67 ? 622 HOH A O   1 
HETATM 962  O  O   . HOH G 4 .  ? -0.970  5.396   -7.653  1.00 36.18 ? 623 HOH A O   1 
HETATM 963  O  O   . HOH G 4 .  ? 7.707   -6.874  -11.607 1.00 32.69 ? 624 HOH A O   1 
HETATM 964  O  O   . HOH G 4 .  ? 4.530   -4.115  -19.513 1.00 36.40 ? 625 HOH A O   1 
HETATM 965  O  O   . HOH G 4 .  ? 18.973  11.861  -13.176 1.00 37.33 ? 626 HOH A O   1 
HETATM 966  O  O   . HOH G 4 .  ? 19.066  -5.766  -5.378  1.00 33.34 ? 627 HOH A O   1 
HETATM 967  O  O   . HOH G 4 .  ? 11.864  -5.755  -18.486 1.00 38.52 ? 628 HOH A O   1 
HETATM 968  O  O   . HOH G 4 .  ? 13.743  -2.769  -0.606  1.00 26.05 ? 629 HOH A O   1 
HETATM 969  O  O   . HOH G 4 .  ? 18.569  2.116   0.284   1.00 28.83 ? 630 HOH A O   1 
HETATM 970  O  O   . HOH G 4 .  ? 7.300   -4.626  -18.542 1.00 32.64 ? 631 HOH A O   1 
HETATM 971  O  O   . HOH G 4 .  ? 17.425  15.756  -2.505  1.00 24.42 ? 632 HOH A O   1 
HETATM 972  O  O   . HOH G 4 .  ? -1.074  3.304   -15.280 1.00 40.88 ? 633 HOH A O   1 
HETATM 973  O  O   . HOH G 4 .  ? 15.160  4.135   3.756   1.00 37.64 ? 634 HOH A O   1 
HETATM 974  O  O   . HOH G 4 .  ? 9.363   8.960   -16.396 1.00 32.69 ? 635 HOH A O   1 
HETATM 975  O  O   . HOH G 4 .  ? 11.471  -4.073  0.775   1.00 24.88 ? 636 HOH A O   1 
HETATM 976  O  O   . HOH G 4 .  ? 9.087   -6.403  -7.940  1.00 30.87 ? 637 HOH A O   1 
HETATM 977  O  O   . HOH G 4 .  ? 19.214  9.709   -10.450 1.00 28.87 ? 638 HOH A O   1 
HETATM 978  O  O   . HOH G 4 .  ? 20.301  3.009   -12.654 1.00 29.43 ? 639 HOH A O   1 
HETATM 979  O  O   . HOH G 4 .  ? 10.467  -8.479  -5.759  1.00 32.78 ? 640 HOH A O   1 
HETATM 980  O  O   . HOH G 4 .  ? 15.739  -7.717  -13.050 1.00 37.88 ? 641 HOH A O   1 
HETATM 981  O  O   . HOH G 4 .  ? -2.314  6.958   -6.501  1.00 31.07 ? 642 HOH A O   1 
HETATM 982  O  O   . HOH G 4 .  ? -1.705  4.930   -9.658  1.00 41.63 ? 643 HOH A O   1 
HETATM 983  O  O   . HOH G 4 .  ? -3.682  6.699   -14.642 1.00 39.75 ? 644 HOH A O   1 
HETATM 984  O  O   . HOH G 4 .  ? 5.850   11.324  -4.415  1.00 33.25 ? 645 HOH A O   1 
HETATM 985  O  O   . HOH G 4 .  ? 1.301   -3.937  -15.727 1.00 38.22 ? 646 HOH A O   1 
HETATM 986  O  O   . HOH G 4 .  ? 14.024  -7.923  -14.140 1.00 38.62 ? 647 HOH A O   1 
HETATM 987  O  O   . HOH G 4 .  ? 4.086   11.893  -4.523  1.00 35.61 ? 648 HOH A O   1 
HETATM 988  O  O   . HOH G 4 .  ? 13.468  14.796  -2.991  1.00 37.47 ? 649 HOH A O   1 
HETATM 989  O  O   . HOH G 4 .  ? 20.042  4.516   -14.852 1.00 37.16 ? 650 HOH A O   1 
HETATM 990  O  O   . HOH G 4 .  ? 18.234  3.399   3.039   1.00 38.14 ? 651 HOH A O   1 
HETATM 991  O  O   . HOH G 4 .  ? 7.656   11.378  -7.006  1.00 34.14 ? 652 HOH A O   1 
HETATM 992  O  O   . HOH G 4 .  ? 13.807  -8.598  -18.412 1.00 46.19 ? 653 HOH A O   1 
HETATM 993  O  O   . HOH G 4 .  ? -0.229  3.818   -9.136  1.00 39.31 ? 654 HOH A O   1 
HETATM 994  O  O   . HOH G 4 .  ? 9.518   11.231  -17.367 1.00 36.21 ? 655 HOH A O   1 
HETATM 995  O  O   . HOH G 4 .  ? 8.689   -6.925  -19.442 1.00 37.01 ? 656 HOH A O   1 
HETATM 996  O  O   . HOH G 4 .  ? 12.950  2.680   6.753   1.00 36.46 ? 657 HOH A O   1 
HETATM 997  O  O   . HOH H 4 .  ? -1.281  5.144   16.343  1.00 51.12 ? 201 HOH B O   1 
HETATM 998  O  O   . HOH H 4 .  ? -13.731 -10.824 15.842  1.00 33.22 ? 202 HOH B O   1 
HETATM 999  O  O   . HOH H 4 .  ? -15.474 -8.325  -3.305  1.00 33.24 ? 203 HOH B O   1 
HETATM 1000 O  O   . HOH H 4 .  ? -18.524 -5.570  -5.942  1.00 34.33 ? 204 HOH B O   1 
HETATM 1001 O  O   . HOH H 4 .  ? 3.219   -5.263  7.029   1.00 35.12 ? 205 HOH B O   1 
HETATM 1002 O  O   . HOH H 4 .  ? -15.326 -8.294  0.125   1.00 32.27 ? 206 HOH B O   1 
HETATM 1003 O  O   . HOH H 4 .  ? -0.992  -6.001  8.104   1.00 25.14 ? 207 HOH B O   1 
HETATM 1004 O  O   . HOH H 4 .  ? 3.299   -11.553 -2.886  1.00 36.23 ? 208 HOH B O   1 
HETATM 1005 O  O   . HOH H 4 .  ? -9.913  -8.181  16.703  1.00 35.45 ? 209 HOH B O   1 
HETATM 1006 O  O   . HOH H 4 .  ? 10.440  -1.846  11.540  1.00 38.44 ? 210 HOH B O   1 
HETATM 1007 O  O   . HOH H 4 .  ? -9.062  -6.835  12.855  1.00 27.06 ? 211 HOH B O   1 
HETATM 1008 O  O   . HOH H 4 .  ? -7.766  -4.597  -8.333  1.00 43.10 ? 212 HOH B O   1 
HETATM 1009 O  O   . HOH H 4 .  ? -11.140 -1.709  -1.255  1.00 25.24 ? 213 HOH B O   1 
HETATM 1010 O  O   . HOH H 4 .  ? -17.110 -16.269 11.605  1.00 38.37 ? 214 HOH B O   1 
HETATM 1011 O  O   . HOH H 4 .  ? -20.703 3.170   12.618  1.00 34.61 ? 215 HOH B O   1 
HETATM 1012 O  O   . HOH H 4 .  ? -8.112  4.482   11.360  1.00 35.89 ? 216 HOH B O   1 
HETATM 1013 O  O   . HOH H 4 .  ? -18.727 -7.727  12.818  1.00 31.34 ? 217 HOH B O   1 
HETATM 1014 O  O   . HOH H 4 .  ? 1.211   -14.508 3.599   1.00 28.21 ? 218 HOH B O   1 
HETATM 1015 O  O   . HOH H 4 .  ? -12.972 3.528   17.053  1.00 28.64 ? 219 HOH B O   1 
HETATM 1016 O  O   . HOH H 4 .  ? -7.900  -5.249  14.603  1.00 27.81 ? 220 HOH B O   1 
HETATM 1017 O  O   . HOH H 4 .  ? -19.884 -11.883 6.022   1.00 21.76 ? 221 HOH B O   1 
HETATM 1018 O  O   . HOH H 4 .  ? 6.593   -0.103  10.659  1.00 27.81 ? 222 HOH B O   1 
HETATM 1019 O  O   . HOH H 4 .  ? -11.729 -1.438  -4.731  1.00 34.29 ? 223 HOH B O   1 
HETATM 1020 O  O   . HOH H 4 .  ? -8.727  -8.426  9.311   1.00 24.51 ? 224 HOH B O   1 
HETATM 1021 O  O   . HOH H 4 .  ? -13.253 -5.738  20.910  1.00 23.72 ? 225 HOH B O   1 
HETATM 1022 O  O   . HOH H 4 .  ? -22.194 0.128   15.430  1.00 32.59 ? 226 HOH B O   1 
HETATM 1023 O  O   . HOH H 4 .  ? -17.749 -9.019  0.942   1.00 29.93 ? 227 HOH B O   1 
HETATM 1024 O  O   . HOH H 4 .  ? 10.848  -4.960  6.104   1.00 27.77 ? 228 HOH B O   1 
HETATM 1025 O  O   . HOH H 4 .  ? -14.191 -0.169  16.507  1.00 23.40 ? 229 HOH B O   1 
HETATM 1026 O  O   . HOH H 4 .  ? -9.995  -2.847  11.773  1.00 17.94 ? 230 HOH B O   1 
HETATM 1027 O  O   . HOH H 4 .  ? -1.741  -7.563  4.510   1.00 26.35 ? 231 HOH B O   1 
HETATM 1028 O  O   . HOH H 4 .  ? -1.872  -2.026  14.529  1.00 34.46 ? 232 HOH B O   1 
HETATM 1029 O  O   . HOH H 4 .  ? -11.493 -0.484  11.495  1.00 18.43 ? 233 HOH B O   1 
HETATM 1030 O  O   . HOH H 4 .  ? -10.176 -5.579  10.803  1.00 20.69 ? 234 HOH B O   1 
HETATM 1031 O  O   . HOH H 4 .  ? -12.355 4.016   -2.481  1.00 33.31 ? 235 HOH B O   1 
HETATM 1032 O  O   . HOH H 4 .  ? -11.852 -9.396  -7.803  1.00 28.41 ? 236 HOH B O   1 
HETATM 1033 O  O   . HOH H 4 .  ? -21.045 4.868   2.245   1.00 36.52 ? 237 HOH B O   1 
HETATM 1034 O  O   . HOH H 4 .  ? -2.345  -6.633  2.011   1.00 36.48 ? 238 HOH B O   1 
HETATM 1035 O  O   . HOH H 4 .  ? 10.190  -3.432  9.330   1.00 34.11 ? 239 HOH B O   1 
HETATM 1036 O  O   . HOH H 4 .  ? 10.927  -3.557  3.063   1.00 30.87 ? 240 HOH B O   1 
HETATM 1037 O  O   . HOH H 4 .  ? -10.785 -8.453  21.073  1.00 32.31 ? 241 HOH B O   1 
HETATM 1038 O  O   . HOH H 4 .  ? -19.484 -11.141 12.950  1.00 40.30 ? 242 HOH B O   1 
HETATM 1039 O  O   . HOH H 4 .  ? -10.630 -10.514 3.371   1.00 25.75 ? 243 HOH B O   1 
HETATM 1040 O  O   . HOH H 4 .  ? -19.396 6.530   4.083   1.00 33.06 ? 244 HOH B O   1 
HETATM 1041 O  O   . HOH H 4 .  ? -14.290 -7.734  -6.725  1.00 26.06 ? 245 HOH B O   1 
HETATM 1042 O  O   . HOH H 4 .  ? -21.806 -8.133  6.863   1.00 33.92 ? 246 HOH B O   1 
HETATM 1043 O  O   . HOH H 4 .  ? -22.111 -5.020  6.703   1.00 30.65 ? 247 HOH B O   1 
HETATM 1044 O  O   . HOH H 4 .  ? -11.507 -11.885 16.484  1.00 35.68 ? 248 HOH B O   1 
HETATM 1045 O  O   . HOH H 4 .  ? -16.346 5.074   12.504  1.00 29.60 ? 249 HOH B O   1 
HETATM 1046 O  O   . HOH H 4 .  ? -20.846 -2.332  -4.919  1.00 42.41 ? 250 HOH B O   1 
HETATM 1047 O  O   . HOH H 4 .  ? -11.523 1.847   -4.022  1.00 34.49 ? 251 HOH B O   1 
HETATM 1048 O  O   . HOH H 4 .  ? -12.335 -13.781 5.359   1.00 29.77 ? 252 HOH B O   1 
HETATM 1049 O  O   . HOH H 4 .  ? 1.754   -7.139  4.867   1.00 27.03 ? 253 HOH B O   1 
HETATM 1050 O  O   . HOH H 4 .  ? -23.544 -3.764  7.208   1.00 34.00 ? 254 HOH B O   1 
HETATM 1051 O  O   . HOH H 4 .  ? -15.498 1.252   -5.357  1.00 36.69 ? 255 HOH B O   1 
HETATM 1052 O  O   . HOH H 4 .  ? 11.443  3.194   5.302   1.00 33.49 ? 256 HOH B O   1 
HETATM 1053 O  O   . HOH H 4 .  ? -14.253 5.977   14.088  1.00 34.26 ? 257 HOH B O   1 
HETATM 1054 O  O   . HOH H 4 .  ? -20.793 -3.925  -7.332  1.00 44.33 ? 258 HOH B O   1 
HETATM 1055 O  O   . HOH H 4 .  ? -12.610 -0.318  -7.807  1.00 43.22 ? 259 HOH B O   1 
HETATM 1056 O  O   . HOH H 4 .  ? -12.345 0.966   17.734  1.00 31.61 ? 260 HOH B O   1 
HETATM 1057 O  O   . HOH H 4 .  ? -20.912 -11.379 8.423   1.00 28.52 ? 261 HOH B O   1 
HETATM 1058 O  O   . HOH H 4 .  ? -5.629  -14.789 -10.542 1.00 44.43 ? 262 HOH B O   1 
HETATM 1059 O  O   . HOH H 4 .  ? -0.518  -15.897 5.001   1.00 35.68 ? 263 HOH B O   1 
HETATM 1060 O  O   . HOH H 4 .  ? -2.973  -16.959 -9.218  1.00 41.96 ? 264 HOH B O   1 
HETATM 1061 O  O   . HOH H 4 .  ? -12.550 7.214   12.891  1.00 36.00 ? 265 HOH B O   1 
HETATM 1062 O  O   . HOH H 4 .  ? -12.110 -11.556 -6.949  1.00 37.47 ? 266 HOH B O   1 
HETATM 1063 O  O   . HOH H 4 .  ? -10.615 1.607   -8.020  1.00 44.27 ? 267 HOH B O   1 
HETATM 1064 O  O   . HOH I 4 .  ? 1.999   11.577  -2.745  1.00 35.85 ? 101 HOH C O   1 
HETATM 1065 O  O   . HOH I 4 .  ? 0.011   8.519   8.497   1.00 41.83 ? 102 HOH C O   1 
HETATM 1066 O  O   . HOH I 4 .  ? -0.525  -0.208  -5.039  1.00 29.19 ? 103 HOH C O   1 
HETATM 1067 O  O   . HOH I 4 .  ? 3.942   7.454   3.851   1.00 32.51 ? 104 HOH C O   1 
HETATM 1068 O  O   . HOH I 4 .  ? 0.275   -1.871  -9.515  1.00 38.45 ? 105 HOH C O   1 
HETATM 1069 O  O   . HOH I 4 .  ? 3.562   -8.111  -1.214  1.00 32.78 ? 106 HOH C O   1 
HETATM 1070 O  O   . HOH I 4 .  ? 0.078   -4.993  -1.301  1.00 34.89 ? 107 HOH C O   1 
HETATM 1071 O  O   . HOH I 4 .  ? -1.400  3.293   -6.756  1.00 38.44 ? 108 HOH C O   1 
HETATM 1072 O  O   . HOH I 4 .  ? -2.719  14.086  -0.403  1.00 31.65 ? 109 HOH C O   1 
HETATM 1073 O  O   . HOH I 4 .  ? 2.145   -5.312  -3.668  1.00 33.29 ? 110 HOH C O   1 
HETATM 1074 O  O   . HOH I 4 .  ? 1.341   -4.514  -7.379  1.00 35.62 ? 111 HOH C O   1 
HETATM 1075 O  O   . HOH I 4 .  ? -0.491  -3.347  -2.903  1.00 37.32 ? 112 HOH C O   1 
HETATM 1076 O  O   . HOH I 4 .  ? 6.042   8.229   2.948   1.00 35.24 ? 113 HOH C O   1 
HETATM 1077 O  O   . HOH I 4 .  ? -3.656  1.403   -7.126  1.00 44.34 ? 114 HOH C O   1 
HETATM 1078 O  O   . HOH I 4 .  ? -1.242  14.944  6.992   1.00 49.00 ? 115 HOH C O   1 
HETATM 1079 O  O   . HOH J 4 .  ? 0.315   1.820   12.451  1.00 35.08 ? 101 HOH D O   1 
HETATM 1080 O  O   . HOH J 4 .  ? 0.123   -2.299  1.639   1.00 36.63 ? 102 HOH D O   1 
HETATM 1081 O  O   . HOH J 4 .  ? -4.045  -3.907  -2.599  1.00 32.57 ? 103 HOH D O   1 
HETATM 1082 O  O   . HOH J 4 .  ? -8.167  -2.611  -6.372  1.00 37.18 ? 104 HOH D O   1 
HETATM 1083 O  O   . HOH J 4 .  ? -5.736  -5.463  -4.178  1.00 41.30 ? 105 HOH D O   1 
HETATM 1084 O  O   . HOH J 4 .  ? -0.824  -1.249  -0.598  1.00 26.21 ? 106 HOH D O   1 
HETATM 1085 O  O   . HOH J 4 .  ? 1.075   1.520   15.809  1.00 39.80 ? 107 HOH D O   1 
HETATM 1086 O  O   . HOH J 4 .  ? -4.176  -0.276  -3.142  1.00 30.89 ? 108 HOH D O   1 
HETATM 1087 O  O   . HOH J 4 .  ? 2.328   -7.262  14.683  1.00 39.33 ? 109 HOH D O   1 
HETATM 1088 O  O   . HOH J 4 .  ? 5.414   -6.649  13.012  1.00 32.98 ? 110 HOH D O   1 
HETATM 1089 O  O   . HOH J 4 .  ? -9.756  0.416   -5.188  1.00 31.92 ? 111 HOH D O   1 
HETATM 1090 O  O   . HOH J 4 .  ? -7.306  0.401   -6.022  1.00 40.58 ? 112 HOH D O   1 
# 
